data_6KJK
# 
_entry.id   6KJK 
# 
_audit_conform.dict_name       mmcif_pdbx.dic 
_audit_conform.dict_version    5.397 
_audit_conform.dict_location   http://mmcif.pdb.org/dictionaries/ascii/mmcif_pdbx.dic 
# 
loop_
_database_2.database_id 
_database_2.database_code 
_database_2.pdbx_database_accession 
_database_2.pdbx_DOI 
PDB   6KJK         pdb_00006kjk 10.2210/pdb6kjk/pdb 
WWPDB D_1300013126 ?            ?                   
# 
loop_
_pdbx_audit_revision_history.ordinal 
_pdbx_audit_revision_history.data_content_type 
_pdbx_audit_revision_history.major_revision 
_pdbx_audit_revision_history.minor_revision 
_pdbx_audit_revision_history.revision_date 
1 'Structure model' 1 0 2020-07-22 
2 'Structure model' 1 1 2020-12-16 
3 'Structure model' 1 2 2024-10-23 
# 
_pdbx_audit_revision_details.ordinal             1 
_pdbx_audit_revision_details.revision_ordinal    1 
_pdbx_audit_revision_details.data_content_type   'Structure model' 
_pdbx_audit_revision_details.provider            repository 
_pdbx_audit_revision_details.type                'Initial release' 
_pdbx_audit_revision_details.description         ? 
_pdbx_audit_revision_details.details             ? 
# 
loop_
_pdbx_audit_revision_group.ordinal 
_pdbx_audit_revision_group.revision_ordinal 
_pdbx_audit_revision_group.data_content_type 
_pdbx_audit_revision_group.group 
1 2 'Structure model' 'Database references' 
2 3 'Structure model' 'Data collection'     
3 3 'Structure model' 'Database references' 
4 3 'Structure model' 'Structure summary'   
# 
loop_
_pdbx_audit_revision_category.ordinal 
_pdbx_audit_revision_category.revision_ordinal 
_pdbx_audit_revision_category.data_content_type 
_pdbx_audit_revision_category.category 
1 2 'Structure model' citation                  
2 2 'Structure model' citation_author           
3 3 'Structure model' chem_comp_atom            
4 3 'Structure model' chem_comp_bond            
5 3 'Structure model' database_2                
6 3 'Structure model' pdbx_entry_details        
7 3 'Structure model' pdbx_modification_feature 
# 
loop_
_pdbx_audit_revision_item.ordinal 
_pdbx_audit_revision_item.revision_ordinal 
_pdbx_audit_revision_item.data_content_type 
_pdbx_audit_revision_item.item 
1  2 'Structure model' '_citation.country'                   
2  2 'Structure model' '_citation.journal_abbrev'            
3  2 'Structure model' '_citation.journal_id_CSD'            
4  2 'Structure model' '_citation.journal_id_ISSN'           
5  2 'Structure model' '_citation.journal_volume'            
6  2 'Structure model' '_citation.page_first'                
7  2 'Structure model' '_citation.page_last'                 
8  2 'Structure model' '_citation.pdbx_database_id_DOI'      
9  2 'Structure model' '_citation.pdbx_database_id_PubMed'   
10 2 'Structure model' '_citation.title'                     
11 2 'Structure model' '_citation.year'                      
12 2 'Structure model' '_citation_author.identifier_ORCID'   
13 3 'Structure model' '_database_2.pdbx_DOI'                
14 3 'Structure model' '_database_2.pdbx_database_accession' 
# 
_pdbx_database_status.status_code                     REL 
_pdbx_database_status.status_code_sf                  REL 
_pdbx_database_status.status_code_mr                  ? 
_pdbx_database_status.entry_id                        6KJK 
_pdbx_database_status.recvd_initial_deposition_date   2019-07-22 
_pdbx_database_status.SG_entry                        N 
_pdbx_database_status.deposit_site                    PDBJ 
_pdbx_database_status.process_site                    PDBJ 
_pdbx_database_status.status_code_cs                  ? 
_pdbx_database_status.methods_development_category    ? 
_pdbx_database_status.pdb_format_compatible           Y 
_pdbx_database_status.status_code_nmr_data            ? 
# 
loop_
_audit_author.name 
_audit_author.pdbx_ordinal 
_audit_author.identifier_ORCID 
'Handa, Y.'    1 ?                   
'Sato, K.'     2 ?                   
'Shoji, M.'    3 ?                   
'Nakayama, K.' 4 ?                   
'Imada, K.'    5 0000-0003-1342-8885 
# 
_citation.abstract                  ? 
_citation.abstract_id_CAS           ? 
_citation.book_id_ISBN              ? 
_citation.book_publisher            ? 
_citation.book_publisher_city       ? 
_citation.book_title                ? 
_citation.coordinate_linkage        ? 
_citation.country                   UK 
_citation.database_id_Medline       ? 
_citation.details                   ? 
_citation.id                        primary 
_citation.journal_abbrev            'Sci Rep' 
_citation.journal_id_ASTM           ? 
_citation.journal_id_CSD            ? 
_citation.journal_id_ISSN           2045-2322 
_citation.journal_full              ? 
_citation.journal_issue             ? 
_citation.journal_volume            10 
_citation.language                  ? 
_citation.page_first                21109 
_citation.page_last                 21109 
_citation.title                     
'PorA, a conserved C-terminal domain-containing protein, impacts the PorXY-SigP signaling of the type IX secretion system.' 
_citation.year                      2020 
_citation.database_id_CSD           ? 
_citation.pdbx_database_id_DOI      10.1038/s41598-020-77987-y 
_citation.pdbx_database_id_PubMed   33273542 
_citation.unpublished_flag          ? 
# 
loop_
_citation_author.citation_id 
_citation_author.name 
_citation_author.ordinal 
_citation_author.identifier_ORCID 
primary 'Yukitake, H.' 1 ? 
primary 'Shoji, M.'    2 ? 
primary 'Sato, K.'     3 ? 
primary 'Handa, Y.'    4 ? 
primary 'Naito, M.'    5 ? 
primary 'Imada, K.'    6 ? 
primary 'Nakayama, K.' 7 ? 
# 
loop_
_entity.id 
_entity.type 
_entity.src_method 
_entity.pdbx_description 
_entity.formula_weight 
_entity.pdbx_number_of_molecules 
_entity.pdbx_ec 
_entity.pdbx_mutation 
_entity.pdbx_fragment 
_entity.details 
1 polymer man 'N-terminal domain of PorA (28-171)' 15498.439 1   ? ? ? 'N-terminal GSH, a remnant of the His-tag.' 
2 water   nat water                                18.015    145 ? ? ? ?                                           
# 
_entity_poly.entity_id                      1 
_entity_poly.type                           'polypeptide(L)' 
_entity_poly.nstd_linkage                   no 
_entity_poly.nstd_monomer                   no 
_entity_poly.pdbx_seq_one_letter_code       
;GSHQVVIKVGDAILENNATVDITAFTTEDGTEEMKFKGMVINQSATPINVIGKITKQEMIGDGHFALCFGQCMLPNVSVS
PVVEVGGEGEPLSLRYTFPVSNEGHTGAFTFSCFPESGAPGTELATVNINFKYKGGGTDLTNIGLGR
;
_entity_poly.pdbx_seq_one_letter_code_can   
;GSHQVVIKVGDAILENNATVDITAFTTEDGTEEMKFKGMVINQSATPINVIGKITKQEMIGDGHFALCFGQCMLPNVSVS
PVVEVGGEGEPLSLRYTFPVSNEGHTGAFTFSCFPESGAPGTELATVNINFKYKGGGTDLTNIGLGR
;
_entity_poly.pdbx_strand_id                 A 
_entity_poly.pdbx_target_identifier         ? 
# 
_pdbx_entity_nonpoly.entity_id   2 
_pdbx_entity_nonpoly.name        water 
_pdbx_entity_nonpoly.comp_id     HOH 
# 
loop_
_entity_poly_seq.entity_id 
_entity_poly_seq.num 
_entity_poly_seq.mon_id 
_entity_poly_seq.hetero 
1 1   GLY n 
1 2   SER n 
1 3   HIS n 
1 4   GLN n 
1 5   VAL n 
1 6   VAL n 
1 7   ILE n 
1 8   LYS n 
1 9   VAL n 
1 10  GLY n 
1 11  ASP n 
1 12  ALA n 
1 13  ILE n 
1 14  LEU n 
1 15  GLU n 
1 16  ASN n 
1 17  ASN n 
1 18  ALA n 
1 19  THR n 
1 20  VAL n 
1 21  ASP n 
1 22  ILE n 
1 23  THR n 
1 24  ALA n 
1 25  PHE n 
1 26  THR n 
1 27  THR n 
1 28  GLU n 
1 29  ASP n 
1 30  GLY n 
1 31  THR n 
1 32  GLU n 
1 33  GLU n 
1 34  MET n 
1 35  LYS n 
1 36  PHE n 
1 37  LYS n 
1 38  GLY n 
1 39  MET n 
1 40  VAL n 
1 41  ILE n 
1 42  ASN n 
1 43  GLN n 
1 44  SER n 
1 45  ALA n 
1 46  THR n 
1 47  PRO n 
1 48  ILE n 
1 49  ASN n 
1 50  VAL n 
1 51  ILE n 
1 52  GLY n 
1 53  LYS n 
1 54  ILE n 
1 55  THR n 
1 56  LYS n 
1 57  GLN n 
1 58  GLU n 
1 59  MET n 
1 60  ILE n 
1 61  GLY n 
1 62  ASP n 
1 63  GLY n 
1 64  HIS n 
1 65  PHE n 
1 66  ALA n 
1 67  LEU n 
1 68  CYS n 
1 69  PHE n 
1 70  GLY n 
1 71  GLN n 
1 72  CYS n 
1 73  MET n 
1 74  LEU n 
1 75  PRO n 
1 76  ASN n 
1 77  VAL n 
1 78  SER n 
1 79  VAL n 
1 80  SER n 
1 81  PRO n 
1 82  VAL n 
1 83  VAL n 
1 84  GLU n 
1 85  VAL n 
1 86  GLY n 
1 87  GLY n 
1 88  GLU n 
1 89  GLY n 
1 90  GLU n 
1 91  PRO n 
1 92  LEU n 
1 93  SER n 
1 94  LEU n 
1 95  ARG n 
1 96  TYR n 
1 97  THR n 
1 98  PHE n 
1 99  PRO n 
1 100 VAL n 
1 101 SER n 
1 102 ASN n 
1 103 GLU n 
1 104 GLY n 
1 105 HIS n 
1 106 THR n 
1 107 GLY n 
1 108 ALA n 
1 109 PHE n 
1 110 THR n 
1 111 PHE n 
1 112 SER n 
1 113 CYS n 
1 114 PHE n 
1 115 PRO n 
1 116 GLU n 
1 117 SER n 
1 118 GLY n 
1 119 ALA n 
1 120 PRO n 
1 121 GLY n 
1 122 THR n 
1 123 GLU n 
1 124 LEU n 
1 125 ALA n 
1 126 THR n 
1 127 VAL n 
1 128 ASN n 
1 129 ILE n 
1 130 ASN n 
1 131 PHE n 
1 132 LYS n 
1 133 TYR n 
1 134 LYS n 
1 135 GLY n 
1 136 GLY n 
1 137 GLY n 
1 138 THR n 
1 139 ASP n 
1 140 LEU n 
1 141 THR n 
1 142 ASN n 
1 143 ILE n 
1 144 GLY n 
1 145 LEU n 
1 146 GLY n 
1 147 ARG n 
# 
_entity_src_gen.entity_id                          1 
_entity_src_gen.pdbx_src_id                        1 
_entity_src_gen.pdbx_alt_source_flag               sample 
_entity_src_gen.pdbx_seq_type                      'Biological sequence' 
_entity_src_gen.pdbx_beg_seq_num                   1 
_entity_src_gen.pdbx_end_seq_num                   147 
_entity_src_gen.gene_src_common_name               ? 
_entity_src_gen.gene_src_genus                     ? 
_entity_src_gen.pdbx_gene_src_gene                 PGN_0123 
_entity_src_gen.gene_src_species                   ? 
_entity_src_gen.gene_src_strain                    'ATCC 33277' 
_entity_src_gen.gene_src_tissue                    ? 
_entity_src_gen.gene_src_tissue_fraction           ? 
_entity_src_gen.gene_src_details                   ? 
_entity_src_gen.pdbx_gene_src_fragment             ? 
_entity_src_gen.pdbx_gene_src_scientific_name      'Porphyromonas gingivalis ATCC 33277' 
_entity_src_gen.pdbx_gene_src_ncbi_taxonomy_id     431947 
_entity_src_gen.pdbx_gene_src_variant              ? 
_entity_src_gen.pdbx_gene_src_cell_line            ? 
_entity_src_gen.pdbx_gene_src_atcc                 ? 
_entity_src_gen.pdbx_gene_src_organ                ? 
_entity_src_gen.pdbx_gene_src_organelle            ? 
_entity_src_gen.pdbx_gene_src_cell                 ? 
_entity_src_gen.pdbx_gene_src_cellular_location    ? 
_entity_src_gen.host_org_common_name               ? 
_entity_src_gen.pdbx_host_org_scientific_name      'Escherichia coli BL21(DE3)' 
_entity_src_gen.pdbx_host_org_ncbi_taxonomy_id     469008 
_entity_src_gen.host_org_genus                     ? 
_entity_src_gen.pdbx_host_org_gene                 ? 
_entity_src_gen.pdbx_host_org_organ                ? 
_entity_src_gen.host_org_species                   ? 
_entity_src_gen.pdbx_host_org_tissue               ? 
_entity_src_gen.pdbx_host_org_tissue_fraction      ? 
_entity_src_gen.pdbx_host_org_strain               'BL21(DE3)' 
_entity_src_gen.pdbx_host_org_variant              ? 
_entity_src_gen.pdbx_host_org_cell_line            ? 
_entity_src_gen.pdbx_host_org_atcc                 ? 
_entity_src_gen.pdbx_host_org_culture_collection   ? 
_entity_src_gen.pdbx_host_org_cell                 ? 
_entity_src_gen.pdbx_host_org_organelle            ? 
_entity_src_gen.pdbx_host_org_cellular_location    ? 
_entity_src_gen.pdbx_host_org_vector_type          plasmid 
_entity_src_gen.pdbx_host_org_vector               ? 
_entity_src_gen.host_org_details                   ? 
_entity_src_gen.expression_system_id               ? 
_entity_src_gen.plasmid_name                       pET15b 
_entity_src_gen.plasmid_details                    ? 
_entity_src_gen.pdbx_description                   ? 
# 
loop_
_chem_comp.id 
_chem_comp.type 
_chem_comp.mon_nstd_flag 
_chem_comp.name 
_chem_comp.pdbx_synonyms 
_chem_comp.formula 
_chem_comp.formula_weight 
ALA 'L-peptide linking' y ALANINE         ? 'C3 H7 N O2'     89.093  
ARG 'L-peptide linking' y ARGININE        ? 'C6 H15 N4 O2 1' 175.209 
ASN 'L-peptide linking' y ASPARAGINE      ? 'C4 H8 N2 O3'    132.118 
ASP 'L-peptide linking' y 'ASPARTIC ACID' ? 'C4 H7 N O4'     133.103 
CYS 'L-peptide linking' y CYSTEINE        ? 'C3 H7 N O2 S'   121.158 
GLN 'L-peptide linking' y GLUTAMINE       ? 'C5 H10 N2 O3'   146.144 
GLU 'L-peptide linking' y 'GLUTAMIC ACID' ? 'C5 H9 N O4'     147.129 
GLY 'peptide linking'   y GLYCINE         ? 'C2 H5 N O2'     75.067  
HIS 'L-peptide linking' y HISTIDINE       ? 'C6 H10 N3 O2 1' 156.162 
HOH non-polymer         . WATER           ? 'H2 O'           18.015  
ILE 'L-peptide linking' y ISOLEUCINE      ? 'C6 H13 N O2'    131.173 
LEU 'L-peptide linking' y LEUCINE         ? 'C6 H13 N O2'    131.173 
LYS 'L-peptide linking' y LYSINE          ? 'C6 H15 N2 O2 1' 147.195 
MET 'L-peptide linking' y METHIONINE      ? 'C5 H11 N O2 S'  149.211 
PHE 'L-peptide linking' y PHENYLALANINE   ? 'C9 H11 N O2'    165.189 
PRO 'L-peptide linking' y PROLINE         ? 'C5 H9 N O2'     115.130 
SER 'L-peptide linking' y SERINE          ? 'C3 H7 N O3'     105.093 
THR 'L-peptide linking' y THREONINE       ? 'C4 H9 N O3'     119.119 
TYR 'L-peptide linking' y TYROSINE        ? 'C9 H11 N O3'    181.189 
VAL 'L-peptide linking' y VALINE          ? 'C5 H11 N O2'    117.146 
# 
loop_
_pdbx_poly_seq_scheme.asym_id 
_pdbx_poly_seq_scheme.entity_id 
_pdbx_poly_seq_scheme.seq_id 
_pdbx_poly_seq_scheme.mon_id 
_pdbx_poly_seq_scheme.ndb_seq_num 
_pdbx_poly_seq_scheme.pdb_seq_num 
_pdbx_poly_seq_scheme.auth_seq_num 
_pdbx_poly_seq_scheme.pdb_mon_id 
_pdbx_poly_seq_scheme.auth_mon_id 
_pdbx_poly_seq_scheme.pdb_strand_id 
_pdbx_poly_seq_scheme.pdb_ins_code 
_pdbx_poly_seq_scheme.hetero 
A 1 1   GLY 1   25  ?   ?   ?   A . n 
A 1 2   SER 2   26  ?   ?   ?   A . n 
A 1 3   HIS 3   27  ?   ?   ?   A . n 
A 1 4   GLN 4   28  28  GLN GLN A . n 
A 1 5   VAL 5   29  29  VAL VAL A . n 
A 1 6   VAL 6   30  30  VAL VAL A . n 
A 1 7   ILE 7   31  31  ILE ILE A . n 
A 1 8   LYS 8   32  32  LYS LYS A . n 
A 1 9   VAL 9   33  33  VAL VAL A . n 
A 1 10  GLY 10  34  34  GLY GLY A . n 
A 1 11  ASP 11  35  35  ASP ASP A . n 
A 1 12  ALA 12  36  36  ALA ALA A . n 
A 1 13  ILE 13  37  37  ILE ILE A . n 
A 1 14  LEU 14  38  38  LEU LEU A . n 
A 1 15  GLU 15  39  39  GLU GLU A . n 
A 1 16  ASN 16  40  40  ASN ASN A . n 
A 1 17  ASN 17  41  41  ASN ASN A . n 
A 1 18  ALA 18  42  42  ALA ALA A . n 
A 1 19  THR 19  43  43  THR THR A . n 
A 1 20  VAL 20  44  44  VAL VAL A . n 
A 1 21  ASP 21  45  45  ASP ASP A . n 
A 1 22  ILE 22  46  46  ILE ILE A . n 
A 1 23  THR 23  47  47  THR THR A . n 
A 1 24  ALA 24  48  48  ALA ALA A . n 
A 1 25  PHE 25  49  49  PHE PHE A . n 
A 1 26  THR 26  50  50  THR THR A . n 
A 1 27  THR 27  51  51  THR THR A . n 
A 1 28  GLU 28  52  52  GLU GLU A . n 
A 1 29  ASP 29  53  53  ASP ASP A . n 
A 1 30  GLY 30  54  54  GLY GLY A . n 
A 1 31  THR 31  55  55  THR THR A . n 
A 1 32  GLU 32  56  56  GLU GLU A . n 
A 1 33  GLU 33  57  57  GLU GLU A . n 
A 1 34  MET 34  58  58  MET MET A . n 
A 1 35  LYS 35  59  59  LYS LYS A . n 
A 1 36  PHE 36  60  60  PHE PHE A . n 
A 1 37  LYS 37  61  61  LYS LYS A . n 
A 1 38  GLY 38  62  62  GLY GLY A . n 
A 1 39  MET 39  63  63  MET MET A . n 
A 1 40  VAL 40  64  64  VAL VAL A . n 
A 1 41  ILE 41  65  65  ILE ILE A . n 
A 1 42  ASN 42  66  66  ASN ASN A . n 
A 1 43  GLN 43  67  67  GLN GLN A . n 
A 1 44  SER 44  68  68  SER SER A . n 
A 1 45  ALA 45  69  69  ALA ALA A . n 
A 1 46  THR 46  70  70  THR THR A . n 
A 1 47  PRO 47  71  71  PRO PRO A . n 
A 1 48  ILE 48  72  72  ILE ILE A . n 
A 1 49  ASN 49  73  73  ASN ASN A . n 
A 1 50  VAL 50  74  74  VAL VAL A . n 
A 1 51  ILE 51  75  75  ILE ILE A . n 
A 1 52  GLY 52  76  76  GLY GLY A . n 
A 1 53  LYS 53  77  77  LYS LYS A . n 
A 1 54  ILE 54  78  78  ILE ILE A . n 
A 1 55  THR 55  79  79  THR THR A . n 
A 1 56  LYS 56  80  80  LYS LYS A . n 
A 1 57  GLN 57  81  81  GLN GLN A . n 
A 1 58  GLU 58  82  82  GLU GLU A . n 
A 1 59  MET 59  83  83  MET MET A . n 
A 1 60  ILE 60  84  84  ILE ILE A . n 
A 1 61  GLY 61  85  85  GLY GLY A . n 
A 1 62  ASP 62  86  86  ASP ASP A . n 
A 1 63  GLY 63  87  87  GLY GLY A . n 
A 1 64  HIS 64  88  88  HIS HIS A . n 
A 1 65  PHE 65  89  89  PHE PHE A . n 
A 1 66  ALA 66  90  90  ALA ALA A . n 
A 1 67  LEU 67  91  91  LEU LEU A . n 
A 1 68  CYS 68  92  92  CYS CYS A . n 
A 1 69  PHE 69  93  93  PHE PHE A . n 
A 1 70  GLY 70  94  94  GLY GLY A . n 
A 1 71  GLN 71  95  95  GLN GLN A . n 
A 1 72  CYS 72  96  96  CYS CYS A . n 
A 1 73  MET 73  97  97  MET MET A . n 
A 1 74  LEU 74  98  98  LEU LEU A . n 
A 1 75  PRO 75  99  99  PRO PRO A . n 
A 1 76  ASN 76  100 100 ASN ASN A . n 
A 1 77  VAL 77  101 101 VAL VAL A . n 
A 1 78  SER 78  102 102 SER SER A . n 
A 1 79  VAL 79  103 103 VAL VAL A . n 
A 1 80  SER 80  104 104 SER SER A . n 
A 1 81  PRO 81  105 105 PRO PRO A . n 
A 1 82  VAL 82  106 106 VAL VAL A . n 
A 1 83  VAL 83  107 107 VAL VAL A . n 
A 1 84  GLU 84  108 108 GLU GLU A . n 
A 1 85  VAL 85  109 109 VAL VAL A . n 
A 1 86  GLY 86  110 110 GLY GLY A . n 
A 1 87  GLY 87  111 111 GLY GLY A . n 
A 1 88  GLU 88  112 112 GLU GLU A . n 
A 1 89  GLY 89  113 113 GLY GLY A . n 
A 1 90  GLU 90  114 114 GLU GLU A . n 
A 1 91  PRO 91  115 115 PRO PRO A . n 
A 1 92  LEU 92  116 116 LEU LEU A . n 
A 1 93  SER 93  117 117 SER SER A . n 
A 1 94  LEU 94  118 118 LEU LEU A . n 
A 1 95  ARG 95  119 119 ARG ARG A . n 
A 1 96  TYR 96  120 120 TYR TYR A . n 
A 1 97  THR 97  121 121 THR THR A . n 
A 1 98  PHE 98  122 122 PHE PHE A . n 
A 1 99  PRO 99  123 123 PRO PRO A . n 
A 1 100 VAL 100 124 124 VAL VAL A . n 
A 1 101 SER 101 125 125 SER SER A . n 
A 1 102 ASN 102 126 126 ASN ASN A . n 
A 1 103 GLU 103 127 127 GLU GLU A . n 
A 1 104 GLY 104 128 128 GLY GLY A . n 
A 1 105 HIS 105 129 129 HIS HIS A . n 
A 1 106 THR 106 130 130 THR THR A . n 
A 1 107 GLY 107 131 131 GLY GLY A . n 
A 1 108 ALA 108 132 132 ALA ALA A . n 
A 1 109 PHE 109 133 133 PHE PHE A . n 
A 1 110 THR 110 134 134 THR THR A . n 
A 1 111 PHE 111 135 135 PHE PHE A . n 
A 1 112 SER 112 136 136 SER SER A . n 
A 1 113 CYS 113 137 137 CYS CYS A . n 
A 1 114 PHE 114 138 138 PHE PHE A . n 
A 1 115 PRO 115 139 139 PRO PRO A . n 
A 1 116 GLU 116 140 140 GLU GLU A . n 
A 1 117 SER 117 141 141 SER SER A . n 
A 1 118 GLY 118 142 142 GLY GLY A . n 
A 1 119 ALA 119 143 143 ALA ALA A . n 
A 1 120 PRO 120 144 144 PRO PRO A . n 
A 1 121 GLY 121 145 145 GLY GLY A . n 
A 1 122 THR 122 146 146 THR THR A . n 
A 1 123 GLU 123 147 147 GLU GLU A . n 
A 1 124 LEU 124 148 148 LEU LEU A . n 
A 1 125 ALA 125 149 149 ALA ALA A . n 
A 1 126 THR 126 150 150 THR THR A . n 
A 1 127 VAL 127 151 151 VAL VAL A . n 
A 1 128 ASN 128 152 152 ASN ASN A . n 
A 1 129 ILE 129 153 153 ILE ILE A . n 
A 1 130 ASN 130 154 154 ASN ASN A . n 
A 1 131 PHE 131 155 155 PHE PHE A . n 
A 1 132 LYS 132 156 156 LYS LYS A . n 
A 1 133 TYR 133 157 157 TYR TYR A . n 
A 1 134 LYS 134 158 158 LYS LYS A . n 
A 1 135 GLY 135 159 159 GLY GLY A . n 
A 1 136 GLY 136 160 160 GLY GLY A . n 
A 1 137 GLY 137 161 161 GLY GLY A . n 
A 1 138 THR 138 162 ?   ?   ?   A . n 
A 1 139 ASP 139 163 ?   ?   ?   A . n 
A 1 140 LEU 140 164 ?   ?   ?   A . n 
A 1 141 THR 141 165 ?   ?   ?   A . n 
A 1 142 ASN 142 166 ?   ?   ?   A . n 
A 1 143 ILE 143 167 ?   ?   ?   A . n 
A 1 144 GLY 144 168 ?   ?   ?   A . n 
A 1 145 LEU 145 169 ?   ?   ?   A . n 
A 1 146 GLY 146 170 ?   ?   ?   A . n 
A 1 147 ARG 147 171 ?   ?   ?   A . n 
# 
loop_
_pdbx_nonpoly_scheme.asym_id 
_pdbx_nonpoly_scheme.entity_id 
_pdbx_nonpoly_scheme.mon_id 
_pdbx_nonpoly_scheme.ndb_seq_num 
_pdbx_nonpoly_scheme.pdb_seq_num 
_pdbx_nonpoly_scheme.auth_seq_num 
_pdbx_nonpoly_scheme.pdb_mon_id 
_pdbx_nonpoly_scheme.auth_mon_id 
_pdbx_nonpoly_scheme.pdb_strand_id 
_pdbx_nonpoly_scheme.pdb_ins_code 
B 2 HOH 1   201 131 HOH HOH A . 
B 2 HOH 2   202 144 HOH HOH A . 
B 2 HOH 3   203 141 HOH HOH A . 
B 2 HOH 4   204 130 HOH HOH A . 
B 2 HOH 5   205 135 HOH HOH A . 
B 2 HOH 6   206 142 HOH HOH A . 
B 2 HOH 7   207 86  HOH HOH A . 
B 2 HOH 8   208 129 HOH HOH A . 
B 2 HOH 9   209 116 HOH HOH A . 
B 2 HOH 10  210 12  HOH HOH A . 
B 2 HOH 11  211 68  HOH HOH A . 
B 2 HOH 12  212 90  HOH HOH A . 
B 2 HOH 13  213 17  HOH HOH A . 
B 2 HOH 14  214 93  HOH HOH A . 
B 2 HOH 15  215 117 HOH HOH A . 
B 2 HOH 16  216 20  HOH HOH A . 
B 2 HOH 17  217 28  HOH HOH A . 
B 2 HOH 18  218 145 HOH HOH A . 
B 2 HOH 19  219 48  HOH HOH A . 
B 2 HOH 20  220 3   HOH HOH A . 
B 2 HOH 21  221 54  HOH HOH A . 
B 2 HOH 22  222 27  HOH HOH A . 
B 2 HOH 23  223 9   HOH HOH A . 
B 2 HOH 24  224 125 HOH HOH A . 
B 2 HOH 25  225 6   HOH HOH A . 
B 2 HOH 26  226 62  HOH HOH A . 
B 2 HOH 27  227 114 HOH HOH A . 
B 2 HOH 28  228 18  HOH HOH A . 
B 2 HOH 29  229 115 HOH HOH A . 
B 2 HOH 30  230 2   HOH HOH A . 
B 2 HOH 31  231 69  HOH HOH A . 
B 2 HOH 32  232 36  HOH HOH A . 
B 2 HOH 33  233 51  HOH HOH A . 
B 2 HOH 34  234 15  HOH HOH A . 
B 2 HOH 35  235 1   HOH HOH A . 
B 2 HOH 36  236 71  HOH HOH A . 
B 2 HOH 37  237 52  HOH HOH A . 
B 2 HOH 38  238 127 HOH HOH A . 
B 2 HOH 39  239 123 HOH HOH A . 
B 2 HOH 40  240 21  HOH HOH A . 
B 2 HOH 41  241 39  HOH HOH A . 
B 2 HOH 42  242 14  HOH HOH A . 
B 2 HOH 43  243 13  HOH HOH A . 
B 2 HOH 44  244 138 HOH HOH A . 
B 2 HOH 45  245 49  HOH HOH A . 
B 2 HOH 46  246 104 HOH HOH A . 
B 2 HOH 47  247 46  HOH HOH A . 
B 2 HOH 48  248 8   HOH HOH A . 
B 2 HOH 49  249 37  HOH HOH A . 
B 2 HOH 50  250 29  HOH HOH A . 
B 2 HOH 51  251 19  HOH HOH A . 
B 2 HOH 52  252 98  HOH HOH A . 
B 2 HOH 53  253 64  HOH HOH A . 
B 2 HOH 54  254 7   HOH HOH A . 
B 2 HOH 55  255 38  HOH HOH A . 
B 2 HOH 56  256 57  HOH HOH A . 
B 2 HOH 57  257 89  HOH HOH A . 
B 2 HOH 58  258 41  HOH HOH A . 
B 2 HOH 59  259 82  HOH HOH A . 
B 2 HOH 60  260 109 HOH HOH A . 
B 2 HOH 61  261 56  HOH HOH A . 
B 2 HOH 62  262 25  HOH HOH A . 
B 2 HOH 63  263 99  HOH HOH A . 
B 2 HOH 64  264 66  HOH HOH A . 
B 2 HOH 65  265 126 HOH HOH A . 
B 2 HOH 66  266 30  HOH HOH A . 
B 2 HOH 67  267 110 HOH HOH A . 
B 2 HOH 68  268 101 HOH HOH A . 
B 2 HOH 69  269 63  HOH HOH A . 
B 2 HOH 70  270 5   HOH HOH A . 
B 2 HOH 71  271 4   HOH HOH A . 
B 2 HOH 72  272 96  HOH HOH A . 
B 2 HOH 73  273 26  HOH HOH A . 
B 2 HOH 74  274 45  HOH HOH A . 
B 2 HOH 75  275 31  HOH HOH A . 
B 2 HOH 76  276 58  HOH HOH A . 
B 2 HOH 77  277 143 HOH HOH A . 
B 2 HOH 78  278 10  HOH HOH A . 
B 2 HOH 79  279 55  HOH HOH A . 
B 2 HOH 80  280 32  HOH HOH A . 
B 2 HOH 81  281 23  HOH HOH A . 
B 2 HOH 82  282 61  HOH HOH A . 
B 2 HOH 83  283 34  HOH HOH A . 
B 2 HOH 84  284 111 HOH HOH A . 
B 2 HOH 85  285 33  HOH HOH A . 
B 2 HOH 86  286 24  HOH HOH A . 
B 2 HOH 87  287 122 HOH HOH A . 
B 2 HOH 88  288 105 HOH HOH A . 
B 2 HOH 89  289 22  HOH HOH A . 
B 2 HOH 90  290 92  HOH HOH A . 
B 2 HOH 91  291 16  HOH HOH A . 
B 2 HOH 92  292 88  HOH HOH A . 
B 2 HOH 93  293 76  HOH HOH A . 
B 2 HOH 94  294 84  HOH HOH A . 
B 2 HOH 95  295 134 HOH HOH A . 
B 2 HOH 96  296 47  HOH HOH A . 
B 2 HOH 97  297 83  HOH HOH A . 
B 2 HOH 98  298 72  HOH HOH A . 
B 2 HOH 99  299 136 HOH HOH A . 
B 2 HOH 100 300 80  HOH HOH A . 
B 2 HOH 101 301 53  HOH HOH A . 
B 2 HOH 102 302 133 HOH HOH A . 
B 2 HOH 103 303 132 HOH HOH A . 
B 2 HOH 104 304 112 HOH HOH A . 
B 2 HOH 105 305 43  HOH HOH A . 
B 2 HOH 106 306 102 HOH HOH A . 
B 2 HOH 107 307 119 HOH HOH A . 
B 2 HOH 108 308 40  HOH HOH A . 
B 2 HOH 109 309 79  HOH HOH A . 
B 2 HOH 110 310 124 HOH HOH A . 
B 2 HOH 111 311 65  HOH HOH A . 
B 2 HOH 112 312 77  HOH HOH A . 
B 2 HOH 113 313 50  HOH HOH A . 
B 2 HOH 114 314 121 HOH HOH A . 
B 2 HOH 115 315 67  HOH HOH A . 
B 2 HOH 116 316 103 HOH HOH A . 
B 2 HOH 117 317 107 HOH HOH A . 
B 2 HOH 118 318 42  HOH HOH A . 
B 2 HOH 119 319 137 HOH HOH A . 
B 2 HOH 120 320 35  HOH HOH A . 
B 2 HOH 121 321 128 HOH HOH A . 
B 2 HOH 122 322 11  HOH HOH A . 
B 2 HOH 123 323 75  HOH HOH A . 
B 2 HOH 124 324 59  HOH HOH A . 
B 2 HOH 125 325 140 HOH HOH A . 
B 2 HOH 126 326 78  HOH HOH A . 
B 2 HOH 127 327 97  HOH HOH A . 
B 2 HOH 128 328 85  HOH HOH A . 
B 2 HOH 129 329 95  HOH HOH A . 
B 2 HOH 130 330 113 HOH HOH A . 
B 2 HOH 131 331 81  HOH HOH A . 
B 2 HOH 132 332 60  HOH HOH A . 
B 2 HOH 133 333 94  HOH HOH A . 
B 2 HOH 134 334 106 HOH HOH A . 
B 2 HOH 135 335 108 HOH HOH A . 
B 2 HOH 136 336 118 HOH HOH A . 
B 2 HOH 137 337 100 HOH HOH A . 
B 2 HOH 138 338 120 HOH HOH A . 
B 2 HOH 139 339 139 HOH HOH A . 
B 2 HOH 140 340 74  HOH HOH A . 
B 2 HOH 141 341 91  HOH HOH A . 
B 2 HOH 142 342 44  HOH HOH A . 
B 2 HOH 143 343 87  HOH HOH A . 
B 2 HOH 144 344 73  HOH HOH A . 
B 2 HOH 145 345 70  HOH HOH A . 
# 
loop_
_software.citation_id 
_software.classification 
_software.compiler_name 
_software.compiler_version 
_software.contact_author 
_software.contact_author_email 
_software.date 
_software.description 
_software.dependencies 
_software.hardware 
_software.language 
_software.location 
_software.mods 
_software.name 
_software.os 
_software.os_version 
_software.type 
_software.version 
_software.pdbx_ordinal 
? 'data collection' ? ? ? ? ? ? ? ? ? ? ? BSS     ? ? ? .           1 
? refinement        ? ? ? ? ? ? ? ? ? ? ? PHENIX  ? ? ? 1.15.2_3472 2 
? 'data reduction'  ? ? ? ? ? ? ? ? ? ? ? MOSFLM  ? ? ? .           3 
? 'data scaling'    ? ? ? ? ? ? ? ? ? ? ? Aimless ? ? ? .           4 
? phasing           ? ? ? ? ? ? ? ? ? ? ? PHENIX  ? ? ? .           5 
# 
_cell.angle_alpha                  90.000 
_cell.angle_alpha_esd              ? 
_cell.angle_beta                   108.520 
_cell.angle_beta_esd               ? 
_cell.angle_gamma                  90.000 
_cell.angle_gamma_esd              ? 
_cell.entry_id                     6KJK 
_cell.details                      ? 
_cell.formula_units_Z              ? 
_cell.length_a                     67.300 
_cell.length_a_esd                 ? 
_cell.length_b                     43.220 
_cell.length_b_esd                 ? 
_cell.length_c                     48.590 
_cell.length_c_esd                 ? 
_cell.volume                       134014.859 
_cell.volume_esd                   ? 
_cell.Z_PDB                        4 
_cell.reciprocal_angle_alpha       ? 
_cell.reciprocal_angle_beta        ? 
_cell.reciprocal_angle_gamma       ? 
_cell.reciprocal_angle_alpha_esd   ? 
_cell.reciprocal_angle_beta_esd    ? 
_cell.reciprocal_angle_gamma_esd   ? 
_cell.reciprocal_length_a          ? 
_cell.reciprocal_length_b          ? 
_cell.reciprocal_length_c          ? 
_cell.reciprocal_length_a_esd      ? 
_cell.reciprocal_length_b_esd      ? 
_cell.reciprocal_length_c_esd      ? 
_cell.pdbx_unique_axis             ? 
# 
_symmetry.entry_id                         6KJK 
_symmetry.cell_setting                     ? 
_symmetry.Int_Tables_number                5 
_symmetry.space_group_name_Hall            'C 2y' 
_symmetry.space_group_name_H-M             'C 1 2 1' 
_symmetry.pdbx_full_space_group_name_H-M   ? 
# 
_exptl.absorpt_coefficient_mu     ? 
_exptl.absorpt_correction_T_max   ? 
_exptl.absorpt_correction_T_min   ? 
_exptl.absorpt_correction_type    ? 
_exptl.absorpt_process_details    ? 
_exptl.entry_id                   6KJK 
_exptl.crystals_number            1 
_exptl.details                    ? 
_exptl.method                     'X-RAY DIFFRACTION' 
_exptl.method_details             ? 
# 
_exptl_crystal.colour                      ? 
_exptl_crystal.density_diffrn              ? 
_exptl_crystal.density_Matthews            2.36 
_exptl_crystal.density_method              ? 
_exptl_crystal.density_percent_sol         43.10 
_exptl_crystal.description                 ? 
_exptl_crystal.F_000                       ? 
_exptl_crystal.id                          1 
_exptl_crystal.preparation                 ? 
_exptl_crystal.size_max                    ? 
_exptl_crystal.size_mid                    ? 
_exptl_crystal.size_min                    ? 
_exptl_crystal.size_rad                    ? 
_exptl_crystal.colour_lustre               ? 
_exptl_crystal.colour_modifier             ? 
_exptl_crystal.colour_primary              ? 
_exptl_crystal.density_meas                ? 
_exptl_crystal.density_meas_esd            ? 
_exptl_crystal.density_meas_gt             ? 
_exptl_crystal.density_meas_lt             ? 
_exptl_crystal.density_meas_temp           ? 
_exptl_crystal.density_meas_temp_esd       ? 
_exptl_crystal.density_meas_temp_gt        ? 
_exptl_crystal.density_meas_temp_lt        ? 
_exptl_crystal.pdbx_crystal_image_url      ? 
_exptl_crystal.pdbx_crystal_image_format   ? 
_exptl_crystal.pdbx_mosaicity              ? 
_exptl_crystal.pdbx_mosaicity_esd          ? 
# 
_exptl_crystal_grow.apparatus       ? 
_exptl_crystal_grow.atmosphere      ? 
_exptl_crystal_grow.crystal_id      1 
_exptl_crystal_grow.details         ? 
_exptl_crystal_grow.method          'VAPOR DIFFUSION, SITTING DROP' 
_exptl_crystal_grow.method_ref      ? 
_exptl_crystal_grow.pH              5.3 
_exptl_crystal_grow.pressure        ? 
_exptl_crystal_grow.pressure_esd    ? 
_exptl_crystal_grow.seeding         ? 
_exptl_crystal_grow.seeding_ref     ? 
_exptl_crystal_grow.temp            293 
_exptl_crystal_grow.temp_details    ? 
_exptl_crystal_grow.temp_esd        ? 
_exptl_crystal_grow.time            ? 
_exptl_crystal_grow.pdbx_details    '0.1M (NH4)2SO4, 26%(w/v) PEG-8000' 
_exptl_crystal_grow.pdbx_pH_range   ? 
# 
_diffrn.ambient_environment              ? 
_diffrn.ambient_temp                     100 
_diffrn.ambient_temp_details             ? 
_diffrn.ambient_temp_esd                 ? 
_diffrn.crystal_id                       1 
_diffrn.crystal_support                  ? 
_diffrn.crystal_treatment                ? 
_diffrn.details                          ? 
_diffrn.id                               1 
_diffrn.ambient_pressure                 ? 
_diffrn.ambient_pressure_esd             ? 
_diffrn.ambient_pressure_gt              ? 
_diffrn.ambient_pressure_lt              ? 
_diffrn.ambient_temp_gt                  ? 
_diffrn.ambient_temp_lt                  ? 
_diffrn.pdbx_serial_crystal_experiment   N 
# 
_diffrn_detector.details                      ? 
_diffrn_detector.detector                     PIXEL 
_diffrn_detector.diffrn_id                    1 
_diffrn_detector.type                         'DECTRIS PILATUS3 6M' 
_diffrn_detector.area_resol_mean              ? 
_diffrn_detector.dtime                        ? 
_diffrn_detector.pdbx_frames_total            ? 
_diffrn_detector.pdbx_collection_time_total   ? 
_diffrn_detector.pdbx_collection_date         2015-10-02 
_diffrn_detector.pdbx_frequency               ? 
# 
_diffrn_radiation.collimation                      ? 
_diffrn_radiation.diffrn_id                        1 
_diffrn_radiation.filter_edge                      ? 
_diffrn_radiation.inhomogeneity                    ? 
_diffrn_radiation.monochromator                    ? 
_diffrn_radiation.polarisn_norm                    ? 
_diffrn_radiation.polarisn_ratio                   ? 
_diffrn_radiation.probe                            ? 
_diffrn_radiation.type                             ? 
_diffrn_radiation.xray_symbol                      ? 
_diffrn_radiation.wavelength_id                    1 
_diffrn_radiation.pdbx_monochromatic_or_laue_m_l   M 
_diffrn_radiation.pdbx_wavelength_list             ? 
_diffrn_radiation.pdbx_wavelength                  ? 
_diffrn_radiation.pdbx_diffrn_protocol             'SINGLE WAVELENGTH' 
_diffrn_radiation.pdbx_analyzer                    ? 
_diffrn_radiation.pdbx_scattering_type             x-ray 
# 
_diffrn_radiation_wavelength.id           1 
_diffrn_radiation_wavelength.wavelength   1.0 
_diffrn_radiation_wavelength.wt           1.0 
# 
_diffrn_source.current                     ? 
_diffrn_source.details                     ? 
_diffrn_source.diffrn_id                   1 
_diffrn_source.power                       ? 
_diffrn_source.size                        ? 
_diffrn_source.source                      SYNCHROTRON 
_diffrn_source.target                      ? 
_diffrn_source.type                        'SPRING-8 BEAMLINE BL41XU' 
_diffrn_source.voltage                     ? 
_diffrn_source.take-off_angle              ? 
_diffrn_source.pdbx_wavelength_list        1.0 
_diffrn_source.pdbx_wavelength             ? 
_diffrn_source.pdbx_synchrotron_beamline   BL41XU 
_diffrn_source.pdbx_synchrotron_site       SPring-8 
# 
_reflns.B_iso_Wilson_estimate            13.49 
_reflns.entry_id                         6KJK 
_reflns.data_reduction_details           ? 
_reflns.data_reduction_method            ? 
_reflns.d_resolution_high                1.30 
_reflns.d_resolution_low                 46.1 
_reflns.details                          ? 
_reflns.limit_h_max                      ? 
_reflns.limit_h_min                      ? 
_reflns.limit_k_max                      ? 
_reflns.limit_k_min                      ? 
_reflns.limit_l_max                      ? 
_reflns.limit_l_min                      ? 
_reflns.number_all                       ? 
_reflns.number_obs                       31131 
_reflns.observed_criterion               ? 
_reflns.observed_criterion_F_max         ? 
_reflns.observed_criterion_F_min         ? 
_reflns.observed_criterion_I_max         ? 
_reflns.observed_criterion_I_min         ? 
_reflns.observed_criterion_sigma_F       ? 
_reflns.observed_criterion_sigma_I       ? 
_reflns.percent_possible_obs             95.5 
_reflns.R_free_details                   ? 
_reflns.Rmerge_F_all                     ? 
_reflns.Rmerge_F_obs                     ? 
_reflns.Friedel_coverage                 ? 
_reflns.number_gt                        ? 
_reflns.threshold_expression             ? 
_reflns.pdbx_redundancy                  3.8 
_reflns.pdbx_Rmerge_I_obs                0.038 
_reflns.pdbx_Rmerge_I_all                ? 
_reflns.pdbx_Rsym_value                  ? 
_reflns.pdbx_netI_over_av_sigmaI         ? 
_reflns.pdbx_netI_over_sigmaI            17.9 
_reflns.pdbx_res_netI_over_av_sigmaI_2   ? 
_reflns.pdbx_res_netI_over_sigmaI_2      ? 
_reflns.pdbx_chi_squared                 ? 
_reflns.pdbx_scaling_rejects             ? 
_reflns.pdbx_d_res_high_opt              ? 
_reflns.pdbx_d_res_low_opt               ? 
_reflns.pdbx_d_res_opt_method            ? 
_reflns.phase_calculation_details        ? 
_reflns.pdbx_Rrim_I_all                  ? 
_reflns.pdbx_Rpim_I_all                  ? 
_reflns.pdbx_d_opt                       ? 
_reflns.pdbx_number_measured_all         ? 
_reflns.pdbx_diffrn_id                   1 
_reflns.pdbx_ordinal                     1 
_reflns.pdbx_CC_half                     ? 
_reflns.pdbx_R_split                     ? 
# 
_reflns_shell.d_res_high                  1.30 
_reflns_shell.d_res_low                   1.32 
_reflns_shell.meanI_over_sigI_all         ? 
_reflns_shell.meanI_over_sigI_obs         3.9 
_reflns_shell.number_measured_all         ? 
_reflns_shell.number_measured_obs         ? 
_reflns_shell.number_possible             ? 
_reflns_shell.number_unique_all           ? 
_reflns_shell.number_unique_obs           1548 
_reflns_shell.percent_possible_all        95.6 
_reflns_shell.percent_possible_obs        ? 
_reflns_shell.Rmerge_F_all                ? 
_reflns_shell.Rmerge_F_obs                ? 
_reflns_shell.Rmerge_I_all                ? 
_reflns_shell.Rmerge_I_obs                0.329 
_reflns_shell.meanI_over_sigI_gt          ? 
_reflns_shell.meanI_over_uI_all           ? 
_reflns_shell.meanI_over_uI_gt            ? 
_reflns_shell.number_measured_gt          ? 
_reflns_shell.number_unique_gt            ? 
_reflns_shell.percent_possible_gt         ? 
_reflns_shell.Rmerge_F_gt                 ? 
_reflns_shell.Rmerge_I_gt                 ? 
_reflns_shell.pdbx_redundancy             3.9 
_reflns_shell.pdbx_Rsym_value             ? 
_reflns_shell.pdbx_chi_squared            ? 
_reflns_shell.pdbx_netI_over_sigmaI_all   ? 
_reflns_shell.pdbx_netI_over_sigmaI_obs   ? 
_reflns_shell.pdbx_Rrim_I_all             ? 
_reflns_shell.pdbx_Rpim_I_all             ? 
_reflns_shell.pdbx_rejects                ? 
_reflns_shell.pdbx_ordinal                1 
_reflns_shell.pdbx_diffrn_id              1 
_reflns_shell.pdbx_CC_half                ? 
_reflns_shell.pdbx_R_split                ? 
# 
_refine.aniso_B[1][1]                            ? 
_refine.aniso_B[1][2]                            ? 
_refine.aniso_B[1][3]                            ? 
_refine.aniso_B[2][2]                            ? 
_refine.aniso_B[2][3]                            ? 
_refine.aniso_B[3][3]                            ? 
_refine.B_iso_max                                ? 
_refine.B_iso_mean                               20.19 
_refine.B_iso_min                                ? 
_refine.correlation_coeff_Fo_to_Fc               ? 
_refine.correlation_coeff_Fo_to_Fc_free          ? 
_refine.details                                  ? 
_refine.diff_density_max                         ? 
_refine.diff_density_max_esd                     ? 
_refine.diff_density_min                         ? 
_refine.diff_density_min_esd                     ? 
_refine.diff_density_rms                         ? 
_refine.diff_density_rms_esd                     ? 
_refine.entry_id                                 6KJK 
_refine.pdbx_refine_id                           'X-RAY DIFFRACTION' 
_refine.ls_abs_structure_details                 ? 
_refine.ls_abs_structure_Flack                   ? 
_refine.ls_abs_structure_Flack_esd               ? 
_refine.ls_abs_structure_Rogers                  ? 
_refine.ls_abs_structure_Rogers_esd              ? 
_refine.ls_d_res_high                            1.30 
_refine.ls_d_res_low                             46.10 
_refine.ls_extinction_coef                       ? 
_refine.ls_extinction_coef_esd                   ? 
_refine.ls_extinction_expression                 ? 
_refine.ls_extinction_method                     ? 
_refine.ls_goodness_of_fit_all                   ? 
_refine.ls_goodness_of_fit_all_esd               ? 
_refine.ls_goodness_of_fit_obs                   ? 
_refine.ls_goodness_of_fit_obs_esd               ? 
_refine.ls_hydrogen_treatment                    ? 
_refine.ls_matrix_type                           ? 
_refine.ls_number_constraints                    ? 
_refine.ls_number_parameters                     ? 
_refine.ls_number_reflns_all                     ? 
_refine.ls_number_reflns_obs                     31128 
_refine.ls_number_reflns_R_free                  1590 
_refine.ls_number_reflns_R_work                  ? 
_refine.ls_number_restraints                     ? 
_refine.ls_percent_reflns_obs                    95.27 
_refine.ls_percent_reflns_R_free                 5.11 
_refine.ls_R_factor_all                          ? 
_refine.ls_R_factor_obs                          0.1821 
_refine.ls_R_factor_R_free                       0.2030 
_refine.ls_R_factor_R_free_error                 ? 
_refine.ls_R_factor_R_free_error_details         ? 
_refine.ls_R_factor_R_work                       0.1810 
_refine.ls_R_Fsqd_factor_obs                     ? 
_refine.ls_R_I_factor_obs                        ? 
_refine.ls_redundancy_reflns_all                 ? 
_refine.ls_redundancy_reflns_obs                 ? 
_refine.ls_restrained_S_all                      ? 
_refine.ls_restrained_S_obs                      ? 
_refine.ls_shift_over_esd_max                    ? 
_refine.ls_shift_over_esd_mean                   ? 
_refine.ls_structure_factor_coef                 ? 
_refine.ls_weighting_details                     ? 
_refine.ls_weighting_scheme                      ? 
_refine.ls_wR_factor_all                         ? 
_refine.ls_wR_factor_obs                         ? 
_refine.ls_wR_factor_R_free                      ? 
_refine.ls_wR_factor_R_work                      ? 
_refine.occupancy_max                            ? 
_refine.occupancy_min                            ? 
_refine.solvent_model_details                    ? 
_refine.solvent_model_param_bsol                 ? 
_refine.solvent_model_param_ksol                 ? 
_refine.ls_R_factor_gt                           ? 
_refine.ls_goodness_of_fit_gt                    ? 
_refine.ls_goodness_of_fit_ref                   ? 
_refine.ls_shift_over_su_max                     ? 
_refine.ls_shift_over_su_max_lt                  ? 
_refine.ls_shift_over_su_mean                    ? 
_refine.ls_shift_over_su_mean_lt                 ? 
_refine.pdbx_ls_sigma_I                          ? 
_refine.pdbx_ls_sigma_F                          1.34 
_refine.pdbx_ls_sigma_Fsqd                       ? 
_refine.pdbx_data_cutoff_high_absF               ? 
_refine.pdbx_data_cutoff_high_rms_absF           ? 
_refine.pdbx_data_cutoff_low_absF                ? 
_refine.pdbx_isotropic_thermal_model             ? 
_refine.pdbx_ls_cross_valid_method               'FREE R-VALUE' 
_refine.pdbx_method_to_determine_struct          SAD 
_refine.pdbx_starting_model                      ? 
_refine.pdbx_stereochemistry_target_values       ? 
_refine.pdbx_R_Free_selection_details            Random 
_refine.pdbx_stereochem_target_val_spec_case     ? 
_refine.pdbx_overall_ESU_R                       ? 
_refine.pdbx_overall_ESU_R_Free                  ? 
_refine.pdbx_solvent_vdw_probe_radii             1.1100 
_refine.pdbx_solvent_ion_probe_radii             ? 
_refine.pdbx_solvent_shrinkage_radii             0.9000 
_refine.pdbx_real_space_R                        ? 
_refine.pdbx_density_correlation                 ? 
_refine.pdbx_pd_number_of_powder_patterns        ? 
_refine.pdbx_pd_number_of_points                 ? 
_refine.pdbx_pd_meas_number_of_points            ? 
_refine.pdbx_pd_proc_ls_prof_R_factor            ? 
_refine.pdbx_pd_proc_ls_prof_wR_factor           ? 
_refine.pdbx_pd_Marquardt_correlation_coeff      ? 
_refine.pdbx_pd_Fsqrd_R_factor                   ? 
_refine.pdbx_pd_ls_matrix_band_width             ? 
_refine.pdbx_overall_phase_error                 21.1131 
_refine.pdbx_overall_SU_R_free_Cruickshank_DPI   ? 
_refine.pdbx_overall_SU_R_free_Blow_DPI          ? 
_refine.pdbx_overall_SU_R_Blow_DPI               ? 
_refine.pdbx_TLS_residual_ADP_flag               ? 
_refine.pdbx_diffrn_id                           1 
_refine.overall_SU_B                             ? 
_refine.overall_SU_ML                            0.1312 
_refine.overall_SU_R_Cruickshank_DPI             ? 
_refine.overall_SU_R_free                        ? 
_refine.overall_FOM_free_R_set                   ? 
_refine.overall_FOM_work_R_set                   ? 
_refine.pdbx_average_fsc_overall                 ? 
_refine.pdbx_average_fsc_work                    ? 
_refine.pdbx_average_fsc_free                    ? 
# 
_refine_hist.pdbx_refine_id                   'X-RAY DIFFRACTION' 
_refine_hist.cycle_id                         LAST 
_refine_hist.details                          ? 
_refine_hist.d_res_high                       1.30 
_refine_hist.d_res_low                        46.10 
_refine_hist.number_atoms_solvent             145 
_refine_hist.number_atoms_total               1137 
_refine_hist.number_reflns_all                ? 
_refine_hist.number_reflns_obs                ? 
_refine_hist.number_reflns_R_free             ? 
_refine_hist.number_reflns_R_work             ? 
_refine_hist.R_factor_all                     ? 
_refine_hist.R_factor_obs                     ? 
_refine_hist.R_factor_R_free                  ? 
_refine_hist.R_factor_R_work                  ? 
_refine_hist.pdbx_number_residues_total       ? 
_refine_hist.pdbx_B_iso_mean_ligand           ? 
_refine_hist.pdbx_B_iso_mean_solvent          ? 
_refine_hist.pdbx_number_atoms_protein        992 
_refine_hist.pdbx_number_atoms_nucleic_acid   0 
_refine_hist.pdbx_number_atoms_ligand         0 
_refine_hist.pdbx_number_atoms_lipid          ? 
_refine_hist.pdbx_number_atoms_carb           ? 
_refine_hist.pdbx_pseudo_atom_details         ? 
# 
loop_
_refine_ls_restr.pdbx_refine_id 
_refine_ls_restr.criterion 
_refine_ls_restr.dev_ideal 
_refine_ls_restr.dev_ideal_target 
_refine_ls_restr.number 
_refine_ls_restr.rejects 
_refine_ls_restr.type 
_refine_ls_restr.weight 
_refine_ls_restr.pdbx_restraint_function 
'X-RAY DIFFRACTION' ? 0.0093 ? 1026 ? f_bond_d           ? ? 
'X-RAY DIFFRACTION' ? 1.0570 ? 1395 ? f_angle_d          ? ? 
'X-RAY DIFFRACTION' ? 0.1028 ? 161  ? f_chiral_restr     ? ? 
'X-RAY DIFFRACTION' ? 0.0075 ? 184  ? f_plane_restr      ? ? 
'X-RAY DIFFRACTION' ? 3.5935 ? 592  ? f_dihedral_angle_d ? ? 
# 
loop_
_refine_ls_shell.pdbx_refine_id 
_refine_ls_shell.d_res_high 
_refine_ls_shell.d_res_low 
_refine_ls_shell.number_reflns_all 
_refine_ls_shell.number_reflns_obs 
_refine_ls_shell.number_reflns_R_free 
_refine_ls_shell.number_reflns_R_work 
_refine_ls_shell.percent_reflns_obs 
_refine_ls_shell.percent_reflns_R_free 
_refine_ls_shell.R_factor_all 
_refine_ls_shell.R_factor_obs 
_refine_ls_shell.R_factor_R_free 
_refine_ls_shell.R_factor_R_free_error 
_refine_ls_shell.R_factor_R_work 
_refine_ls_shell.redundancy_reflns_all 
_refine_ls_shell.redundancy_reflns_obs 
_refine_ls_shell.wR_factor_all 
_refine_ls_shell.wR_factor_obs 
_refine_ls_shell.wR_factor_R_free 
_refine_ls_shell.wR_factor_R_work 
_refine_ls_shell.pdbx_total_number_of_bins_used 
_refine_ls_shell.pdbx_phase_error 
_refine_ls_shell.pdbx_fsc_work 
_refine_ls_shell.pdbx_fsc_free 
'X-RAY DIFFRACTION' 1.30 1.34  . . 145 2683 95.90 . . . 0.2594 . 0.2261 . . . . . . . . . . 
'X-RAY DIFFRACTION' 1.34 1.39  . . 152 2677 95.22 . . . 0.2499 . 0.2132 . . . . . . . . . . 
'X-RAY DIFFRACTION' 1.39 1.45  . . 125 2548 91.26 . . . 0.2404 . 0.2170 . . . . . . . . . . 
'X-RAY DIFFRACTION' 1.45 1.51  . . 157 2715 97.36 . . . 0.2270 . 0.2028 . . . . . . . . . . 
'X-RAY DIFFRACTION' 1.51 1.59  . . 145 2689 95.32 . . . 0.2289 . 0.1947 . . . . . . . . . . 
'X-RAY DIFFRACTION' 1.59 1.69  . . 125 2601 92.25 . . . 0.2067 . 0.1894 . . . . . . . . . . 
'X-RAY DIFFRACTION' 1.69 1.82  . . 154 2722 96.93 . . . 0.1978 . 0.1811 . . . . . . . . . . 
'X-RAY DIFFRACTION' 1.82 2.00  . . 163 2716 97.00 . . . 0.2037 . 0.1819 . . . . . . . . . . 
'X-RAY DIFFRACTION' 2.00 2.29  . . 141 2650 94.26 . . . 0.2229 . 0.1764 . . . . . . . . . . 
'X-RAY DIFFRACTION' 2.29 2.89  . . 144 2777 97.27 . . . 0.2219 . 0.1902 . . . . . . . . . . 
'X-RAY DIFFRACTION' 2.89 46.07 . . 139 2760 95.11 . . . 0.1665 . 0.1625 . . . . . . . . . . 
# 
_struct.entry_id                     6KJK 
_struct.title                        'Structure of the N-terminal domain of PorA' 
_struct.pdbx_model_details           ? 
_struct.pdbx_formula_weight          ? 
_struct.pdbx_formula_weight_method   ? 
_struct.pdbx_model_type_details      ? 
_struct.pdbx_CASP_flag               N 
# 
_struct_keywords.entry_id        6KJK 
_struct_keywords.text            'T9SS cargo protein, SIGNALING PROTEIN' 
_struct_keywords.pdbx_keywords   'SIGNALING PROTEIN' 
# 
loop_
_struct_asym.id 
_struct_asym.pdbx_blank_PDB_chainid_flag 
_struct_asym.pdbx_modified 
_struct_asym.entity_id 
_struct_asym.details 
A N N 1 ? 
B N N 2 ? 
# 
_struct_ref.id                         1 
_struct_ref.db_name                    UNP 
_struct_ref.db_code                    B2RGZ7_PORG3 
_struct_ref.pdbx_db_accession          B2RGZ7 
_struct_ref.pdbx_db_isoform            ? 
_struct_ref.entity_id                  1 
_struct_ref.pdbx_seq_one_letter_code   
;QVVIKVGDAILENNATVDITAFTTEDGTEEMKFKGMVINQSATPINVIGKITKQEMIGDGHFALCFGQCMLPNVSVSPVV
EVGGEGEPLSLRYTFPVSNEGHTGAFTFSCFPESGAPGTELATVNINFKYKGGGTDLTNIGLGR
;
_struct_ref.pdbx_align_begin           28 
# 
_struct_ref_seq.align_id                      1 
_struct_ref_seq.ref_id                        1 
_struct_ref_seq.pdbx_PDB_id_code              6KJK 
_struct_ref_seq.pdbx_strand_id                A 
_struct_ref_seq.seq_align_beg                 4 
_struct_ref_seq.pdbx_seq_align_beg_ins_code   ? 
_struct_ref_seq.seq_align_end                 147 
_struct_ref_seq.pdbx_seq_align_end_ins_code   ? 
_struct_ref_seq.pdbx_db_accession             B2RGZ7 
_struct_ref_seq.db_align_beg                  28 
_struct_ref_seq.pdbx_db_align_beg_ins_code    ? 
_struct_ref_seq.db_align_end                  171 
_struct_ref_seq.pdbx_db_align_end_ins_code    ? 
_struct_ref_seq.pdbx_auth_seq_align_beg       28 
_struct_ref_seq.pdbx_auth_seq_align_end       171 
# 
loop_
_struct_ref_seq_dif.align_id 
_struct_ref_seq_dif.pdbx_pdb_id_code 
_struct_ref_seq_dif.mon_id 
_struct_ref_seq_dif.pdbx_pdb_strand_id 
_struct_ref_seq_dif.seq_num 
_struct_ref_seq_dif.pdbx_pdb_ins_code 
_struct_ref_seq_dif.pdbx_seq_db_name 
_struct_ref_seq_dif.pdbx_seq_db_accession_code 
_struct_ref_seq_dif.db_mon_id 
_struct_ref_seq_dif.pdbx_seq_db_seq_num 
_struct_ref_seq_dif.details 
_struct_ref_seq_dif.pdbx_auth_seq_num 
_struct_ref_seq_dif.pdbx_ordinal 
1 6KJK GLY A 1 ? UNP B2RGZ7 ? ? 'expression tag' 25 1 
1 6KJK SER A 2 ? UNP B2RGZ7 ? ? 'expression tag' 26 2 
1 6KJK HIS A 3 ? UNP B2RGZ7 ? ? 'expression tag' 27 3 
# 
_pdbx_struct_assembly.id                   1 
_pdbx_struct_assembly.details              author_defined_assembly 
_pdbx_struct_assembly.method_details       ? 
_pdbx_struct_assembly.oligomeric_details   monomeric 
_pdbx_struct_assembly.oligomeric_count     1 
# 
loop_
_pdbx_struct_assembly_prop.biol_id 
_pdbx_struct_assembly_prop.type 
_pdbx_struct_assembly_prop.value 
_pdbx_struct_assembly_prop.details 
1 'ABSA (A^2)' 0    ? 
1 MORE         0    ? 
1 'SSA (A^2)'  6950 ? 
# 
_pdbx_struct_assembly_gen.assembly_id       1 
_pdbx_struct_assembly_gen.oper_expression   1 
_pdbx_struct_assembly_gen.asym_id_list      A,B 
# 
_pdbx_struct_assembly_auth_evidence.id                     1 
_pdbx_struct_assembly_auth_evidence.assembly_id            1 
_pdbx_struct_assembly_auth_evidence.experimental_support   'gel filtration' 
_pdbx_struct_assembly_auth_evidence.details                ? 
# 
_pdbx_struct_oper_list.id                   1 
_pdbx_struct_oper_list.type                 'identity operation' 
_pdbx_struct_oper_list.name                 1_555 
_pdbx_struct_oper_list.symmetry_operation   x,y,z 
_pdbx_struct_oper_list.matrix[1][1]         1.0000000000 
_pdbx_struct_oper_list.matrix[1][2]         0.0000000000 
_pdbx_struct_oper_list.matrix[1][3]         0.0000000000 
_pdbx_struct_oper_list.vector[1]            0.0000000000 
_pdbx_struct_oper_list.matrix[2][1]         0.0000000000 
_pdbx_struct_oper_list.matrix[2][2]         1.0000000000 
_pdbx_struct_oper_list.matrix[2][3]         0.0000000000 
_pdbx_struct_oper_list.vector[2]            0.0000000000 
_pdbx_struct_oper_list.matrix[3][1]         0.0000000000 
_pdbx_struct_oper_list.matrix[3][2]         0.0000000000 
_pdbx_struct_oper_list.matrix[3][3]         1.0000000000 
_pdbx_struct_oper_list.vector[3]            0.0000000000 
# 
_struct_conf.conf_type_id            HELX_P 
_struct_conf.id                      HELX_P1 
_struct_conf.pdbx_PDB_helix_id       AA1 
_struct_conf.beg_label_comp_id       LYS 
_struct_conf.beg_label_asym_id       A 
_struct_conf.beg_label_seq_id        134 
_struct_conf.pdbx_beg_PDB_ins_code   ? 
_struct_conf.end_label_comp_id       GLY 
_struct_conf.end_label_asym_id       A 
_struct_conf.end_label_seq_id        136 
_struct_conf.pdbx_end_PDB_ins_code   ? 
_struct_conf.beg_auth_comp_id        LYS 
_struct_conf.beg_auth_asym_id        A 
_struct_conf.beg_auth_seq_id         158 
_struct_conf.end_auth_comp_id        GLY 
_struct_conf.end_auth_asym_id        A 
_struct_conf.end_auth_seq_id         160 
_struct_conf.pdbx_PDB_helix_class    5 
_struct_conf.details                 ? 
_struct_conf.pdbx_PDB_helix_length   3 
# 
_struct_conf_type.id          HELX_P 
_struct_conf_type.criteria    ? 
_struct_conf_type.reference   ? 
# 
_struct_conn.id                            disulf1 
_struct_conn.conn_type_id                  disulf 
_struct_conn.pdbx_leaving_atom_flag        ? 
_struct_conn.pdbx_PDB_id                   ? 
_struct_conn.ptnr1_label_asym_id           A 
_struct_conn.ptnr1_label_comp_id           CYS 
_struct_conn.ptnr1_label_seq_id            68 
_struct_conn.ptnr1_label_atom_id           SG 
_struct_conn.pdbx_ptnr1_label_alt_id       ? 
_struct_conn.pdbx_ptnr1_PDB_ins_code       ? 
_struct_conn.pdbx_ptnr1_standard_comp_id   ? 
_struct_conn.ptnr1_symmetry                1_555 
_struct_conn.ptnr2_label_asym_id           A 
_struct_conn.ptnr2_label_comp_id           CYS 
_struct_conn.ptnr2_label_seq_id            72 
_struct_conn.ptnr2_label_atom_id           SG 
_struct_conn.pdbx_ptnr2_label_alt_id       ? 
_struct_conn.pdbx_ptnr2_PDB_ins_code       ? 
_struct_conn.ptnr1_auth_asym_id            A 
_struct_conn.ptnr1_auth_comp_id            CYS 
_struct_conn.ptnr1_auth_seq_id             92 
_struct_conn.ptnr2_auth_asym_id            A 
_struct_conn.ptnr2_auth_comp_id            CYS 
_struct_conn.ptnr2_auth_seq_id             96 
_struct_conn.ptnr2_symmetry                1_555 
_struct_conn.pdbx_ptnr3_label_atom_id      ? 
_struct_conn.pdbx_ptnr3_label_seq_id       ? 
_struct_conn.pdbx_ptnr3_label_comp_id      ? 
_struct_conn.pdbx_ptnr3_label_asym_id      ? 
_struct_conn.pdbx_ptnr3_label_alt_id       ? 
_struct_conn.pdbx_ptnr3_PDB_ins_code       ? 
_struct_conn.details                       ? 
_struct_conn.pdbx_dist_value               2.092 
_struct_conn.pdbx_value_order              ? 
_struct_conn.pdbx_role                     ? 
# 
_struct_conn_type.id          disulf 
_struct_conn_type.criteria    ? 
_struct_conn_type.reference   ? 
# 
_pdbx_modification_feature.ordinal                            1 
_pdbx_modification_feature.label_comp_id                      CYS 
_pdbx_modification_feature.label_asym_id                      A 
_pdbx_modification_feature.label_seq_id                       68 
_pdbx_modification_feature.label_alt_id                       ? 
_pdbx_modification_feature.modified_residue_label_comp_id     CYS 
_pdbx_modification_feature.modified_residue_label_asym_id     A 
_pdbx_modification_feature.modified_residue_label_seq_id      72 
_pdbx_modification_feature.modified_residue_label_alt_id      ? 
_pdbx_modification_feature.auth_comp_id                       CYS 
_pdbx_modification_feature.auth_asym_id                       A 
_pdbx_modification_feature.auth_seq_id                        92 
_pdbx_modification_feature.PDB_ins_code                       ? 
_pdbx_modification_feature.symmetry                           1_555 
_pdbx_modification_feature.modified_residue_auth_comp_id      CYS 
_pdbx_modification_feature.modified_residue_auth_asym_id      A 
_pdbx_modification_feature.modified_residue_auth_seq_id       96 
_pdbx_modification_feature.modified_residue_PDB_ins_code      ? 
_pdbx_modification_feature.modified_residue_symmetry          1_555 
_pdbx_modification_feature.comp_id_linking_atom               SG 
_pdbx_modification_feature.modified_residue_id_linking_atom   SG 
_pdbx_modification_feature.modified_residue_id                . 
_pdbx_modification_feature.ref_pcm_id                         . 
_pdbx_modification_feature.ref_comp_id                        . 
_pdbx_modification_feature.type                               None 
_pdbx_modification_feature.category                           'Disulfide bridge' 
# 
loop_
_struct_sheet.id 
_struct_sheet.type 
_struct_sheet.number_strands 
_struct_sheet.details 
AA1 ? 4 ? 
AA2 ? 5 ? 
AA3 ? 5 ? 
# 
loop_
_struct_sheet_order.sheet_id 
_struct_sheet_order.range_id_1 
_struct_sheet_order.range_id_2 
_struct_sheet_order.offset 
_struct_sheet_order.sense 
AA1 1 2 ? anti-parallel 
AA1 2 3 ? anti-parallel 
AA1 3 4 ? anti-parallel 
AA2 1 2 ? anti-parallel 
AA2 2 3 ? anti-parallel 
AA2 3 4 ? anti-parallel 
AA2 4 5 ? anti-parallel 
AA3 1 2 ? parallel      
AA3 2 3 ? anti-parallel 
AA3 3 4 ? anti-parallel 
AA3 4 5 ? anti-parallel 
# 
loop_
_struct_sheet_range.sheet_id 
_struct_sheet_range.id 
_struct_sheet_range.beg_label_comp_id 
_struct_sheet_range.beg_label_asym_id 
_struct_sheet_range.beg_label_seq_id 
_struct_sheet_range.pdbx_beg_PDB_ins_code 
_struct_sheet_range.end_label_comp_id 
_struct_sheet_range.end_label_asym_id 
_struct_sheet_range.end_label_seq_id 
_struct_sheet_range.pdbx_end_PDB_ins_code 
_struct_sheet_range.beg_auth_comp_id 
_struct_sheet_range.beg_auth_asym_id 
_struct_sheet_range.beg_auth_seq_id 
_struct_sheet_range.end_auth_comp_id 
_struct_sheet_range.end_auth_asym_id 
_struct_sheet_range.end_auth_seq_id 
AA1 1 ALA A 12  ? ILE A 13  ? ALA A 36  ILE A 37  
AA1 2 VAL A 5   ? VAL A 9   ? VAL A 29  VAL A 33  
AA1 3 THR A 31  ? ASN A 42  ? THR A 55  ASN A 66  
AA1 4 THR A 26  ? GLU A 28  ? THR A 50  GLU A 52  
AA2 1 ALA A 12  ? ILE A 13  ? ALA A 36  ILE A 37  
AA2 2 VAL A 5   ? VAL A 9   ? VAL A 29  VAL A 33  
AA2 3 THR A 31  ? ASN A 42  ? THR A 55  ASN A 66  
AA2 4 GLU A 90  ? PRO A 99  ? GLU A 114 PRO A 123 
AA2 5 HIS A 64  ? PHE A 69  ? HIS A 88  PHE A 93  
AA3 1 ALA A 18  ? ILE A 22  ? ALA A 42  ILE A 46  
AA3 2 ALA A 125 ? TYR A 133 ? ALA A 149 TYR A 157 
AA3 3 HIS A 105 ? PRO A 115 ? HIS A 129 PRO A 139 
AA3 4 ILE A 48  ? GLU A 58  ? ILE A 72  GLU A 82  
AA3 5 VAL A 83  ? VAL A 85  ? VAL A 107 VAL A 109 
# 
loop_
_pdbx_struct_sheet_hbond.sheet_id 
_pdbx_struct_sheet_hbond.range_id_1 
_pdbx_struct_sheet_hbond.range_id_2 
_pdbx_struct_sheet_hbond.range_1_label_atom_id 
_pdbx_struct_sheet_hbond.range_1_label_comp_id 
_pdbx_struct_sheet_hbond.range_1_label_asym_id 
_pdbx_struct_sheet_hbond.range_1_label_seq_id 
_pdbx_struct_sheet_hbond.range_1_PDB_ins_code 
_pdbx_struct_sheet_hbond.range_1_auth_atom_id 
_pdbx_struct_sheet_hbond.range_1_auth_comp_id 
_pdbx_struct_sheet_hbond.range_1_auth_asym_id 
_pdbx_struct_sheet_hbond.range_1_auth_seq_id 
_pdbx_struct_sheet_hbond.range_2_label_atom_id 
_pdbx_struct_sheet_hbond.range_2_label_comp_id 
_pdbx_struct_sheet_hbond.range_2_label_asym_id 
_pdbx_struct_sheet_hbond.range_2_label_seq_id 
_pdbx_struct_sheet_hbond.range_2_PDB_ins_code 
_pdbx_struct_sheet_hbond.range_2_auth_atom_id 
_pdbx_struct_sheet_hbond.range_2_auth_comp_id 
_pdbx_struct_sheet_hbond.range_2_auth_asym_id 
_pdbx_struct_sheet_hbond.range_2_auth_seq_id 
AA1 1 2 O ALA A 12  ? O ALA A 36  N VAL A 9   ? N VAL A 33  
AA1 2 3 N VAL A 6   ? N VAL A 30  O ILE A 41  ? O ILE A 65  
AA1 3 4 O THR A 31  ? O THR A 55  N GLU A 28  ? N GLU A 52  
AA2 1 2 O ALA A 12  ? O ALA A 36  N VAL A 9   ? N VAL A 33  
AA2 2 3 N VAL A 6   ? N VAL A 30  O ILE A 41  ? O ILE A 65  
AA2 3 4 N GLU A 32  ? N GLU A 56  O PHE A 98  ? O PHE A 122 
AA2 4 5 O SER A 93  ? O SER A 117 N CYS A 68  ? N CYS A 92  
AA3 1 2 N ILE A 22  ? N ILE A 46  O ASN A 130 ? O ASN A 154 
AA3 2 3 O PHE A 131 ? O PHE A 155 N GLY A 107 ? N GLY A 131 
AA3 3 4 O PHE A 114 ? O PHE A 138 N ILE A 51  ? N ILE A 75  
AA3 4 5 N VAL A 50  ? N VAL A 74  O VAL A 83  ? O VAL A 107 
# 
_pdbx_entry_details.entry_id                   6KJK 
_pdbx_entry_details.compound_details           ? 
_pdbx_entry_details.source_details             ? 
_pdbx_entry_details.nonpolymer_details         ? 
_pdbx_entry_details.sequence_details           ? 
_pdbx_entry_details.has_ligand_of_interest     ? 
_pdbx_entry_details.has_protein_modification   Y 
# 
loop_
_pdbx_validate_close_contact.id 
_pdbx_validate_close_contact.PDB_model_num 
_pdbx_validate_close_contact.auth_atom_id_1 
_pdbx_validate_close_contact.auth_asym_id_1 
_pdbx_validate_close_contact.auth_comp_id_1 
_pdbx_validate_close_contact.auth_seq_id_1 
_pdbx_validate_close_contact.PDB_ins_code_1 
_pdbx_validate_close_contact.label_alt_id_1 
_pdbx_validate_close_contact.auth_atom_id_2 
_pdbx_validate_close_contact.auth_asym_id_2 
_pdbx_validate_close_contact.auth_comp_id_2 
_pdbx_validate_close_contact.auth_seq_id_2 
_pdbx_validate_close_contact.PDB_ins_code_2 
_pdbx_validate_close_contact.label_alt_id_2 
_pdbx_validate_close_contact.dist 
1 1 O A HOH 217 ? ? O A HOH 277 ? ? 1.86 
2 1 O A HOH 201 ? ? O A HOH 303 ? ? 2.04 
3 1 O A GLU 108 ? ? O A HOH 201 ? ? 2.08 
4 1 N A ASP 86  ? ? O A HOH 202 ? ? 2.11 
# 
_pdbx_validate_rmsd_angle.id                         1 
_pdbx_validate_rmsd_angle.PDB_model_num              1 
_pdbx_validate_rmsd_angle.auth_atom_id_1             CB 
_pdbx_validate_rmsd_angle.auth_asym_id_1             A 
_pdbx_validate_rmsd_angle.auth_comp_id_1             ASP 
_pdbx_validate_rmsd_angle.auth_seq_id_1              35 
_pdbx_validate_rmsd_angle.PDB_ins_code_1             ? 
_pdbx_validate_rmsd_angle.label_alt_id_1             ? 
_pdbx_validate_rmsd_angle.auth_atom_id_2             CG 
_pdbx_validate_rmsd_angle.auth_asym_id_2             A 
_pdbx_validate_rmsd_angle.auth_comp_id_2             ASP 
_pdbx_validate_rmsd_angle.auth_seq_id_2              35 
_pdbx_validate_rmsd_angle.PDB_ins_code_2             ? 
_pdbx_validate_rmsd_angle.label_alt_id_2             ? 
_pdbx_validate_rmsd_angle.auth_atom_id_3             OD1 
_pdbx_validate_rmsd_angle.auth_asym_id_3             A 
_pdbx_validate_rmsd_angle.auth_comp_id_3             ASP 
_pdbx_validate_rmsd_angle.auth_seq_id_3              35 
_pdbx_validate_rmsd_angle.PDB_ins_code_3             ? 
_pdbx_validate_rmsd_angle.label_alt_id_3             ? 
_pdbx_validate_rmsd_angle.angle_value                123.90 
_pdbx_validate_rmsd_angle.angle_target_value         118.30 
_pdbx_validate_rmsd_angle.angle_deviation            5.60 
_pdbx_validate_rmsd_angle.angle_standard_deviation   0.90 
_pdbx_validate_rmsd_angle.linker_flag                N 
# 
_pdbx_validate_torsion.id              1 
_pdbx_validate_torsion.PDB_model_num   1 
_pdbx_validate_torsion.auth_comp_id    GLU 
_pdbx_validate_torsion.auth_asym_id    A 
_pdbx_validate_torsion.auth_seq_id     140 
_pdbx_validate_torsion.PDB_ins_code    ? 
_pdbx_validate_torsion.label_alt_id    ? 
_pdbx_validate_torsion.phi             -37.00 
_pdbx_validate_torsion.psi             -38.06 
# 
loop_
_pdbx_struct_special_symmetry.id 
_pdbx_struct_special_symmetry.PDB_model_num 
_pdbx_struct_special_symmetry.auth_asym_id 
_pdbx_struct_special_symmetry.auth_comp_id 
_pdbx_struct_special_symmetry.auth_seq_id 
_pdbx_struct_special_symmetry.PDB_ins_code 
_pdbx_struct_special_symmetry.label_asym_id 
_pdbx_struct_special_symmetry.label_comp_id 
_pdbx_struct_special_symmetry.label_seq_id 
1 1 A HOH 253 ? B HOH . 
2 1 A HOH 301 ? B HOH . 
# 
loop_
_space_group_symop.id 
_space_group_symop.operation_xyz 
1 x,y,z           
2 -x,y,-z         
3 x+1/2,y+1/2,z   
4 -x+1/2,y+1/2,-z 
# 
loop_
_pdbx_unobs_or_zero_occ_residues.id 
_pdbx_unobs_or_zero_occ_residues.PDB_model_num 
_pdbx_unobs_or_zero_occ_residues.polymer_flag 
_pdbx_unobs_or_zero_occ_residues.occupancy_flag 
_pdbx_unobs_or_zero_occ_residues.auth_asym_id 
_pdbx_unobs_or_zero_occ_residues.auth_comp_id 
_pdbx_unobs_or_zero_occ_residues.auth_seq_id 
_pdbx_unobs_or_zero_occ_residues.PDB_ins_code 
_pdbx_unobs_or_zero_occ_residues.label_asym_id 
_pdbx_unobs_or_zero_occ_residues.label_comp_id 
_pdbx_unobs_or_zero_occ_residues.label_seq_id 
1  1 Y 1 A GLY 25  ? A GLY 1   
2  1 Y 1 A SER 26  ? A SER 2   
3  1 Y 1 A HIS 27  ? A HIS 3   
4  1 Y 1 A THR 162 ? A THR 138 
5  1 Y 1 A ASP 163 ? A ASP 139 
6  1 Y 1 A LEU 164 ? A LEU 140 
7  1 Y 1 A THR 165 ? A THR 141 
8  1 Y 1 A ASN 166 ? A ASN 142 
9  1 Y 1 A ILE 167 ? A ILE 143 
10 1 Y 1 A GLY 168 ? A GLY 144 
11 1 Y 1 A LEU 169 ? A LEU 145 
12 1 Y 1 A GLY 170 ? A GLY 146 
13 1 Y 1 A ARG 171 ? A ARG 147 
# 
loop_
_chem_comp_atom.comp_id 
_chem_comp_atom.atom_id 
_chem_comp_atom.type_symbol 
_chem_comp_atom.pdbx_aromatic_flag 
_chem_comp_atom.pdbx_stereo_config 
_chem_comp_atom.pdbx_ordinal 
ALA N    N N N 1   
ALA CA   C N S 2   
ALA C    C N N 3   
ALA O    O N N 4   
ALA CB   C N N 5   
ALA OXT  O N N 6   
ALA H    H N N 7   
ALA H2   H N N 8   
ALA HA   H N N 9   
ALA HB1  H N N 10  
ALA HB2  H N N 11  
ALA HB3  H N N 12  
ALA HXT  H N N 13  
ARG N    N N N 14  
ARG CA   C N S 15  
ARG C    C N N 16  
ARG O    O N N 17  
ARG CB   C N N 18  
ARG CG   C N N 19  
ARG CD   C N N 20  
ARG NE   N N N 21  
ARG CZ   C N N 22  
ARG NH1  N N N 23  
ARG NH2  N N N 24  
ARG OXT  O N N 25  
ARG H    H N N 26  
ARG H2   H N N 27  
ARG HA   H N N 28  
ARG HB2  H N N 29  
ARG HB3  H N N 30  
ARG HG2  H N N 31  
ARG HG3  H N N 32  
ARG HD2  H N N 33  
ARG HD3  H N N 34  
ARG HE   H N N 35  
ARG HH11 H N N 36  
ARG HH12 H N N 37  
ARG HH21 H N N 38  
ARG HH22 H N N 39  
ARG HXT  H N N 40  
ASN N    N N N 41  
ASN CA   C N S 42  
ASN C    C N N 43  
ASN O    O N N 44  
ASN CB   C N N 45  
ASN CG   C N N 46  
ASN OD1  O N N 47  
ASN ND2  N N N 48  
ASN OXT  O N N 49  
ASN H    H N N 50  
ASN H2   H N N 51  
ASN HA   H N N 52  
ASN HB2  H N N 53  
ASN HB3  H N N 54  
ASN HD21 H N N 55  
ASN HD22 H N N 56  
ASN HXT  H N N 57  
ASP N    N N N 58  
ASP CA   C N S 59  
ASP C    C N N 60  
ASP O    O N N 61  
ASP CB   C N N 62  
ASP CG   C N N 63  
ASP OD1  O N N 64  
ASP OD2  O N N 65  
ASP OXT  O N N 66  
ASP H    H N N 67  
ASP H2   H N N 68  
ASP HA   H N N 69  
ASP HB2  H N N 70  
ASP HB3  H N N 71  
ASP HD2  H N N 72  
ASP HXT  H N N 73  
CYS N    N N N 74  
CYS CA   C N R 75  
CYS C    C N N 76  
CYS O    O N N 77  
CYS CB   C N N 78  
CYS SG   S N N 79  
CYS OXT  O N N 80  
CYS H    H N N 81  
CYS H2   H N N 82  
CYS HA   H N N 83  
CYS HB2  H N N 84  
CYS HB3  H N N 85  
CYS HG   H N N 86  
CYS HXT  H N N 87  
GLN N    N N N 88  
GLN CA   C N S 89  
GLN C    C N N 90  
GLN O    O N N 91  
GLN CB   C N N 92  
GLN CG   C N N 93  
GLN CD   C N N 94  
GLN OE1  O N N 95  
GLN NE2  N N N 96  
GLN OXT  O N N 97  
GLN H    H N N 98  
GLN H2   H N N 99  
GLN HA   H N N 100 
GLN HB2  H N N 101 
GLN HB3  H N N 102 
GLN HG2  H N N 103 
GLN HG3  H N N 104 
GLN HE21 H N N 105 
GLN HE22 H N N 106 
GLN HXT  H N N 107 
GLU N    N N N 108 
GLU CA   C N S 109 
GLU C    C N N 110 
GLU O    O N N 111 
GLU CB   C N N 112 
GLU CG   C N N 113 
GLU CD   C N N 114 
GLU OE1  O N N 115 
GLU OE2  O N N 116 
GLU OXT  O N N 117 
GLU H    H N N 118 
GLU H2   H N N 119 
GLU HA   H N N 120 
GLU HB2  H N N 121 
GLU HB3  H N N 122 
GLU HG2  H N N 123 
GLU HG3  H N N 124 
GLU HE2  H N N 125 
GLU HXT  H N N 126 
GLY N    N N N 127 
GLY CA   C N N 128 
GLY C    C N N 129 
GLY O    O N N 130 
GLY OXT  O N N 131 
GLY H    H N N 132 
GLY H2   H N N 133 
GLY HA2  H N N 134 
GLY HA3  H N N 135 
GLY HXT  H N N 136 
HIS N    N N N 137 
HIS CA   C N S 138 
HIS C    C N N 139 
HIS O    O N N 140 
HIS CB   C N N 141 
HIS CG   C Y N 142 
HIS ND1  N Y N 143 
HIS CD2  C Y N 144 
HIS CE1  C Y N 145 
HIS NE2  N Y N 146 
HIS OXT  O N N 147 
HIS H    H N N 148 
HIS H2   H N N 149 
HIS HA   H N N 150 
HIS HB2  H N N 151 
HIS HB3  H N N 152 
HIS HD1  H N N 153 
HIS HD2  H N N 154 
HIS HE1  H N N 155 
HIS HE2  H N N 156 
HIS HXT  H N N 157 
HOH O    O N N 158 
HOH H1   H N N 159 
HOH H2   H N N 160 
ILE N    N N N 161 
ILE CA   C N S 162 
ILE C    C N N 163 
ILE O    O N N 164 
ILE CB   C N S 165 
ILE CG1  C N N 166 
ILE CG2  C N N 167 
ILE CD1  C N N 168 
ILE OXT  O N N 169 
ILE H    H N N 170 
ILE H2   H N N 171 
ILE HA   H N N 172 
ILE HB   H N N 173 
ILE HG12 H N N 174 
ILE HG13 H N N 175 
ILE HG21 H N N 176 
ILE HG22 H N N 177 
ILE HG23 H N N 178 
ILE HD11 H N N 179 
ILE HD12 H N N 180 
ILE HD13 H N N 181 
ILE HXT  H N N 182 
LEU N    N N N 183 
LEU CA   C N S 184 
LEU C    C N N 185 
LEU O    O N N 186 
LEU CB   C N N 187 
LEU CG   C N N 188 
LEU CD1  C N N 189 
LEU CD2  C N N 190 
LEU OXT  O N N 191 
LEU H    H N N 192 
LEU H2   H N N 193 
LEU HA   H N N 194 
LEU HB2  H N N 195 
LEU HB3  H N N 196 
LEU HG   H N N 197 
LEU HD11 H N N 198 
LEU HD12 H N N 199 
LEU HD13 H N N 200 
LEU HD21 H N N 201 
LEU HD22 H N N 202 
LEU HD23 H N N 203 
LEU HXT  H N N 204 
LYS N    N N N 205 
LYS CA   C N S 206 
LYS C    C N N 207 
LYS O    O N N 208 
LYS CB   C N N 209 
LYS CG   C N N 210 
LYS CD   C N N 211 
LYS CE   C N N 212 
LYS NZ   N N N 213 
LYS OXT  O N N 214 
LYS H    H N N 215 
LYS H2   H N N 216 
LYS HA   H N N 217 
LYS HB2  H N N 218 
LYS HB3  H N N 219 
LYS HG2  H N N 220 
LYS HG3  H N N 221 
LYS HD2  H N N 222 
LYS HD3  H N N 223 
LYS HE2  H N N 224 
LYS HE3  H N N 225 
LYS HZ1  H N N 226 
LYS HZ2  H N N 227 
LYS HZ3  H N N 228 
LYS HXT  H N N 229 
MET N    N N N 230 
MET CA   C N S 231 
MET C    C N N 232 
MET O    O N N 233 
MET CB   C N N 234 
MET CG   C N N 235 
MET SD   S N N 236 
MET CE   C N N 237 
MET OXT  O N N 238 
MET H    H N N 239 
MET H2   H N N 240 
MET HA   H N N 241 
MET HB2  H N N 242 
MET HB3  H N N 243 
MET HG2  H N N 244 
MET HG3  H N N 245 
MET HE1  H N N 246 
MET HE2  H N N 247 
MET HE3  H N N 248 
MET HXT  H N N 249 
PHE N    N N N 250 
PHE CA   C N S 251 
PHE C    C N N 252 
PHE O    O N N 253 
PHE CB   C N N 254 
PHE CG   C Y N 255 
PHE CD1  C Y N 256 
PHE CD2  C Y N 257 
PHE CE1  C Y N 258 
PHE CE2  C Y N 259 
PHE CZ   C Y N 260 
PHE OXT  O N N 261 
PHE H    H N N 262 
PHE H2   H N N 263 
PHE HA   H N N 264 
PHE HB2  H N N 265 
PHE HB3  H N N 266 
PHE HD1  H N N 267 
PHE HD2  H N N 268 
PHE HE1  H N N 269 
PHE HE2  H N N 270 
PHE HZ   H N N 271 
PHE HXT  H N N 272 
PRO N    N N N 273 
PRO CA   C N S 274 
PRO C    C N N 275 
PRO O    O N N 276 
PRO CB   C N N 277 
PRO CG   C N N 278 
PRO CD   C N N 279 
PRO OXT  O N N 280 
PRO H    H N N 281 
PRO HA   H N N 282 
PRO HB2  H N N 283 
PRO HB3  H N N 284 
PRO HG2  H N N 285 
PRO HG3  H N N 286 
PRO HD2  H N N 287 
PRO HD3  H N N 288 
PRO HXT  H N N 289 
SER N    N N N 290 
SER CA   C N S 291 
SER C    C N N 292 
SER O    O N N 293 
SER CB   C N N 294 
SER OG   O N N 295 
SER OXT  O N N 296 
SER H    H N N 297 
SER H2   H N N 298 
SER HA   H N N 299 
SER HB2  H N N 300 
SER HB3  H N N 301 
SER HG   H N N 302 
SER HXT  H N N 303 
THR N    N N N 304 
THR CA   C N S 305 
THR C    C N N 306 
THR O    O N N 307 
THR CB   C N R 308 
THR OG1  O N N 309 
THR CG2  C N N 310 
THR OXT  O N N 311 
THR H    H N N 312 
THR H2   H N N 313 
THR HA   H N N 314 
THR HB   H N N 315 
THR HG1  H N N 316 
THR HG21 H N N 317 
THR HG22 H N N 318 
THR HG23 H N N 319 
THR HXT  H N N 320 
TYR N    N N N 321 
TYR CA   C N S 322 
TYR C    C N N 323 
TYR O    O N N 324 
TYR CB   C N N 325 
TYR CG   C Y N 326 
TYR CD1  C Y N 327 
TYR CD2  C Y N 328 
TYR CE1  C Y N 329 
TYR CE2  C Y N 330 
TYR CZ   C Y N 331 
TYR OH   O N N 332 
TYR OXT  O N N 333 
TYR H    H N N 334 
TYR H2   H N N 335 
TYR HA   H N N 336 
TYR HB2  H N N 337 
TYR HB3  H N N 338 
TYR HD1  H N N 339 
TYR HD2  H N N 340 
TYR HE1  H N N 341 
TYR HE2  H N N 342 
TYR HH   H N N 343 
TYR HXT  H N N 344 
VAL N    N N N 345 
VAL CA   C N S 346 
VAL C    C N N 347 
VAL O    O N N 348 
VAL CB   C N N 349 
VAL CG1  C N N 350 
VAL CG2  C N N 351 
VAL OXT  O N N 352 
VAL H    H N N 353 
VAL H2   H N N 354 
VAL HA   H N N 355 
VAL HB   H N N 356 
VAL HG11 H N N 357 
VAL HG12 H N N 358 
VAL HG13 H N N 359 
VAL HG21 H N N 360 
VAL HG22 H N N 361 
VAL HG23 H N N 362 
VAL HXT  H N N 363 
# 
loop_
_chem_comp_bond.comp_id 
_chem_comp_bond.atom_id_1 
_chem_comp_bond.atom_id_2 
_chem_comp_bond.value_order 
_chem_comp_bond.pdbx_aromatic_flag 
_chem_comp_bond.pdbx_stereo_config 
_chem_comp_bond.pdbx_ordinal 
ALA N   CA   sing N N 1   
ALA N   H    sing N N 2   
ALA N   H2   sing N N 3   
ALA CA  C    sing N N 4   
ALA CA  CB   sing N N 5   
ALA CA  HA   sing N N 6   
ALA C   O    doub N N 7   
ALA C   OXT  sing N N 8   
ALA CB  HB1  sing N N 9   
ALA CB  HB2  sing N N 10  
ALA CB  HB3  sing N N 11  
ALA OXT HXT  sing N N 12  
ARG N   CA   sing N N 13  
ARG N   H    sing N N 14  
ARG N   H2   sing N N 15  
ARG CA  C    sing N N 16  
ARG CA  CB   sing N N 17  
ARG CA  HA   sing N N 18  
ARG C   O    doub N N 19  
ARG C   OXT  sing N N 20  
ARG CB  CG   sing N N 21  
ARG CB  HB2  sing N N 22  
ARG CB  HB3  sing N N 23  
ARG CG  CD   sing N N 24  
ARG CG  HG2  sing N N 25  
ARG CG  HG3  sing N N 26  
ARG CD  NE   sing N N 27  
ARG CD  HD2  sing N N 28  
ARG CD  HD3  sing N N 29  
ARG NE  CZ   sing N N 30  
ARG NE  HE   sing N N 31  
ARG CZ  NH1  sing N N 32  
ARG CZ  NH2  doub N N 33  
ARG NH1 HH11 sing N N 34  
ARG NH1 HH12 sing N N 35  
ARG NH2 HH21 sing N N 36  
ARG NH2 HH22 sing N N 37  
ARG OXT HXT  sing N N 38  
ASN N   CA   sing N N 39  
ASN N   H    sing N N 40  
ASN N   H2   sing N N 41  
ASN CA  C    sing N N 42  
ASN CA  CB   sing N N 43  
ASN CA  HA   sing N N 44  
ASN C   O    doub N N 45  
ASN C   OXT  sing N N 46  
ASN CB  CG   sing N N 47  
ASN CB  HB2  sing N N 48  
ASN CB  HB3  sing N N 49  
ASN CG  OD1  doub N N 50  
ASN CG  ND2  sing N N 51  
ASN ND2 HD21 sing N N 52  
ASN ND2 HD22 sing N N 53  
ASN OXT HXT  sing N N 54  
ASP N   CA   sing N N 55  
ASP N   H    sing N N 56  
ASP N   H2   sing N N 57  
ASP CA  C    sing N N 58  
ASP CA  CB   sing N N 59  
ASP CA  HA   sing N N 60  
ASP C   O    doub N N 61  
ASP C   OXT  sing N N 62  
ASP CB  CG   sing N N 63  
ASP CB  HB2  sing N N 64  
ASP CB  HB3  sing N N 65  
ASP CG  OD1  doub N N 66  
ASP CG  OD2  sing N N 67  
ASP OD2 HD2  sing N N 68  
ASP OXT HXT  sing N N 69  
CYS N   CA   sing N N 70  
CYS N   H    sing N N 71  
CYS N   H2   sing N N 72  
CYS CA  C    sing N N 73  
CYS CA  CB   sing N N 74  
CYS CA  HA   sing N N 75  
CYS C   O    doub N N 76  
CYS C   OXT  sing N N 77  
CYS CB  SG   sing N N 78  
CYS CB  HB2  sing N N 79  
CYS CB  HB3  sing N N 80  
CYS SG  HG   sing N N 81  
CYS OXT HXT  sing N N 82  
GLN N   CA   sing N N 83  
GLN N   H    sing N N 84  
GLN N   H2   sing N N 85  
GLN CA  C    sing N N 86  
GLN CA  CB   sing N N 87  
GLN CA  HA   sing N N 88  
GLN C   O    doub N N 89  
GLN C   OXT  sing N N 90  
GLN CB  CG   sing N N 91  
GLN CB  HB2  sing N N 92  
GLN CB  HB3  sing N N 93  
GLN CG  CD   sing N N 94  
GLN CG  HG2  sing N N 95  
GLN CG  HG3  sing N N 96  
GLN CD  OE1  doub N N 97  
GLN CD  NE2  sing N N 98  
GLN NE2 HE21 sing N N 99  
GLN NE2 HE22 sing N N 100 
GLN OXT HXT  sing N N 101 
GLU N   CA   sing N N 102 
GLU N   H    sing N N 103 
GLU N   H2   sing N N 104 
GLU CA  C    sing N N 105 
GLU CA  CB   sing N N 106 
GLU CA  HA   sing N N 107 
GLU C   O    doub N N 108 
GLU C   OXT  sing N N 109 
GLU CB  CG   sing N N 110 
GLU CB  HB2  sing N N 111 
GLU CB  HB3  sing N N 112 
GLU CG  CD   sing N N 113 
GLU CG  HG2  sing N N 114 
GLU CG  HG3  sing N N 115 
GLU CD  OE1  doub N N 116 
GLU CD  OE2  sing N N 117 
GLU OE2 HE2  sing N N 118 
GLU OXT HXT  sing N N 119 
GLY N   CA   sing N N 120 
GLY N   H    sing N N 121 
GLY N   H2   sing N N 122 
GLY CA  C    sing N N 123 
GLY CA  HA2  sing N N 124 
GLY CA  HA3  sing N N 125 
GLY C   O    doub N N 126 
GLY C   OXT  sing N N 127 
GLY OXT HXT  sing N N 128 
HIS N   CA   sing N N 129 
HIS N   H    sing N N 130 
HIS N   H2   sing N N 131 
HIS CA  C    sing N N 132 
HIS CA  CB   sing N N 133 
HIS CA  HA   sing N N 134 
HIS C   O    doub N N 135 
HIS C   OXT  sing N N 136 
HIS CB  CG   sing N N 137 
HIS CB  HB2  sing N N 138 
HIS CB  HB3  sing N N 139 
HIS CG  ND1  sing Y N 140 
HIS CG  CD2  doub Y N 141 
HIS ND1 CE1  doub Y N 142 
HIS ND1 HD1  sing N N 143 
HIS CD2 NE2  sing Y N 144 
HIS CD2 HD2  sing N N 145 
HIS CE1 NE2  sing Y N 146 
HIS CE1 HE1  sing N N 147 
HIS NE2 HE2  sing N N 148 
HIS OXT HXT  sing N N 149 
HOH O   H1   sing N N 150 
HOH O   H2   sing N N 151 
ILE N   CA   sing N N 152 
ILE N   H    sing N N 153 
ILE N   H2   sing N N 154 
ILE CA  C    sing N N 155 
ILE CA  CB   sing N N 156 
ILE CA  HA   sing N N 157 
ILE C   O    doub N N 158 
ILE C   OXT  sing N N 159 
ILE CB  CG1  sing N N 160 
ILE CB  CG2  sing N N 161 
ILE CB  HB   sing N N 162 
ILE CG1 CD1  sing N N 163 
ILE CG1 HG12 sing N N 164 
ILE CG1 HG13 sing N N 165 
ILE CG2 HG21 sing N N 166 
ILE CG2 HG22 sing N N 167 
ILE CG2 HG23 sing N N 168 
ILE CD1 HD11 sing N N 169 
ILE CD1 HD12 sing N N 170 
ILE CD1 HD13 sing N N 171 
ILE OXT HXT  sing N N 172 
LEU N   CA   sing N N 173 
LEU N   H    sing N N 174 
LEU N   H2   sing N N 175 
LEU CA  C    sing N N 176 
LEU CA  CB   sing N N 177 
LEU CA  HA   sing N N 178 
LEU C   O    doub N N 179 
LEU C   OXT  sing N N 180 
LEU CB  CG   sing N N 181 
LEU CB  HB2  sing N N 182 
LEU CB  HB3  sing N N 183 
LEU CG  CD1  sing N N 184 
LEU CG  CD2  sing N N 185 
LEU CG  HG   sing N N 186 
LEU CD1 HD11 sing N N 187 
LEU CD1 HD12 sing N N 188 
LEU CD1 HD13 sing N N 189 
LEU CD2 HD21 sing N N 190 
LEU CD2 HD22 sing N N 191 
LEU CD2 HD23 sing N N 192 
LEU OXT HXT  sing N N 193 
LYS N   CA   sing N N 194 
LYS N   H    sing N N 195 
LYS N   H2   sing N N 196 
LYS CA  C    sing N N 197 
LYS CA  CB   sing N N 198 
LYS CA  HA   sing N N 199 
LYS C   O    doub N N 200 
LYS C   OXT  sing N N 201 
LYS CB  CG   sing N N 202 
LYS CB  HB2  sing N N 203 
LYS CB  HB3  sing N N 204 
LYS CG  CD   sing N N 205 
LYS CG  HG2  sing N N 206 
LYS CG  HG3  sing N N 207 
LYS CD  CE   sing N N 208 
LYS CD  HD2  sing N N 209 
LYS CD  HD3  sing N N 210 
LYS CE  NZ   sing N N 211 
LYS CE  HE2  sing N N 212 
LYS CE  HE3  sing N N 213 
LYS NZ  HZ1  sing N N 214 
LYS NZ  HZ2  sing N N 215 
LYS NZ  HZ3  sing N N 216 
LYS OXT HXT  sing N N 217 
MET N   CA   sing N N 218 
MET N   H    sing N N 219 
MET N   H2   sing N N 220 
MET CA  C    sing N N 221 
MET CA  CB   sing N N 222 
MET CA  HA   sing N N 223 
MET C   O    doub N N 224 
MET C   OXT  sing N N 225 
MET CB  CG   sing N N 226 
MET CB  HB2  sing N N 227 
MET CB  HB3  sing N N 228 
MET CG  SD   sing N N 229 
MET CG  HG2  sing N N 230 
MET CG  HG3  sing N N 231 
MET SD  CE   sing N N 232 
MET CE  HE1  sing N N 233 
MET CE  HE2  sing N N 234 
MET CE  HE3  sing N N 235 
MET OXT HXT  sing N N 236 
PHE N   CA   sing N N 237 
PHE N   H    sing N N 238 
PHE N   H2   sing N N 239 
PHE CA  C    sing N N 240 
PHE CA  CB   sing N N 241 
PHE CA  HA   sing N N 242 
PHE C   O    doub N N 243 
PHE C   OXT  sing N N 244 
PHE CB  CG   sing N N 245 
PHE CB  HB2  sing N N 246 
PHE CB  HB3  sing N N 247 
PHE CG  CD1  doub Y N 248 
PHE CG  CD2  sing Y N 249 
PHE CD1 CE1  sing Y N 250 
PHE CD1 HD1  sing N N 251 
PHE CD2 CE2  doub Y N 252 
PHE CD2 HD2  sing N N 253 
PHE CE1 CZ   doub Y N 254 
PHE CE1 HE1  sing N N 255 
PHE CE2 CZ   sing Y N 256 
PHE CE2 HE2  sing N N 257 
PHE CZ  HZ   sing N N 258 
PHE OXT HXT  sing N N 259 
PRO N   CA   sing N N 260 
PRO N   CD   sing N N 261 
PRO N   H    sing N N 262 
PRO CA  C    sing N N 263 
PRO CA  CB   sing N N 264 
PRO CA  HA   sing N N 265 
PRO C   O    doub N N 266 
PRO C   OXT  sing N N 267 
PRO CB  CG   sing N N 268 
PRO CB  HB2  sing N N 269 
PRO CB  HB3  sing N N 270 
PRO CG  CD   sing N N 271 
PRO CG  HG2  sing N N 272 
PRO CG  HG3  sing N N 273 
PRO CD  HD2  sing N N 274 
PRO CD  HD3  sing N N 275 
PRO OXT HXT  sing N N 276 
SER N   CA   sing N N 277 
SER N   H    sing N N 278 
SER N   H2   sing N N 279 
SER CA  C    sing N N 280 
SER CA  CB   sing N N 281 
SER CA  HA   sing N N 282 
SER C   O    doub N N 283 
SER C   OXT  sing N N 284 
SER CB  OG   sing N N 285 
SER CB  HB2  sing N N 286 
SER CB  HB3  sing N N 287 
SER OG  HG   sing N N 288 
SER OXT HXT  sing N N 289 
THR N   CA   sing N N 290 
THR N   H    sing N N 291 
THR N   H2   sing N N 292 
THR CA  C    sing N N 293 
THR CA  CB   sing N N 294 
THR CA  HA   sing N N 295 
THR C   O    doub N N 296 
THR C   OXT  sing N N 297 
THR CB  OG1  sing N N 298 
THR CB  CG2  sing N N 299 
THR CB  HB   sing N N 300 
THR OG1 HG1  sing N N 301 
THR CG2 HG21 sing N N 302 
THR CG2 HG22 sing N N 303 
THR CG2 HG23 sing N N 304 
THR OXT HXT  sing N N 305 
TYR N   CA   sing N N 306 
TYR N   H    sing N N 307 
TYR N   H2   sing N N 308 
TYR CA  C    sing N N 309 
TYR CA  CB   sing N N 310 
TYR CA  HA   sing N N 311 
TYR C   O    doub N N 312 
TYR C   OXT  sing N N 313 
TYR CB  CG   sing N N 314 
TYR CB  HB2  sing N N 315 
TYR CB  HB3  sing N N 316 
TYR CG  CD1  doub Y N 317 
TYR CG  CD2  sing Y N 318 
TYR CD1 CE1  sing Y N 319 
TYR CD1 HD1  sing N N 320 
TYR CD2 CE2  doub Y N 321 
TYR CD2 HD2  sing N N 322 
TYR CE1 CZ   doub Y N 323 
TYR CE1 HE1  sing N N 324 
TYR CE2 CZ   sing Y N 325 
TYR CE2 HE2  sing N N 326 
TYR CZ  OH   sing N N 327 
TYR OH  HH   sing N N 328 
TYR OXT HXT  sing N N 329 
VAL N   CA   sing N N 330 
VAL N   H    sing N N 331 
VAL N   H2   sing N N 332 
VAL CA  C    sing N N 333 
VAL CA  CB   sing N N 334 
VAL CA  HA   sing N N 335 
VAL C   O    doub N N 336 
VAL C   OXT  sing N N 337 
VAL CB  CG1  sing N N 338 
VAL CB  CG2  sing N N 339 
VAL CB  HB   sing N N 340 
VAL CG1 HG11 sing N N 341 
VAL CG1 HG12 sing N N 342 
VAL CG1 HG13 sing N N 343 
VAL CG2 HG21 sing N N 344 
VAL CG2 HG22 sing N N 345 
VAL CG2 HG23 sing N N 346 
VAL OXT HXT  sing N N 347 
# 
_pdbx_audit_support.funding_organization   'Japan Society for the Promotion of Science' 
_pdbx_audit_support.country                Japan 
_pdbx_audit_support.grant_number           16H05504 
_pdbx_audit_support.ordinal                1 
# 
_space_group.name_H-M_alt     'C 1 2 1' 
_space_group.name_Hall        'C 2y' 
_space_group.IT_number        5 
_space_group.crystal_system   monoclinic 
_space_group.id               1 
# 
_atom_sites.entry_id                    6KJK 
_atom_sites.Cartn_transf_matrix[1][1]   ? 
_atom_sites.Cartn_transf_matrix[1][2]   ? 
_atom_sites.Cartn_transf_matrix[1][3]   ? 
_atom_sites.Cartn_transf_matrix[2][1]   ? 
_atom_sites.Cartn_transf_matrix[2][2]   ? 
_atom_sites.Cartn_transf_matrix[2][3]   ? 
_atom_sites.Cartn_transf_matrix[3][1]   ? 
_atom_sites.Cartn_transf_matrix[3][2]   ? 
_atom_sites.Cartn_transf_matrix[3][3]   ? 
_atom_sites.Cartn_transf_vector[1]      ? 
_atom_sites.Cartn_transf_vector[2]      ? 
_atom_sites.Cartn_transf_vector[3]      ? 
_atom_sites.fract_transf_matrix[1][1]   -0.00817478 
_atom_sites.fract_transf_matrix[1][2]   0.01123400 
_atom_sites.fract_transf_matrix[1][3]   0.00724779 
_atom_sites.fract_transf_matrix[2][1]   0.00514652 
_atom_sites.fract_transf_matrix[2][2]   0.01475377 
_atom_sites.fract_transf_matrix[2][3]   -0.01706343 
_atom_sites.fract_transf_matrix[3][1]   -0.02054672 
_atom_sites.fract_transf_matrix[3][2]   -0.00085875 
_atom_sites.fract_transf_matrix[3][3]   -0.00693963 
_atom_sites.fract_transf_vector[1]      0.392994 
_atom_sites.fract_transf_vector[2]      0.462423 
_atom_sites.fract_transf_vector[3]      0.700721 
_atom_sites.solution_primary            ? 
_atom_sites.solution_secondary          ? 
_atom_sites.solution_hydrogens          ? 
_atom_sites.special_details             ? 
# 
loop_
_atom_type.symbol 
_atom_type.scat_dispersion_real 
_atom_type.scat_dispersion_imag 
_atom_type.scat_Cromer_Mann_a1 
_atom_type.scat_Cromer_Mann_a2 
_atom_type.scat_Cromer_Mann_a3 
_atom_type.scat_Cromer_Mann_a4 
_atom_type.scat_Cromer_Mann_b1 
_atom_type.scat_Cromer_Mann_b2 
_atom_type.scat_Cromer_Mann_b3 
_atom_type.scat_Cromer_Mann_b4 
_atom_type.scat_Cromer_Mann_c 
_atom_type.scat_source 
_atom_type.scat_dispersion_source 
C ? ? 3.54356 2.42580 ? ? 25.62398 1.50364  ? ? 0.0 
;2-Gaussian fit: Grosse-Kunstleve RW, Sauter NK, Adams PD: Newsletter of the IUCr Commission on Crystallographic Computing 2004, 3, 22-31.
;
? 
N ? ? 4.01032 2.96436 ? ? 19.97189 1.75589  ? ? 0.0 
;2-Gaussian fit: Grosse-Kunstleve RW, Sauter NK, Adams PD: Newsletter of the IUCr Commission on Crystallographic Computing 2004, 3, 22-31.
;
? 
O ? ? 4.49882 3.47563 ? ? 15.80542 1.70748  ? ? 0.0 
;2-Gaussian fit: Grosse-Kunstleve RW, Sauter NK, Adams PD: Newsletter of the IUCr Commission on Crystallographic Computing 2004, 3, 22-31.
;
? 
S ? ? 9.55732 6.39887 ? ? 1.23737  29.19336 ? ? 0.0 
;2-Gaussian fit: Grosse-Kunstleve RW, Sauter NK, Adams PD: Newsletter of the IUCr Commission on Crystallographic Computing 2004, 3, 22-31.
;
? 
# 
loop_
_atom_site.group_PDB 
_atom_site.id 
_atom_site.type_symbol 
_atom_site.label_atom_id 
_atom_site.label_alt_id 
_atom_site.label_comp_id 
_atom_site.label_asym_id 
_atom_site.label_entity_id 
_atom_site.label_seq_id 
_atom_site.pdbx_PDB_ins_code 
_atom_site.Cartn_x 
_atom_site.Cartn_y 
_atom_site.Cartn_z 
_atom_site.occupancy 
_atom_site.B_iso_or_equiv 
_atom_site.pdbx_formal_charge 
_atom_site.auth_seq_id 
_atom_site.auth_comp_id 
_atom_site.auth_asym_id 
_atom_site.auth_atom_id 
_atom_site.pdbx_PDB_model_num 
ATOM   1    N N   . GLN A 1 4   ? 10.94194  -14.84806 -1.22407  1.000 22.58304 ? 28  GLN A N   1 
ATOM   2    C CA  . GLN A 1 4   ? 12.11377  -13.99930 -1.45161  1.000 22.54044 ? 28  GLN A CA  1 
ATOM   3    C C   . GLN A 1 4   ? 11.76493  -12.51908 -1.56652  1.000 16.82390 ? 28  GLN A C   1 
ATOM   4    O O   . GLN A 1 4   ? 12.62198  -11.67339 -1.40307  1.000 18.61193 ? 28  GLN A O   1 
ATOM   5    C CB  . GLN A 1 4   ? 12.88959  -14.44155 -2.69754  1.000 29.76586 ? 28  GLN A CB  1 
ATOM   6    C CG  . GLN A 1 4   ? 13.27661  -15.92339 -2.72083  1.000 37.23308 ? 28  GLN A CG  1 
ATOM   7    C CD  . GLN A 1 4   ? 14.61399  -16.21064 -2.06284  1.000 36.89384 ? 28  GLN A CD  1 
ATOM   8    O OE1 . GLN A 1 4   ? 15.54427  -15.40846 -2.13507  1.000 34.86750 ? 28  GLN A OE1 1 
ATOM   9    N NE2 . GLN A 1 4   ? 14.71411  -17.36305 -1.41067  1.000 45.53358 ? 28  GLN A NE2 1 
ATOM   10   N N   . VAL A 1 5   ? 10.50189  -12.19171 -1.82621  1.000 15.94254 ? 29  VAL A N   1 
ATOM   11   C CA  . VAL A 1 5   ? 10.04630  -10.80218 -1.85717  1.000 13.47640 ? 29  VAL A CA  1 
ATOM   12   C C   . VAL A 1 5   ? 9.25688   -10.55752 -0.58668  1.000 12.23157 ? 29  VAL A C   1 
ATOM   13   O O   . VAL A 1 5   ? 8.34125   -11.33088 -0.26704  1.000 15.53729 ? 29  VAL A O   1 
ATOM   14   C CB  . VAL A 1 5   ? 9.17782   -10.51817 -3.09002  1.000 15.31781 ? 29  VAL A CB  1 
ATOM   15   C CG1 . VAL A 1 5   ? 8.64193   -9.10566  -3.02427  1.000 16.64679 ? 29  VAL A CG1 1 
ATOM   16   C CG2 . VAL A 1 5   ? 10.00263  -10.73711 -4.33762  1.000 20.14898 ? 29  VAL A CG2 1 
ATOM   17   N N   . VAL A 1 6   ? 9.61093   -9.50886  0.14761   1.000 12.14794 ? 30  VAL A N   1 
ATOM   18   C CA  . VAL A 1 6   ? 8.95500   -9.16576  1.39992   1.000 11.39402 ? 30  VAL A CA  1 
ATOM   19   C C   . VAL A 1 6   ? 8.57390   -7.69451  1.39197   1.000 11.71087 ? 30  VAL A C   1 
ATOM   20   O O   . VAL A 1 6   ? 9.10600   -6.88643  0.61923   1.000 11.41075 ? 30  VAL A O   1 
ATOM   21   C CB  . VAL A 1 6   ? 9.79110   -9.49963  2.66357   1.000 12.95845 ? 30  VAL A CB  1 
ATOM   22   C CG1 . VAL A 1 6   ? 10.14505  -10.98057 2.67135   1.000 14.04027 ? 30  VAL A CG1 1 
ATOM   23   C CG2 . VAL A 1 6   ? 11.07288  -8.66766  2.72262   1.000 12.27917 ? 30  VAL A CG2 1 
ATOM   24   N N   . ILE A 1 7   ? 7.65967   -7.35085  2.28394   1.000 9.95559  ? 31  ILE A N   1 
ATOM   25   C CA  . ILE A 1 7   ? 7.29321   -5.97206  2.56192   1.000 10.50428 ? 31  ILE A CA  1 
ATOM   26   C C   . ILE A 1 7   ? 7.79335   -5.63941  3.95563   1.000 11.41135 ? 31  ILE A C   1 
ATOM   27   O O   . ILE A 1 7   ? 7.62881   -6.43892  4.88892   1.000 12.04971 ? 31  ILE A O   1 
ATOM   28   C CB  . ILE A 1 7   ? 5.77479   -5.78287  2.42307   1.000 11.42321 ? 31  ILE A CB  1 
ATOM   29   C CG1 . ILE A 1 7   ? 5.38682   -6.03733  0.95037   1.000 12.89449 ? 31  ILE A CG1 1 
ATOM   30   C CG2 . ILE A 1 7   ? 5.35282   -4.38498  2.84743   1.000 12.86878 ? 31  ILE A CG2 1 
ATOM   31   C CD1 . ILE A 1 7   ? 3.90039   -6.31127  0.72260   1.000 15.91914 ? 31  ILE A CD1 1 
ATOM   32   N N   . LYS A 1 8   ? 8.46278   -4.50635  4.08317   1.000 11.23168 ? 32  LYS A N   1 
ATOM   33   C CA  . LYS A 1 8   ? 9.00498   -4.02263  5.33446   1.000 11.27794 ? 32  LYS A CA  1 
ATOM   34   C C   . LYS A 1 8   ? 8.27433   -2.74330  5.72418   1.000 10.99747 ? 32  LYS A C   1 
ATOM   35   O O   . LYS A 1 8   ? 8.01879   -1.87491  4.87354   1.000 12.13626 ? 32  LYS A O   1 
ATOM   36   C CB  . LYS A 1 8   ? 10.50020  -3.72656  5.14309   1.000 14.12209 ? 32  LYS A CB  1 
ATOM   37   C CG  . LYS A 1 8   ? 11.27739  -3.31498  6.36845   1.000 16.08291 ? 32  LYS A CG  1 
ATOM   38   C CD  . LYS A 1 8   ? 12.75643  -3.20358  6.04361   1.000 20.57657 ? 32  LYS A CD  1 
ATOM   39   C CE  . LYS A 1 8   ? 13.58825  -2.87377  7.25587   1.000 23.58669 ? 32  LYS A CE  1 
ATOM   40   N NZ  . LYS A 1 8   ? 15.03528  -2.98877  6.89997   1.000 29.81050 ? 32  LYS A NZ  1 
ATOM   41   N N   . VAL A 1 9   ? 7.94974   -2.60839  7.00418   1.000 10.63930 ? 33  VAL A N   1 
ATOM   42   C CA  . VAL A 1 9   ? 7.36516   -1.39056  7.55093   1.000 11.83141 ? 33  VAL A CA  1 
ATOM   43   C C   . VAL A 1 9   ? 8.17685   -0.99122  8.76888   1.000 15.31632 ? 33  VAL A C   1 
ATOM   44   O O   . VAL A 1 9   ? 8.43439   -1.81916  9.65517   1.000 14.14296 ? 33  VAL A O   1 
ATOM   45   C CB  . VAL A 1 9   ? 5.89046   -1.57763  7.92664   1.000 11.85829 ? 33  VAL A CB  1 
ATOM   46   C CG1 . VAL A 1 9   ? 5.34235   -0.32298  8.61391   1.000 16.38303 ? 33  VAL A CG1 1 
ATOM   47   C CG2 . VAL A 1 9   ? 5.10363   -1.84553  6.68014   1.000 12.55924 ? 33  VAL A CG2 1 
ATOM   48   N N   . GLY A 1 10  ? 8.58957   0.27079   8.81568   1.000 14.98680 ? 34  GLY A N   1 
ATOM   49   C CA  . GLY A 1 10  ? 9.48269   0.68983   9.88926   1.000 17.06052 ? 34  GLY A CA  1 
ATOM   50   C C   . GLY A 1 10  ? 10.73093  -0.15326  9.81775   1.000 14.79402 ? 34  GLY A C   1 
ATOM   51   O O   . GLY A 1 10  ? 11.30744  -0.36427  8.75655   1.000 15.24084 ? 34  GLY A O   1 
ATOM   52   N N   . ASP A 1 11  ? 11.17010  -0.69903  10.96101  1.000 15.10933 ? 35  ASP A N   1 
ATOM   53   C CA  . ASP A 1 11  ? 12.35798  -1.53796  10.97403  1.000 14.87104 ? 35  ASP A CA  1 
ATOM   54   C C   . ASP A 1 11  ? 12.07025  -3.02374  10.76857  1.000 13.30520 ? 35  ASP A C   1 
ATOM   55   O O   . ASP A 1 11  ? 12.98996  -3.82384  10.91454  1.000 13.29227 ? 35  ASP A O   1 
ATOM   56   C CB  . ASP A 1 11  ? 13.13264  -1.32624  12.27894  1.000 16.71761 ? 35  ASP A CB  1 
ATOM   57   C CG  . ASP A 1 11  ? 12.51507  -2.02073  13.46349  1.000 17.49354 ? 35  ASP A CG  1 
ATOM   58   O OD1 . ASP A 1 11  ? 11.33997  -2.42384  13.49539  1.000 18.88742 ? 35  ASP A OD1 1 
ATOM   59   O OD2 . ASP A 1 11  ? 13.26248  -2.14734  14.44927  1.000 17.96749 ? 35  ASP A OD2 1 
ATOM   60   N N   . ALA A 1 12  ? 10.83008  -3.41844  10.45662  1.000 12.54362 ? 36  ALA A N   1 
ATOM   61   C CA  . ALA A 1 12  ? 10.43355  -4.82585  10.55444  1.000 11.21767 ? 36  ALA A CA  1 
ATOM   62   C C   . ALA A 1 12  ? 10.02479  -5.39114  9.20172   1.000 10.13047 ? 36  ALA A C   1 
ATOM   63   O O   . ALA A 1 12  ? 9.18694   -4.79639  8.50108   1.000 11.56170 ? 36  ALA A O   1 
ATOM   64   C CB  . ALA A 1 12  ? 9.29821   -4.97474  11.53193  1.000 12.80663 ? 36  ALA A CB  1 
ATOM   65   N N   . ILE A 1 13  ? 10.50683  -6.58441  8.88472   1.000 10.91174 ? 37  ILE A N   1 
ATOM   66   C CA  . ILE A 1 13  ? 9.97947   -7.36456  7.77038   1.000 10.37872 ? 37  ILE A CA  1 
ATOM   67   C C   . ILE A 1 13  ? 8.61961   -7.92501  8.17622   1.000 10.93082 ? 37  ILE A C   1 
ATOM   68   O O   . ILE A 1 13  ? 8.49230   -8.58607  9.21423   1.000 11.45268 ? 37  ILE A O   1 
ATOM   69   C CB  . ILE A 1 13  ? 10.95755  -8.49929  7.43088   1.000 9.53928  ? 37  ILE A CB  1 
ATOM   70   C CG1 . ILE A 1 13  ? 12.28034  -7.95185  6.92101   1.000 11.54751 ? 37  ILE A CG1 1 
ATOM   71   C CG2 . ILE A 1 13  ? 10.31756  -9.49364  6.46799   1.000 11.65282 ? 37  ILE A CG2 1 
ATOM   72   C CD1 . ILE A 1 13  ? 13.35539  -9.06469  6.77002   1.000 14.73543 ? 37  ILE A CD1 1 
ATOM   73   N N   . LEU A 1 14  ? 7.58842   -7.66016  7.38836   1.000 10.42567 ? 38  LEU A N   1 
ATOM   74   C CA  . LEU A 1 14  ? 6.26777   -8.18643  7.70161   1.000 9.92120  ? 38  LEU A CA  1 
ATOM   75   C C   . LEU A 1 14  ? 6.15573   -9.65325  7.32500   1.000 9.45880  ? 38  LEU A C   1 
ATOM   76   O O   . LEU A 1 14  ? 6.65875   -10.10896 6.30266   1.000 10.44713 ? 38  LEU A O   1 
ATOM   77   C CB  . LEU A 1 14  ? 5.20938   -7.44332  6.90351   1.000 10.91804 ? 38  LEU A CB  1 
ATOM   78   C CG  . LEU A 1 14  ? 5.07614   -5.94031  7.13506   1.000 10.64926 ? 38  LEU A CG  1 
ATOM   79   C CD1 . LEU A 1 14  ? 3.91545   -5.36916  6.29959   1.000 13.87410 ? 38  LEU A CD1 1 
ATOM   80   C CD2 . LEU A 1 14  ? 4.98097   -5.54647  8.59533   1.000 15.23893 ? 38  LEU A CD2 1 
ATOM   81   N N   . GLU A 1 15  ? 5.43346   -10.39660 8.15758   1.000 12.42239 ? 39  GLU A N   1 
ATOM   82   C CA  . GLU A 1 15  ? 5.00029   -11.69862 7.67324   1.000 15.28679 ? 39  GLU A CA  1 
ATOM   83   C C   . GLU A 1 15  ? 4.06531   -11.50906 6.47959   1.000 14.71294 ? 39  GLU A C   1 
ATOM   84   O O   . GLU A 1 15  ? 3.39157   -10.48510 6.36076   1.000 15.25914 ? 39  GLU A O   1 
ATOM   85   C CB  . GLU A 1 15  ? 4.42651   -12.55374 8.82562   1.000 20.94894 ? 39  GLU A CB  1 
ATOM   86   C CG  . GLU A 1 15  ? 3.06340   -12.20210 9.35626   1.000 24.31283 ? 39  GLU A CG  1 
ATOM   87   C CD  . GLU A 1 15  ? 2.57134   -13.20854 10.43487  1.000 21.61528 ? 39  GLU A CD  1 
ATOM   88   O OE1 . GLU A 1 15  ? 3.38407   -13.79126 11.20003  1.000 18.61704 ? 39  GLU A OE1 1 
ATOM   89   O OE2 . GLU A 1 15  ? 1.34777   -13.42888 10.49400  1.000 23.38240 ? 39  GLU A OE2 1 
ATOM   90   N N   . ASN A 1 16  ? 4.06109   -12.48273 5.56428   1.000 17.42000 ? 40  ASN A N   1 
ATOM   91   C CA  . ASN A 1 16  ? 3.17069   -12.36307 4.42126   1.000 20.50750 ? 40  ASN A CA  1 
ATOM   92   C C   . ASN A 1 16  ? 1.72831   -12.31135 4.89552   1.000 17.94391 ? 40  ASN A C   1 
ATOM   93   O O   . ASN A 1 16  ? 1.37598   -12.90835 5.91445   1.000 17.24691 ? 40  ASN A O   1 
ATOM   94   C CB  . ASN A 1 16  ? 3.33464   -13.51807 3.45584   1.000 19.20544 ? 40  ASN A CB  1 
ATOM   95   C CG  . ASN A 1 16  ? 2.76446   -13.19415 2.09982   1.000 22.78522 ? 40  ASN A CG  1 
ATOM   96   O OD1 . ASN A 1 16  ? 2.86208   -12.05194 1.65547   1.000 21.73270 ? 40  ASN A OD1 1 
ATOM   97   N ND2 . ASN A 1 16  ? 2.19585   -14.18590 1.42260   1.000 25.92547 ? 40  ASN A ND2 1 
ATOM   98   N N   . ASN A 1 17  ? 0.90796   -11.53404 4.18588   1.000 16.00472 ? 41  ASN A N   1 
ATOM   99   C CA  . ASN A 1 17  ? -0.50114  -11.30871 4.49363   1.000 17.65577 ? 41  ASN A CA  1 
ATOM   100  C C   . ASN A 1 17  ? -0.71880  -10.57158 5.79435   1.000 15.55413 ? 41  ASN A C   1 
ATOM   101  O O   . ASN A 1 17  ? -1.83672  -10.58100 6.33420   1.000 19.51846 ? 41  ASN A O   1 
ATOM   102  C CB  . ASN A 1 17  ? -1.32369  -12.60314 4.47248   1.000 22.65295 ? 41  ASN A CB  1 
ATOM   103  C CG  . ASN A 1 17  ? -1.32318  -13.24790 3.12574   1.000 28.24662 ? 41  ASN A CG  1 
ATOM   104  O OD1 . ASN A 1 17  ? -1.77867  -12.65838 2.14368   1.000 27.26454 ? 41  ASN A OD1 1 
ATOM   105  N ND2 . ASN A 1 17  ? -0.77504  -14.45306 3.05038   1.000 31.41207 ? 41  ASN A ND2 1 
ATOM   106  N N   . ALA A 1 18  ? 0.32210   -9.92776  6.33249   1.000 15.58600 ? 42  ALA A N   1 
ATOM   107  C CA  . ALA A 1 18  ? 0.18513   -9.17307  7.55951   1.000 14.75979 ? 42  ALA A CA  1 
ATOM   108  C C   . ALA A 1 18  ? -0.86664  -8.07745  7.39975   1.000 15.05969 ? 42  ALA A C   1 
ATOM   109  O O   . ALA A 1 18  ? -1.14220  -7.59494  6.29330   1.000 16.19284 ? 42  ALA A O   1 
ATOM   110  C CB  . ALA A 1 18  ? 1.51911   -8.50280  7.92683   1.000 15.85103 ? 42  ALA A CB  1 
ATOM   111  N N   . THR A 1 19  ? -1.39059  -7.62786  8.52689   1.000 15.83916 ? 43  THR A N   1 
ATOM   112  C CA  . THR A 1 19  ? -2.28672  -6.48380  8.57926   1.000 16.64856 ? 43  THR A CA  1 
ATOM   113  C C   . THR A 1 19  ? -1.62609  -5.36214  9.37072   1.000 17.89154 ? 43  THR A C   1 
ATOM   114  O O   . THR A 1 19  ? -1.09278  -5.59432  10.46662  1.000 19.78935 ? 43  THR A O   1 
ATOM   115  C CB  . THR A 1 19  ? -3.64997  -6.84662  9.17836   1.000 19.16685 ? 43  THR A CB  1 
ATOM   116  O OG1 . THR A 1 19  ? -4.26162  -7.83327  8.34149   1.000 20.78059 ? 43  THR A OG1 1 
ATOM   117  C CG2 . THR A 1 19  ? -4.54095  -5.61712  9.25069   1.000 21.55397 ? 43  THR A CG2 1 
ATOM   118  N N   . VAL A 1 20  ? -1.60817  -4.17250  8.79146   1.000 14.08104 ? 44  VAL A N   1 
ATOM   119  C CA  . VAL A 1 20  ? -0.98532  -2.98259  9.34706   1.000 16.36274 ? 44  VAL A CA  1 
ATOM   120  C C   . VAL A 1 20  ? -2.07700  -1.95284  9.56098   1.000 14.91238 ? 44  VAL A C   1 
ATOM   121  O O   . VAL A 1 20  ? -2.78604  -1.58235  8.60282   1.000 15.45537 ? 44  VAL A O   1 
ATOM   122  C CB  . VAL A 1 20  ? 0.08770   -2.41269  8.40178   1.000 16.05024 ? 44  VAL A CB  1 
ATOM   123  C CG1 . VAL A 1 20  ? 0.58738   -1.05830  8.93092   1.000 17.96634 ? 44  VAL A CG1 1 
ATOM   124  C CG2 . VAL A 1 20  ? 1.25712   -3.37890  8.28257   1.000 14.63816 ? 44  VAL A CG2 1 
ATOM   125  N N   . ASP A 1 21  ? -2.20804  -1.47650  10.79410  1.000 14.07162 ? 45  ASP A N   1 
ATOM   126  C CA  . ASP A 1 21  ? -3.19263  -0.45615  11.13540  1.000 15.67196 ? 45  ASP A CA  1 
ATOM   127  C C   . ASP A 1 21  ? -2.51698  0.90610   11.18549  1.000 16.94556 ? 45  ASP A C   1 
ATOM   128  O O   . ASP A 1 21  ? -1.48956  1.07468   11.85968  1.000 21.29828 ? 45  ASP A O   1 
ATOM   129  C CB  . ASP A 1 21  ? -3.83197  -0.71969  12.50868  1.000 18.44170 ? 45  ASP A CB  1 
ATOM   130  C CG  . ASP A 1 21  ? -4.81339  -1.87969  12.51724  1.000 24.02390 ? 45  ASP A CG  1 
ATOM   131  O OD1 . ASP A 1 21  ? -5.16368  -2.45348  11.46913  1.000 22.00732 ? 45  ASP A OD1 1 
ATOM   132  O OD2 . ASP A 1 21  ? -5.25684  -2.23541  13.63674  1.000 29.26149 ? 45  ASP A OD2 1 
ATOM   133  N N   . ILE A 1 22  ? -3.05267  1.85657   10.45388  1.000 15.03083 ? 46  ILE A N   1 
ATOM   134  C CA  . ILE A 1 22  ? -2.59971  3.23382   10.44614  1.000 13.31918 ? 46  ILE A CA  1 
ATOM   135  C C   . ILE A 1 22  ? -3.69345  4.03723   11.13913  1.000 16.52687 ? 46  ILE A C   1 
ATOM   136  O O   . ILE A 1 22  ? -4.87464  3.88705   10.80505  1.000 14.75957 ? 46  ILE A O   1 
ATOM   137  C CB  . ILE A 1 22  ? -2.42609  3.71983   8.99471   1.000 15.16916 ? 46  ILE A CB  1 
ATOM   138  C CG1 . ILE A 1 22  ? -1.38249  2.88458   8.21682   1.000 16.80897 ? 46  ILE A CG1 1 
ATOM   139  C CG2 . ILE A 1 22  ? -2.09388  5.20402   8.95496   1.000 16.71735 ? 46  ILE A CG2 1 
ATOM   140  C CD1 . ILE A 1 22  ? 0.01821   3.03231   8.69184   1.000 15.87914 ? 46  ILE A CD1 1 
ATOM   141  N N   . THR A 1 23  ? -3.31852  4.85303   12.12181  1.000 16.52339 ? 47  THR A N   1 
ATOM   142  C CA  . THR A 1 23  ? -4.26628  5.68587   12.84475  1.000 15.80565 ? 47  THR A CA  1 
ATOM   143  C C   . THR A 1 23  ? -3.96510  7.16599   12.72764  1.000 15.94260 ? 47  THR A C   1 
ATOM   144  O O   . THR A 1 23  ? -4.84303  7.97955   12.99102  1.000 17.46975 ? 47  THR A O   1 
ATOM   145  C CB  . THR A 1 23  ? -4.25878  5.31817   14.33662  1.000 18.32240 ? 47  THR A CB  1 
ATOM   146  O OG1 . THR A 1 23  ? -2.91208  5.45882   14.82174  1.000 18.22978 ? 47  THR A OG1 1 
ATOM   147  C CG2 . THR A 1 23  ? -4.72343  3.89801   14.55836  1.000 20.47837 ? 47  THR A CG2 1 
ATOM   148  N N   . ALA A 1 24  ? -2.74811  7.54638   12.35773  1.000 16.04118 ? 48  ALA A N   1 
ATOM   149  C CA  . ALA A 1 24  ? -2.43767  8.96125   12.29994  1.000 17.31700 ? 48  ALA A CA  1 
ATOM   150  C C   . ALA A 1 24  ? -3.08690  9.59519   11.07576  1.000 17.00519 ? 48  ALA A C   1 
ATOM   151  O O   . ALA A 1 24  ? -3.13480  8.98582   10.00279  1.000 15.99065 ? 48  ALA A O   1 
ATOM   152  C CB  . ALA A 1 24  ? -0.92242  9.17003   12.25153  1.000 18.36700 ? 48  ALA A CB  1 
ATOM   153  N N   . PHE A 1 25  ? -3.56911  10.82289  11.22979  1.000 16.96803 ? 49  PHE A N   1 
ATOM   154  C CA  . PHE A 1 25  ? -4.09002  11.58673  10.10378  1.000 17.23046 ? 49  PHE A CA  1 
ATOM   155  C C   . PHE A 1 25  ? -3.64515  13.03920  10.22602  1.000 23.31797 ? 49  PHE A C   1 
ATOM   156  O O   . PHE A 1 25  ? -3.39257  13.54184  11.32815  1.000 24.29960 ? 49  PHE A O   1 
ATOM   157  C CB  . PHE A 1 25  ? -5.61964  11.46397  9.96758   1.000 18.90726 ? 49  PHE A CB  1 
ATOM   158  C CG  . PHE A 1 25  ? -6.37361  12.00133  11.14223  1.000 19.27197 ? 49  PHE A CG  1 
ATOM   159  C CD1 . PHE A 1 25  ? -6.61794  11.21065  12.23689  1.000 17.87735 ? 49  PHE A CD1 1 
ATOM   160  C CD2 . PHE A 1 25  ? -6.80899  13.30884  11.14427  1.000 22.44492 ? 49  PHE A CD2 1 
ATOM   161  C CE1 . PHE A 1 25  ? -7.30886  11.71220  13.33088  1.000 21.00883 ? 49  PHE A CE1 1 
ATOM   162  C CE2 . PHE A 1 25  ? -7.50585  13.82042  12.23157  1.000 24.09113 ? 49  PHE A CE2 1 
ATOM   163  C CZ  . PHE A 1 25  ? -7.74885  13.01691  13.31022  1.000 22.55001 ? 49  PHE A CZ  1 
ATOM   164  N N   . THR A 1 26  ? -3.53158  13.70897  9.08790   1.000 21.56155 ? 50  THR A N   1 
ATOM   165  C CA  . THR A 1 26  ? -3.30947  15.14710  9.06025   1.000 25.56439 ? 50  THR A CA  1 
ATOM   166  C C   . THR A 1 26  ? -4.48462  15.81564  8.35572   1.000 27.83945 ? 50  THR A C   1 
ATOM   167  O O   . THR A 1 26  ? -5.18410  15.19196  7.55014   1.000 24.16530 ? 50  THR A O   1 
ATOM   168  C CB  . THR A 1 26  ? -1.98954  15.48869  8.37950   1.000 31.31742 ? 50  THR A CB  1 
ATOM   169  O OG1 . THR A 1 26  ? -2.02571  15.04459  7.02057   1.000 32.33865 ? 50  THR A OG1 1 
ATOM   170  C CG2 . THR A 1 26  ? -0.84115  14.79085  9.09233   1.000 28.14753 ? 50  THR A CG2 1 
ATOM   171  N N   . THR A 1 27  ? -4.73174  17.08226  8.68974   1.000 28.35540 ? 51  THR A N   1 
ATOM   172  C CA  . THR A 1 27  ? -5.92765  17.78870  8.25296   1.000 28.76492 ? 51  THR A CA  1 
ATOM   173  C C   . THR A 1 27  ? -5.52113  18.99932  7.43041   1.000 32.65775 ? 51  THR A C   1 
ATOM   174  O O   . THR A 1 27  ? -4.60542  19.73487  7.81002   1.000 33.32840 ? 51  THR A O   1 
ATOM   175  C CB  . THR A 1 27  ? -6.73863  18.27467  9.46447   1.000 31.06196 ? 51  THR A CB  1 
ATOM   176  O OG1 . THR A 1 27  ? -7.08440  17.16483  10.29607  1.000 31.78253 ? 51  THR A OG1 1 
ATOM   177  C CG2 . THR A 1 27  ? -8.00506  18.98150  9.01769   1.000 32.23687 ? 51  THR A CG2 1 
ATOM   178  N N   . GLU A 1 28  ? -6.20316  19.20598  6.30666   1.000 37.18637 ? 52  GLU A N   1 
ATOM   179  C CA  . GLU A 1 28  ? -5.94807  20.37592  5.46991   1.000 39.29048 ? 52  GLU A CA  1 
ATOM   180  C C   . GLU A 1 28  ? -7.18219  20.64366  4.62284   1.000 47.25916 ? 52  GLU A C   1 
ATOM   181  O O   . GLU A 1 28  ? -7.58037  19.79114  3.81958   1.000 42.07937 ? 52  GLU A O   1 
ATOM   182  C CB  . GLU A 1 28  ? -4.72394  20.15233  4.58371   1.000 43.39629 ? 52  GLU A CB  1 
ATOM   183  C CG  . GLU A 1 28  ? -4.51437  21.24374  3.54966   1.000 51.19872 ? 52  GLU A CG  1 
ATOM   184  C CD  . GLU A 1 28  ? -4.46084  22.62826  4.17501   1.000 52.26339 ? 52  GLU A CD  1 
ATOM   185  O OE1 . GLU A 1 28  ? -5.17611  23.52838  3.68531   1.000 55.35349 ? 52  GLU A OE1 1 
ATOM   186  O OE2 . GLU A 1 28  ? -3.71221  22.81740  5.15860   1.000 48.10312 ? 52  GLU A OE2 1 
ATOM   187  N N   . ASP A 1 29  ? -7.79708  21.81136  4.81574   1.000 47.20614 ? 53  ASP A N   1 
ATOM   188  C CA  . ASP A 1 29  ? -8.87066  22.27647  3.94014   1.000 48.96734 ? 53  ASP A CA  1 
ATOM   189  C C   . ASP A 1 29  ? -10.09302 21.35943  4.01320   1.000 45.48400 ? 53  ASP A C   1 
ATOM   190  O O   . ASP A 1 29  ? -10.70847 21.03093  2.99735   1.000 48.41453 ? 53  ASP A O   1 
ATOM   191  C CB  . ASP A 1 29  ? -8.36912  22.43959  2.49872   1.000 51.60075 ? 53  ASP A CB  1 
ATOM   192  C CG  . ASP A 1 29  ? -9.03467  23.59410  1.76284   1.000 67.04953 ? 53  ASP A CG  1 
ATOM   193  O OD1 . ASP A 1 29  ? -9.62235  24.47725  2.42537   1.000 69.12834 ? 53  ASP A OD1 1 
ATOM   194  O OD2 . ASP A 1 29  ? -8.96019  23.62138  0.51337   1.000 69.98292 ? 53  ASP A OD2 1 
ATOM   195  N N   . GLY A 1 30  ? -10.44758 20.93191  5.22371   1.000 39.24879 ? 54  GLY A N   1 
ATOM   196  C CA  . GLY A 1 30  ? -11.58778 20.04649  5.36947   1.000 37.89930 ? 54  GLY A CA  1 
ATOM   197  C C   . GLY A 1 30  ? -11.38119 18.63233  4.86924   1.000 30.71683 ? 54  GLY A C   1 
ATOM   198  O O   . GLY A 1 30  ? -12.33402 17.84205  4.88274   1.000 30.42746 ? 54  GLY A O   1 
ATOM   199  N N   . THR A 1 31  ? -10.16523 18.28207  4.44647   1.000 34.18141 ? 55  THR A N   1 
ATOM   200  C CA  . THR A 1 31  ? -9.82733  16.94022  3.98512   1.000 26.87974 ? 55  THR A CA  1 
ATOM   201  C C   . THR A 1 31  ? -8.76871  16.32945  4.89748   1.000 26.26058 ? 55  THR A C   1 
ATOM   202  O O   . THR A 1 31  ? -7.80849  17.00276  5.28416   1.000 28.32592 ? 55  THR A O   1 
ATOM   203  C CB  . THR A 1 31  ? -9.31239  16.99383  2.54757   1.000 29.64423 ? 55  THR A CB  1 
ATOM   204  O OG1 . THR A 1 31  ? -10.37326 17.43602  1.69306   1.000 30.55545 ? 55  THR A OG1 1 
ATOM   205  C CG2 . THR A 1 31  ? -8.83674  15.62307  2.08603   1.000 28.18361 ? 55  THR A CG2 1 
ATOM   206  N N   . GLU A 1 32  ? -8.96041  15.05521  5.25709   1.000 23.13679 ? 56  GLU A N   1 
ATOM   207  C CA  . GLU A 1 32  ? -8.00909  14.29085  6.05400   1.000 17.96395 ? 56  GLU A CA  1 
ATOM   208  C C   . GLU A 1 32  ? -7.11862  13.46679  5.13676   1.000 16.62411 ? 56  GLU A C   1 
ATOM   209  O O   . GLU A 1 32  ? -7.56008  13.01140  4.07514   1.000 16.95985 ? 56  GLU A O   1 
ATOM   210  C CB  . GLU A 1 32  ? -8.73267  13.31870  6.98076   1.000 18.48201 ? 56  GLU A CB  1 
ATOM   211  C CG  . GLU A 1 32  ? -9.83665  13.95512  7.83702   1.000 22.46777 ? 56  GLU A CG  1 
ATOM   212  C CD  . GLU A 1 32  ? -9.29763  14.77628  8.99956   1.000 24.30415 ? 56  GLU A CD  1 
ATOM   213  O OE1 . GLU A 1 32  ? -8.18231  15.31769  8.88720   1.000 24.81273 ? 56  GLU A OE1 1 
ATOM   214  O OE2 . GLU A 1 32  ? -10.00598 14.87813  10.02761  1.000 25.31308 ? 56  GLU A OE2 1 
ATOM   215  N N   . GLU A 1 33  ? -5.88207  13.24035  5.56600   1.000 16.58481 ? 57  GLU A N   1 
ATOM   216  C CA  . GLU A 1 33  ? -4.97150  12.35994  4.84043   1.000 16.73052 ? 57  GLU A CA  1 
ATOM   217  C C   . GLU A 1 33  ? -4.34601  11.39010  5.82281   1.000 15.72881 ? 57  GLU A C   1 
ATOM   218  O O   . GLU A 1 33  ? -3.89092  11.80035  6.89757   1.000 16.90608 ? 57  GLU A O   1 
ATOM   219  C CB  . GLU A 1 33  ? -3.88000  13.13659  4.10084   1.000 20.97601 ? 57  GLU A CB  1 
ATOM   220  C CG  . GLU A 1 33  ? -3.02264  12.24753  3.20233   1.000 25.56367 ? 57  GLU A CG  1 
ATOM   221  C CD  . GLU A 1 33  ? -1.86752  12.97286  2.55087   1.000 36.31723 ? 57  GLU A CD  1 
ATOM   222  O OE1 . GLU A 1 33  ? -0.71822  12.79963  3.01826   1.000 39.10407 ? 57  GLU A OE1 1 
ATOM   223  O OE2 . GLU A 1 33  ? -2.10729  13.69357  1.55919   1.000 45.17958 ? 57  GLU A OE2 1 
ATOM   224  N N   . MET A 1 34  ? -4.34094  10.10543  5.46961   1.000 12.86474 ? 58  MET A N   1 
ATOM   225  C CA  . MET A 1 34  ? -3.63924  9.06996   6.20845   1.000 12.80982 ? 58  MET A CA  1 
ATOM   226  C C   . MET A 1 34  ? -2.67401  8.39540   5.25108   1.000 12.39109 ? 58  MET A C   1 
ATOM   227  O O   . MET A 1 34  ? -2.94789  8.29242   4.04928   1.000 12.92354 ? 58  MET A O   1 
ATOM   228  C CB  . MET A 1 34  ? -4.62712  8.05232   6.78137   1.000 12.78128 ? 58  MET A CB  1 
ATOM   229  C CG  . MET A 1 34  ? -5.65363  8.75433   7.65956   1.000 13.27770 ? 58  MET A CG  1 
ATOM   230  S SD  . MET A 1 34  ? -6.86303  7.67783   8.43335   1.000 13.91035 ? 58  MET A SD  1 
ATOM   231  C CE  . MET A 1 34  ? -5.83394  6.89832   9.68109   1.000 15.14138 ? 58  MET A CE  1 
ATOM   232  N N   . LYS A 1 35  ? -1.52851  7.94136   5.75497   1.000 11.93359 ? 59  LYS A N   1 
ATOM   233  C CA  . LYS A 1 35  ? -0.51062  7.41059   4.85474   1.000 11.88832 ? 59  LYS A CA  1 
ATOM   234  C C   . LYS A 1 35  ? 0.13387   6.15954   5.40778   1.000 13.40767 ? 59  LYS A C   1 
ATOM   235  O O   . LYS A 1 35  ? 0.60227   6.14905   6.55215   1.000 15.47481 ? 59  LYS A O   1 
ATOM   236  C CB  . LYS A 1 35  ? 0.55023   8.46086   4.58067   1.000 16.53009 ? 59  LYS A CB  1 
ATOM   237  C CG  . LYS A 1 35  ? 1.64633   7.99331   3.65448   1.000 21.80241 ? 59  LYS A CG  1 
ATOM   238  C CD  . LYS A 1 35  ? 2.68513   9.08993   3.58441   1.000 33.00910 ? 59  LYS A CD  1 
ATOM   239  C CE  . LYS A 1 35  ? 3.24548   9.25871   2.19703   1.000 43.41440 ? 59  LYS A CE  1 
ATOM   240  N NZ  . LYS A 1 35  ? 4.65228   9.76888   2.23497   1.000 46.77409 ? 59  LYS A NZ  1 
ATOM   241  N N   . PHE A 1 36  ? 0.19936   5.12370   4.58288   1.000 11.06570 ? 60  PHE A N   1 
ATOM   242  C CA  . PHE A 1 36  ? 1.00794   3.93795   4.82907   1.000 12.00689 ? 60  PHE A CA  1 
ATOM   243  C C   . PHE A 1 36  ? 2.31050   4.06735   4.06444   1.000 10.86456 ? 60  PHE A C   1 
ATOM   244  O O   . PHE A 1 36  ? 2.32617   4.49364   2.90538   1.000 10.94116 ? 60  PHE A O   1 
ATOM   245  C CB  . PHE A 1 36  ? 0.24900   2.70560   4.31252   1.000 11.55384 ? 60  PHE A CB  1 
ATOM   246  C CG  . PHE A 1 36  ? 1.08736   1.46921   4.21832   1.000 10.99337 ? 60  PHE A CG  1 
ATOM   247  C CD1 . PHE A 1 36  ? 1.21355   0.62326   5.29964   1.000 12.61566 ? 60  PHE A CD1 1 
ATOM   248  C CD2 . PHE A 1 36  ? 1.77931   1.15662   3.07014   1.000 12.12330 ? 60  PHE A CD2 1 
ATOM   249  C CE1 . PHE A 1 36  ? 1.98859   -0.50466  5.22577   1.000 13.21861 ? 60  PHE A CE1 1 
ATOM   250  C CE2 . PHE A 1 36  ? 2.56616   0.03036   2.99200   1.000 14.30722 ? 60  PHE A CE2 1 
ATOM   251  C CZ  . PHE A 1 36  ? 2.65972   -0.81340  4.07614   1.000 13.29641 ? 60  PHE A CZ  1 
ATOM   252  N N   . LYS A 1 37  ? 3.40834   3.71194   4.72575   1.000 11.25917 ? 61  LYS A N   1 
ATOM   253  C CA  . LYS A 1 37  ? 4.72609   3.73844   4.10812   1.000 11.07680 ? 61  LYS A CA  1 
ATOM   254  C C   . LYS A 1 37  ? 5.44763   2.43551   4.40810   1.000 10.14607 ? 61  LYS A C   1 
ATOM   255  O O   . LYS A 1 37  ? 5.45339   1.96937   5.55357   1.000 12.24682 ? 61  LYS A O   1 
ATOM   256  C CB  . LYS A 1 37  ? 5.59557   4.90256   4.64325   1.000 13.86797 ? 61  LYS A CB  1 
ATOM   257  C CG  . LYS A 1 37  ? 5.20884   6.28172   4.09267   1.000 27.66292 ? 61  LYS A CG  1 
ATOM   258  C CD  . LYS A 1 37  ? 6.01862   7.36199   4.80621   1.000 32.07930 ? 61  LYS A CD  1 
ATOM   259  C CE  . LYS A 1 37  ? 7.48798   7.24780   4.42665   1.000 37.51945 ? 61  LYS A CE  1 
ATOM   260  N NZ  . LYS A 1 37  ? 8.21089   8.54835   4.54677   1.000 42.05134 ? 61  LYS A NZ  1 
ATOM   261  N N   . GLY A 1 38  ? 6.08313   1.87493   3.39909   1.000 9.83675  ? 62  GLY A N   1 
ATOM   262  C CA  . GLY A 1 38  ? 6.87836   0.68892   3.59114   1.000 11.61586 ? 62  GLY A CA  1 
ATOM   263  C C   . GLY A 1 38  ? 7.86107   0.55112   2.45567   1.000 10.58549 ? 62  GLY A C   1 
ATOM   264  O O   . GLY A 1 38  ? 8.12496   1.50556   1.71108   1.000 10.21218 ? 62  GLY A O   1 
ATOM   265  N N   . MET A 1 39  ? 8.43989   -0.63172  2.34711   1.000 11.26633 ? 63  MET A N   1 
ATOM   266  C CA  A MET A 1 39  ? 9.43498   -0.95097  1.33122   0.560 10.69934 ? 63  MET A CA  1 
ATOM   267  C CA  B MET A 1 39  ? 9.40733   -0.93998  1.31061   0.440 10.69297 ? 63  MET A CA  1 
ATOM   268  C C   . MET A 1 39  ? 9.13757   -2.34364  0.80067   1.000 12.85253 ? 63  MET A C   1 
ATOM   269  O O   . MET A 1 39  ? 8.78965   -3.24292  1.58734   1.000 15.21147 ? 63  MET A O   1 
ATOM   270  C CB  A MET A 1 39  ? 10.85504  -1.00572  1.93365   0.560 14.75344 ? 63  MET A CB  1 
ATOM   271  C CB  B MET A 1 39  ? 10.82686  -0.88226  1.87878   0.440 14.87179 ? 63  MET A CB  1 
ATOM   272  C CG  A MET A 1 39  ? 11.34836  0.30412   2.52795   0.560 16.37448 ? 63  MET A CG  1 
ATOM   273  C CG  B MET A 1 39  ? 11.19167  0.50023   2.37562   0.440 16.65086 ? 63  MET A CG  1 
ATOM   274  S SD  A MET A 1 39  ? 11.80609  1.53760   1.29355   0.560 15.02287 ? 63  MET A SD  1 
ATOM   275  S SD  B MET A 1 39  ? 12.85766  0.55072   3.00485   0.440 28.50250 ? 63  MET A SD  1 
ATOM   276  C CE  A MET A 1 39  ? 12.64689  0.51478   0.16022   0.560 16.89807 ? 63  MET A CE  1 
ATOM   277  C CE  B MET A 1 39  ? 13.69828  -0.08815  1.57267   0.440 22.83244 ? 63  MET A CE  1 
ATOM   278  N N   . VAL A 1 40  ? 9.28506   -2.54894  -0.49991  1.000 10.95520 ? 64  VAL A N   1 
ATOM   279  C CA  . VAL A 1 40  ? 9.25003   -3.88795  -1.08988  1.000 10.88742 ? 64  VAL A CA  1 
ATOM   280  C C   . VAL A 1 40  ? 10.69130  -4.29772  -1.35410  1.000 10.41386 ? 64  VAL A C   1 
ATOM   281  O O   . VAL A 1 40  ? 11.42981  -3.58959  -2.05660  1.000 12.22533 ? 64  VAL A O   1 
ATOM   282  C CB  . VAL A 1 40  ? 8.42328   -3.89876  -2.37895  1.000 10.51903 ? 64  VAL A CB  1 
ATOM   283  C CG1 . VAL A 1 40  ? 8.44491   -5.30268  -2.96036  1.000 14.09190 ? 64  VAL A CG1 1 
ATOM   284  C CG2 . VAL A 1 40  ? 6.99635   -3.47460  -2.07530  1.000 12.35255 ? 64  VAL A CG2 1 
ATOM   285  N N   . ILE A 1 41  ? 11.09491  -5.44940  -0.80868  1.000 11.40888 ? 65  ILE A N   1 
ATOM   286  C CA  . ILE A 1 41  ? 12.48756  -5.89000  -0.84976  1.000 12.03077 ? 65  ILE A CA  1 
ATOM   287  C C   . ILE A 1 41  ? 12.56076  -7.23158  -1.54301  1.000 12.38324 ? 65  ILE A C   1 
ATOM   288  O O   . ILE A 1 41  ? 11.79735  -8.13647  -1.21167  1.000 13.21320 ? 65  ILE A O   1 
ATOM   289  C CB  . ILE A 1 41  ? 13.06330  -5.98116  0.57339   1.000 13.08162 ? 65  ILE A CB  1 
ATOM   290  C CG1 . ILE A 1 41  ? 13.05244  -4.59031  1.20742   1.000 17.76608 ? 65  ILE A CG1 1 
ATOM   291  C CG2 . ILE A 1 41  ? 14.50152  -6.57169  0.59078   1.000 15.71843 ? 65  ILE A CG2 1 
ATOM   292  C CD1 . ILE A 1 41  ? 13.17182  -4.58726  2.69027   1.000 23.09863 ? 65  ILE A CD1 1 
ATOM   293  N N   . ASN A 1 42  ? 13.47951  -7.37607  -2.48343  1.000 13.25631 ? 66  ASN A N   1 
ATOM   294  C CA  . ASN A 1 42  ? 13.75936  -8.66709  -3.08674  1.000 12.71011 ? 66  ASN A CA  1 
ATOM   295  C C   . ASN A 1 42  ? 15.03723  -9.18767  -2.44160  1.000 16.36398 ? 66  ASN A C   1 
ATOM   296  O O   . ASN A 1 42  ? 16.10252  -8.58486  -2.61227  1.000 15.00820 ? 66  ASN A O   1 
ATOM   297  C CB  . ASN A 1 42  ? 13.95949  -8.49025  -4.59033  1.000 16.32291 ? 66  ASN A CB  1 
ATOM   298  C CG  . ASN A 1 42  ? 14.56449  -9.71216  -5.24780  1.000 17.45593 ? 66  ASN A CG  1 
ATOM   299  O OD1 . ASN A 1 42  ? 14.41768  -10.83281 -4.75023  1.000 17.80928 ? 66  ASN A OD1 1 
ATOM   300  N ND2 . ASN A 1 42  ? 15.24476  -9.50357  -6.38495  1.000 18.50865 ? 66  ASN A ND2 1 
ATOM   301  N N   . GLN A 1 43  ? 14.93888  -10.30318 -1.72099  1.000 13.96531 ? 67  GLN A N   1 
ATOM   302  C CA  . GLN A 1 43  ? 16.06700  -10.83989 -0.96621  1.000 15.68463 ? 67  GLN A CA  1 
ATOM   303  C C   . GLN A 1 43  ? 16.97363  -11.74205 -1.79725  1.000 19.22683 ? 67  GLN A C   1 
ATOM   304  O O   . GLN A 1 43  ? 18.01722  -12.17657 -1.29752  1.000 22.06409 ? 67  GLN A O   1 
ATOM   305  C CB  . GLN A 1 43  ? 15.55908  -11.60022 0.25932   1.000 17.54527 ? 67  GLN A CB  1 
ATOM   306  C CG  . GLN A 1 43  ? 14.81088  -10.70269 1.20723   1.000 16.51626 ? 67  GLN A CG  1 
ATOM   307  C CD  . GLN A 1 43  ? 14.12142  -11.48334 2.31437   1.000 15.31477 ? 67  GLN A CD  1 
ATOM   308  O OE1 . GLN A 1 43  ? 13.79197  -12.65871 2.15378   1.000 19.66252 ? 67  GLN A OE1 1 
ATOM   309  N NE2 . GLN A 1 43  ? 13.93529  -10.84236 3.42950   1.000 15.22868 ? 67  GLN A NE2 1 
ATOM   310  N N   . SER A 1 44  ? 16.61900  -12.03084 -3.03819  1.000 19.04593 ? 68  SER A N   1 
ATOM   311  C CA  . SER A 1 44  ? 17.45894  -12.82675 -3.92572  1.000 23.00863 ? 68  SER A CA  1 
ATOM   312  C C   . SER A 1 44  ? 18.59460  -11.99423 -4.51233  1.000 19.46478 ? 68  SER A C   1 
ATOM   313  O O   . SER A 1 44  ? 18.51411  -10.77045 -4.64908  1.000 26.02303 ? 68  SER A O   1 
ATOM   314  C CB  . SER A 1 44  ? 16.60635  -13.40089 -5.05684  1.000 26.72078 ? 68  SER A CB  1 
ATOM   315  O OG  . SER A 1 44  ? 17.41518  -14.07777 -6.00760  1.000 33.08564 ? 68  SER A OG  1 
ATOM   316  N N   . ALA A 1 45  ? 19.68198  -12.68941 -4.87067  1.000 28.79867 ? 69  ALA A N   1 
ATOM   317  C CA  . ALA A 1 45  ? 20.78568  -12.02579 -5.55077  1.000 29.86819 ? 69  ALA A CA  1 
ATOM   318  C C   . ALA A 1 45  ? 20.39673  -11.54802 -6.94418  1.000 30.75749 ? 69  ALA A C   1 
ATOM   319  O O   . ALA A 1 45  ? 21.03970  -10.63602 -7.47946  1.000 32.56731 ? 69  ALA A O   1 
ATOM   320  C CB  . ALA A 1 45  ? 21.98465  -12.97250 -5.64463  1.000 33.13687 ? 69  ALA A CB  1 
ATOM   321  N N   . THR A 1 46  ? 19.35607  -12.13224 -7.53046  1.000 23.90628 ? 70  THR A N   1 
ATOM   322  C CA  . THR A 1 46  ? 18.93601  -11.82177 -8.88596  1.000 20.99814 ? 70  THR A CA  1 
ATOM   323  C C   . THR A 1 46  ? 17.79124  -10.81514 -8.83348  1.000 20.37343 ? 70  THR A C   1 
ATOM   324  O O   . THR A 1 46  ? 16.80167  -11.07213 -8.13626  1.000 20.46058 ? 70  THR A O   1 
ATOM   325  C CB  . THR A 1 46  ? 18.45048  -13.11009 -9.53529  1.000 25.56536 ? 70  THR A CB  1 
ATOM   326  O OG1 . THR A 1 46  ? 19.49951  -14.08679 -9.48796  1.000 30.93505 ? 70  THR A OG1 1 
ATOM   327  C CG2 . THR A 1 46  ? 18.07070  -12.87626 -10.98280 1.000 28.87759 ? 70  THR A CG2 1 
ATOM   328  N N   . PRO A 1 47  ? 17.88764  -9.66638  -9.50210  1.000 19.08200 ? 71  PRO A N   1 
ATOM   329  C CA  . PRO A 1 47  ? 16.75458  -8.72599  -9.52951  1.000 17.67684 ? 71  PRO A CA  1 
ATOM   330  C C   . PRO A 1 47  ? 15.53594  -9.35525  -10.17567 1.000 16.02990 ? 71  PRO A C   1 
ATOM   331  O O   . PRO A 1 47  ? 15.63860  -10.27480 -10.98620 1.000 19.58229 ? 71  PRO A O   1 
ATOM   332  C CB  . PRO A 1 47  ? 17.27256  -7.56752  -10.38737 1.000 19.24508 ? 71  PRO A CB  1 
ATOM   333  C CG  . PRO A 1 47  ? 18.76902  -7.68659  -10.32641 1.000 27.13948 ? 71  PRO A CG  1 
ATOM   334  C CD  . PRO A 1 47  ? 19.05254  -9.15795  -10.24188 1.000 26.25095 ? 71  PRO A CD  1 
ATOM   335  N N   . ILE A 1 48  ? 14.35606  -8.86465  -9.78056  1.000 14.90195 ? 72  ILE A N   1 
ATOM   336  C CA  . ILE A 1 48  ? 13.09412  -9.34896  -10.32058 1.000 16.30395 ? 72  ILE A CA  1 
ATOM   337  C C   . ILE A 1 48  ? 12.24037  -8.14834  -10.70274 1.000 15.20966 ? 72  ILE A C   1 
ATOM   338  O O   . ILE A 1 48  ? 12.24401  -7.11978  -10.01361 1.000 16.69278 ? 72  ILE A O   1 
ATOM   339  C CB  . ILE A 1 48  ? 12.36980  -10.28314 -9.31608  1.000 17.45292 ? 72  ILE A CB  1 
ATOM   340  C CG1 . ILE A 1 48  ? 11.08788  -10.87485 -9.88984  1.000 20.97699 ? 72  ILE A CG1 1 
ATOM   341  C CG2 . ILE A 1 48  ? 12.08834  -9.58952  -8.00616  1.000 18.43480 ? 72  ILE A CG2 1 
ATOM   342  C CD1 . ILE A 1 48  ? 10.44055  -11.84554 -8.91452  1.000 24.53845 ? 72  ILE A CD1 1 
ATOM   343  N N   . ASN A 1 49  ? 11.50944  -8.27636  -11.79759 1.000 13.76966 ? 73  ASN A N   1 
ATOM   344  C CA  . ASN A 1 49  ? 10.55444  -7.25842  -12.20108 1.000 12.77106 ? 73  ASN A CA  1 
ATOM   345  C C   . ASN A 1 49  ? 9.19161   -7.59793  -11.63278 1.000 14.04202 ? 73  ASN A C   1 
ATOM   346  O O   . ASN A 1 49  ? 8.70435   -8.72352  -11.79034 1.000 16.10839 ? 73  ASN A O   1 
ATOM   347  C CB  . ASN A 1 49  ? 10.46851  -7.18379  -13.72796 1.000 13.98868 ? 73  ASN A CB  1 
ATOM   348  C CG  . ASN A 1 49  ? 11.67907  -6.50976  -14.34656 1.000 15.25174 ? 73  ASN A CG  1 
ATOM   349  O OD1 . ASN A 1 49  ? 12.54988  -6.01650  -13.64599 1.000 15.68678 ? 73  ASN A OD1 1 
ATOM   350  N ND2 . ASN A 1 49  ? 11.70468  -6.44220  -15.66494 1.000 18.18169 ? 73  ASN A ND2 1 
ATOM   351  N N   . VAL A 1 50  ? 8.58261   -6.63190  -10.96390 1.000 11.96289 ? 74  VAL A N   1 
ATOM   352  C CA  . VAL A 1 50  ? 7.29062   -6.82948  -10.32734 1.000 13.28084 ? 74  VAL A CA  1 
ATOM   353  C C   . VAL A 1 50  ? 6.33987   -5.69805  -10.69966 1.000 12.58823 ? 74  VAL A C   1 
ATOM   354  O O   . VAL A 1 50  ? 6.73958   -4.63645  -11.18495 1.000 12.22602 ? 74  VAL A O   1 
ATOM   355  C CB  . VAL A 1 50  ? 7.41726   -6.95540  -8.80246  1.000 13.72429 ? 74  VAL A CB  1 
ATOM   356  C CG1 . VAL A 1 50  ? 8.35425   -8.09342  -8.42872  1.000 16.05853 ? 74  VAL A CG1 1 
ATOM   357  C CG2 . VAL A 1 50  ? 7.94725   -5.68005  -8.19456  1.000 16.42743 ? 74  VAL A CG2 1 
ATOM   358  N N   . ILE A 1 51  ? 5.05255   -5.93141  -10.43526 1.000 13.74647 ? 75  ILE A N   1 
ATOM   359  C CA  . ILE A 1 51  ? 4.04368   -4.88197  -10.48044 1.000 13.72749 ? 75  ILE A CA  1 
ATOM   360  C C   . ILE A 1 51  ? 3.33129   -4.88270  -9.13607  1.000 14.11149 ? 75  ILE A C   1 
ATOM   361  O O   . ILE A 1 51  ? 3.06621   -5.96278  -8.57890  1.000 16.74759 ? 75  ILE A O   1 
ATOM   362  C CB  . ILE A 1 51  ? 3.03033   -5.13210  -11.61212 1.000 15.42596 ? 75  ILE A CB  1 
ATOM   363  C CG1 . ILE A 1 51  ? 3.70172   -5.05744  -12.97147 1.000 19.54105 ? 75  ILE A CG1 1 
ATOM   364  C CG2 . ILE A 1 51  ? 1.87473   -4.15983  -11.56126 1.000 19.87317 ? 75  ILE A CG2 1 
ATOM   365  C CD1 . ILE A 1 51  ? 2.84356   -5.64899  -14.07358 1.000 26.92205 ? 75  ILE A CD1 1 
ATOM   366  N N   . GLY A 1 52  ? 3.04536   -3.70368  -8.61770  1.000 11.30599 ? 76  GLY A N   1 
ATOM   367  C CA  . GLY A 1 52  ? 2.28941   -3.55890  -7.36659  1.000 11.79893 ? 76  GLY A CA  1 
ATOM   368  C C   . GLY A 1 52  ? 0.84591   -3.20591  -7.68713  1.000 11.56922 ? 76  GLY A C   1 
ATOM   369  O O   . GLY A 1 52  ? 0.58839   -2.39215  -8.56662  1.000 11.87573 ? 76  GLY A O   1 
ATOM   370  N N   . LYS A 1 53  ? -0.07867  -3.86964  -6.99685  1.000 11.43145 ? 77  LYS A N   1 
ATOM   371  C CA  . LYS A 1 53  ? -1.50425  -3.66677  -7.24512  1.000 11.71817 ? 77  LYS A CA  1 
ATOM   372  C C   . LYS A 1 53  ? -2.25376  -3.51107  -5.94173  1.000 9.98621  ? 77  LYS A C   1 
ATOM   373  O O   . LYS A 1 53  ? -2.05509  -4.28789  -4.99858  1.000 10.54369 ? 77  LYS A O   1 
ATOM   374  C CB  . LYS A 1 53  ? -2.13011  -4.82876  -8.01766  1.000 14.81381 ? 77  LYS A CB  1 
ATOM   375  C CG  . LYS A 1 53  ? -1.47559  -5.11845  -9.34941  1.000 19.10138 ? 77  LYS A CG  1 
ATOM   376  C CD  . LYS A 1 53  ? -2.35449  -6.00694  -10.19531 1.000 21.28657 ? 77  LYS A CD  1 
ATOM   377  C CE  . LYS A 1 53  ? -1.60970  -6.44175  -11.46106 1.000 30.20454 ? 77  LYS A CE  1 
ATOM   378  N NZ  . LYS A 1 53  ? -2.50317  -7.21491  -12.37923 1.000 37.05640 ? 77  LYS A NZ  1 
ATOM   379  N N   . ILE A 1 54  ? -3.15705  -2.53968  -5.92324  1.000 9.86335  ? 78  ILE A N   1 
ATOM   380  C CA  . ILE A 1 54  ? -4.21208  -2.53129  -4.92296  1.000 9.94542  ? 78  ILE A CA  1 
ATOM   381  C C   . ILE A 1 54  ? -5.27300  -3.51641  -5.39434  1.000 9.79455  ? 78  ILE A C   1 
ATOM   382  O O   . ILE A 1 54  ? -5.90651  -3.30556  -6.42740  1.000 11.25752 ? 78  ILE A O   1 
ATOM   383  C CB  . ILE A 1 54  ? -4.77507  -1.12210  -4.73168  1.000 10.52981 ? 78  ILE A CB  1 
ATOM   384  C CG1 . ILE A 1 54  ? -3.69642  -0.16727  -4.21374  1.000 12.57308 ? 78  ILE A CG1 1 
ATOM   385  C CG2 . ILE A 1 54  ? -6.03945  -1.15887  -3.85010  1.000 11.68914 ? 78  ILE A CG2 1 
ATOM   386  C CD1 . ILE A 1 54  ? -3.18008  -0.49638  -2.82057  1.000 13.04125 ? 78  ILE A CD1 1 
ATOM   387  N N   . THR A 1 55  ? -5.44622  -4.60486  -4.65805  1.000 10.42335 ? 79  THR A N   1 
ATOM   388  C CA  . THR A 1 55  ? -6.32370  -5.69144  -5.08143  1.000 12.02189 ? 79  THR A CA  1 
ATOM   389  C C   . THR A 1 55  ? -7.68422  -5.64526  -4.39785  1.000 12.09698 ? 79  THR A C   1 
ATOM   390  O O   . THR A 1 55  ? -8.60631  -6.34909  -4.84234  1.000 13.76171 ? 79  THR A O   1 
ATOM   391  C CB  . THR A 1 55  ? -5.67287  -7.05942  -4.80729  1.000 12.48457 ? 79  THR A CB  1 
ATOM   392  O OG1 . THR A 1 55  ? -5.46415  -7.18474  -3.40524  1.000 12.67740 ? 79  THR A OG1 1 
ATOM   393  C CG2 . THR A 1 55  ? -4.33328  -7.22244  -5.51768  1.000 12.81796 ? 79  THR A CG2 1 
ATOM   394  N N   . LYS A 1 56  ? -7.82827  -4.86878  -3.32417  1.000 10.68610 ? 80  LYS A N   1 
ATOM   395  C CA  . LYS A 1 56  ? -9.10558  -4.65932  -2.64033  1.000 13.39596 ? 80  LYS A CA  1 
ATOM   396  C C   . LYS A 1 56  ? -9.08555  -3.24232  -2.10695  1.000 12.01671 ? 80  LYS A C   1 
ATOM   397  O O   . LYS A 1 56  ? -8.04111  -2.78617  -1.61529  1.000 11.72863 ? 80  LYS A O   1 
ATOM   398  C CB  . LYS A 1 56  ? -9.20645  -5.58823  -1.42248  1.000 15.26325 ? 80  LYS A CB  1 
ATOM   399  C CG  . LYS A 1 56  ? -9.03671  -7.09603  -1.71102  1.000 29.62332 ? 80  LYS A CG  1 
ATOM   400  C CD  . LYS A 1 56  ? -9.08644  -7.88587  -0.39145  1.000 29.58599 ? 80  LYS A CD  1 
ATOM   401  C CE  . LYS A 1 56  ? -7.91107  -8.86093  -0.18175  1.000 36.50148 ? 80  LYS A CE  1 
ATOM   402  N NZ  . LYS A 1 56  ? -8.33908  -10.28544 0.02388   1.000 42.29730 ? 80  LYS A NZ  1 
ATOM   403  N N   . GLN A 1 57  ? -10.22673 -2.54880  -2.18478  1.000 11.32239 ? 81  GLN A N   1 
ATOM   404  C CA  . GLN A 1 57  ? -10.30902 -1.17738  -1.70868  1.000 11.18680 ? 81  GLN A CA  1 
ATOM   405  C C   . GLN A 1 57  ? -11.67644 -0.92748  -1.08030  1.000 12.56572 ? 81  GLN A C   1 
ATOM   406  O O   . GLN A 1 57  ? -12.72739 -1.17302  -1.69259  1.000 14.67201 ? 81  GLN A O   1 
ATOM   407  C CB  . GLN A 1 57  ? -10.09432 -0.18177  -2.85013  1.000 11.63743 ? 81  GLN A CB  1 
ATOM   408  C CG  . GLN A 1 57  ? -10.91430 -0.50782  -4.12459  1.000 14.51552 ? 81  GLN A CG  1 
ATOM   409  C CD  . GLN A 1 57  ? -10.87356 0.61192   -5.12629  1.000 16.68816 ? 81  GLN A CD  1 
ATOM   410  O OE1 . GLN A 1 57  ? -11.43857 1.67878   -4.89572  1.000 15.86776 ? 81  GLN A OE1 1 
ATOM   411  N NE2 . GLN A 1 57  ? -10.18093 0.39005   -6.23558  1.000 23.25815 ? 81  GLN A NE2 1 
ATOM   412  N N   . GLU A 1 58  ? -11.68382 -0.42951  0.13023   1.000 10.52307 ? 82  GLU A N   1 
ATOM   413  C CA  . GLU A 1 58  ? -12.90999 -0.10864  0.86463   1.000 11.40300 ? 82  GLU A CA  1 
ATOM   414  C C   . GLU A 1 58  ? -12.73446 1.28137   1.43840   1.000 12.27926 ? 82  GLU A C   1 
ATOM   415  O O   . GLU A 1 58  ? -11.78612 1.51698   2.21152   1.000 12.18000 ? 82  GLU A O   1 
ATOM   416  C CB  . GLU A 1 58  ? -13.10479 -1.11707  1.99587   1.000 14.15859 ? 82  GLU A CB  1 
ATOM   417  C CG  . GLU A 1 58  ? -12.91726 -2.57402  1.52738   1.000 24.21530 ? 82  GLU A CG  1 
ATOM   418  C CD  . GLU A 1 58  ? -13.46156 -3.63655  2.47906   1.000 40.67532 ? 82  GLU A CD  1 
ATOM   419  O OE1 . GLU A 1 58  ? -14.47238 -4.28711  2.13295   1.000 50.00014 ? 82  GLU A OE1 1 
ATOM   420  O OE2 . GLU A 1 58  ? -12.86363 -3.84443  3.55613   1.000 43.56072 ? 82  GLU A OE2 1 
ATOM   421  N N   . MET A 1 59  ? -13.59474 2.20131   1.05663   1.000 10.77466 ? 83  MET A N   1 
ATOM   422  C CA  . MET A 1 59  ? -13.44198 3.60187   1.41427   1.000 12.52555 ? 83  MET A CA  1 
ATOM   423  C C   . MET A 1 59  ? -14.79242 4.18199   1.78662   1.000 11.11224 ? 83  MET A C   1 
ATOM   424  O O   . MET A 1 59  ? -15.84567 3.73075   1.31606   1.000 13.25629 ? 83  MET A O   1 
ATOM   425  C CB  . MET A 1 59  ? -12.86420 4.42075   0.24489   1.000 11.33816 ? 83  MET A CB  1 
ATOM   426  C CG  . MET A 1 59  ? -11.48145 3.94333   -0.25000  1.000 13.02914 ? 83  MET A CG  1 
ATOM   427  S SD  . MET A 1 59  ? -10.66564 5.08342   -1.38048  1.000 12.47909 ? 83  MET A SD  1 
ATOM   428  C CE  . MET A 1 59  ? -11.62097 4.81993   -2.86824  1.000 13.62768 ? 83  MET A CE  1 
ATOM   429  N N   . ILE A 1 60  ? -14.75663 5.22894   2.57941   1.000 11.86307 ? 84  ILE A N   1 
ATOM   430  C CA  . ILE A 1 60  ? -15.93710 6.08134   2.70939   1.000 14.14583 ? 84  ILE A CA  1 
ATOM   431  C C   . ILE A 1 60  ? -16.21957 6.76119   1.36466   1.000 15.63772 ? 84  ILE A C   1 
ATOM   432  O O   . ILE A 1 60  ? -15.39151 6.82446   0.45977   1.000 16.60746 ? 84  ILE A O   1 
ATOM   433  C CB  . ILE A 1 60  ? -15.68628 7.08025   3.85968   1.000 16.50991 ? 84  ILE A CB  1 
ATOM   434  C CG1 . ILE A 1 60  ? -17.01144 7.63121   4.38789   1.000 17.50769 ? 84  ILE A CG1 1 
ATOM   435  C CG2 . ILE A 1 60  ? -14.76965 8.21316   3.42809   1.000 16.16780 ? 84  ILE A CG2 1 
ATOM   436  C CD1 . ILE A 1 60  ? -16.86959 8.27462   5.70488   1.000 24.94634 ? 84  ILE A CD1 1 
ATOM   437  N N   . GLY A 1 61  ? -17.46614 7.21783   1.19781   1.000 14.90076 ? 85  GLY A N   1 
ATOM   438  C CA  . GLY A 1 61  ? -17.97839 7.51588   -0.14508  1.000 20.99183 ? 85  GLY A CA  1 
ATOM   439  C C   . GLY A 1 61  ? -17.09403 8.39835   -1.01951  1.000 19.90845 ? 85  GLY A C   1 
ATOM   440  O O   . GLY A 1 61  ? -16.80563 8.07251   -2.17651  1.000 23.72684 ? 85  GLY A O   1 
ATOM   441  N N   . ASP A 1 62  ? -16.69751 9.55612   -0.50709  1.000 17.10605 ? 86  ASP A N   1 
ATOM   442  C CA  . ASP A 1 62  ? -15.83162 10.47170  -1.24759  1.000 18.66866 ? 86  ASP A CA  1 
ATOM   443  C C   . ASP A 1 62  ? -14.34773 10.31122  -0.89925  1.000 17.61071 ? 86  ASP A C   1 
ATOM   444  O O   . ASP A 1 62  ? -13.57029 11.25179  -1.08813  1.000 20.26055 ? 86  ASP A O   1 
ATOM   445  C CB  . ASP A 1 62  ? -16.27590 11.92318  -1.05319  1.000 24.74380 ? 86  ASP A CB  1 
ATOM   446  C CG  . ASP A 1 62  ? -16.27652 12.70134  -2.35528  1.000 36.39285 ? 86  ASP A CG  1 
ATOM   447  O OD1 . ASP A 1 62  ? -17.36656 13.14444  -2.78422  1.000 40.90108 ? 86  ASP A OD1 1 
ATOM   448  O OD2 . ASP A 1 62  ? -15.19117 12.86397  -2.96097  1.000 34.73553 ? 86  ASP A OD2 1 
ATOM   449  N N   . GLY A 1 63  ? -13.94644 9.16373   -0.40553  1.000 14.78703 ? 87  GLY A N   1 
ATOM   450  C CA  . GLY A 1 63  ? -12.52951 8.91490   -0.24146  1.000 12.22251 ? 87  GLY A CA  1 
ATOM   451  C C   . GLY A 1 63  ? -11.85167 8.63030   -1.55725  1.000 13.30139 ? 87  GLY A C   1 
ATOM   452  O O   . GLY A 1 63  ? -12.46571 8.15810   -2.50322  1.000 14.02292 ? 87  GLY A O   1 
ATOM   453  N N   . HIS A 1 64  ? -10.53912 8.85580   -1.59517  1.000 12.49105 ? 88  HIS A N   1 
ATOM   454  C CA  . HIS A 1 64  ? -9.69923  8.49696   -2.72482  1.000 11.74447 ? 88  HIS A CA  1 
ATOM   455  C C   . HIS A 1 64  ? -8.38539  7.96288   -2.18558  1.000 11.67129 ? 88  HIS A C   1 
ATOM   456  O O   . HIS A 1 64  ? -7.98212  8.26928   -1.05557  1.000 12.21351 ? 88  HIS A O   1 
ATOM   457  C CB  . HIS A 1 64  ? -9.38976  9.71266   -3.61354  1.000 16.84022 ? 88  HIS A CB  1 
ATOM   458  C CG  . HIS A 1 64  ? -10.61415 10.35904  -4.17379  1.000 22.93409 ? 88  HIS A CG  1 
ATOM   459  N ND1 . HIS A 1 64  ? -11.37543 11.25058  -3.45137  1.000 26.49461 ? 88  HIS A ND1 1 
ATOM   460  C CD2 . HIS A 1 64  ? -11.23484 10.21465  -5.36960  1.000 26.98314 ? 88  HIS A CD2 1 
ATOM   461  C CE1 . HIS A 1 64  ? -12.40084 11.64913  -4.18458  1.000 25.17797 ? 88  HIS A CE1 1 
ATOM   462  N NE2 . HIS A 1 64  ? -12.34530 11.02960  -5.35107  1.000 23.33471 ? 88  HIS A NE2 1 
ATOM   463  N N   . PHE A 1 65  ? -7.71897  7.14356   -2.98087  1.000 10.70655 ? 89  PHE A N   1 
ATOM   464  C CA  . PHE A 1 65  ? -6.39277  6.67348   -2.59806  1.000 10.03175 ? 89  PHE A CA  1 
ATOM   465  C C   . PHE A 1 65  ? -5.37435  7.05037   -3.65729  1.000 10.09555 ? 89  PHE A C   1 
ATOM   466  O O   . PHE A 1 65  ? -5.71506  7.34524   -4.81193  1.000 12.24224 ? 89  PHE A O   1 
ATOM   467  C CB  . PHE A 1 65  ? -6.37182  5.15451   -2.32768  1.000 10.85289 ? 89  PHE A CB  1 
ATOM   468  C CG  . PHE A 1 65  ? -6.58183  4.28852   -3.54276  1.000 9.75831  ? 89  PHE A CG  1 
ATOM   469  C CD1 . PHE A 1 65  ? -5.48788  3.90174   -4.32473  1.000 10.85148 ? 89  PHE A CD1 1 
ATOM   470  C CD2 . PHE A 1 65  ? -7.86815  3.81646   -3.88322  1.000 10.97093 ? 89  PHE A CD2 1 
ATOM   471  C CE1 . PHE A 1 65  ? -5.67158  3.08356   -5.42661  1.000 12.33898 ? 89  PHE A CE1 1 
ATOM   472  C CE2 . PHE A 1 65  ? -8.02306  2.97177   -4.95874  1.000 12.85613 ? 89  PHE A CE2 1 
ATOM   473  C CZ  . PHE A 1 65  ? -6.95585  2.62785   -5.74322  1.000 12.14445 ? 89  PHE A CZ  1 
ATOM   474  N N   . ALA A 1 66  ? -4.10005  7.00180   -3.28477  1.000 9.82767  ? 90  ALA A N   1 
ATOM   475  C CA  . ALA A 1 66  ? -2.99551  7.32089   -4.19473  1.000 11.24559 ? 90  ALA A CA  1 
ATOM   476  C C   . ALA A 1 66  ? -1.85305  6.38366   -3.85991  1.000 10.20192 ? 90  ALA A C   1 
ATOM   477  O O   . ALA A 1 66  ? -1.30509  6.42323   -2.75274  1.000 10.58307 ? 90  ALA A O   1 
ATOM   478  C CB  . ALA A 1 66  ? -2.52866  8.77428   -4.07232  1.000 13.05213 ? 90  ALA A CB  1 
ATOM   479  N N   . LEU A 1 67  ? -1.51767  5.53829   -4.80613  1.000 8.57989  ? 91  LEU A N   1 
ATOM   480  C CA  . LEU A 1 67  ? -0.43554  4.56749   -4.68776  1.000 9.73005  ? 91  LEU A CA  1 
ATOM   481  C C   . LEU A 1 67  ? 0.86134   5.14024   -5.24010  1.000 10.61721 ? 91  LEU A C   1 
ATOM   482  O O   . LEU A 1 67  ? 0.88820   5.67470   -6.35388  1.000 11.56816 ? 91  LEU A O   1 
ATOM   483  C CB  . LEU A 1 67  ? -0.83376  3.35021   -5.52119  1.000 11.05685 ? 91  LEU A CB  1 
ATOM   484  C CG  . LEU A 1 67  ? 0.18664   2.22363   -5.61546  1.000 10.31218 ? 91  LEU A CG  1 
ATOM   485  C CD1 . LEU A 1 67  ? 0.43303   1.60248   -4.23379  1.000 13.84504 ? 91  LEU A CD1 1 
ATOM   486  C CD2 . LEU A 1 67  ? -0.29211  1.15948   -6.57777  1.000 13.92100 ? 91  LEU A CD2 1 
ATOM   487  N N   . CYS A 1 68  ? 1.95743   4.98383   -4.50009  1.000 9.36489  ? 92  CYS A N   1 
ATOM   488  C CA  . CYS A 1 68  ? 3.28027   5.27001   -5.03864  1.000 9.72591  ? 92  CYS A CA  1 
ATOM   489  C C   . CYS A 1 68  ? 4.11334   4.00564   -4.95257  1.000 10.33754 ? 92  CYS A C   1 
ATOM   490  O O   . CYS A 1 68  ? 4.37747   3.50732   -3.85801  1.000 11.09325 ? 92  CYS A O   1 
ATOM   491  C CB  . CYS A 1 68  ? 3.97574   6.36033   -4.23631  1.000 12.36672 ? 92  CYS A CB  1 
ATOM   492  S SG  . CYS A 1 68  ? 3.20051   8.00263   -4.31119  1.000 15.02413 ? 92  CYS A SG  1 
ATOM   493  N N   . PHE A 1 69  ? 4.54718   3.49805   -6.09337  1.000 9.59440  ? 93  PHE A N   1 
ATOM   494  C CA  . PHE A 1 69  ? 5.46405   2.36230   -6.12714  1.000 9.85146  ? 93  PHE A CA  1 
ATOM   495  C C   . PHE A 1 69  ? 6.14776   2.43297   -7.48265  1.000 10.70627 ? 93  PHE A C   1 
ATOM   496  O O   . PHE A 1 69  ? 5.49489   2.18637   -8.50295  1.000 11.88302 ? 93  PHE A O   1 
ATOM   497  C CB  . PHE A 1 69  ? 4.67870   1.07073   -5.96773  1.000 11.48753 ? 93  PHE A CB  1 
ATOM   498  C CG  . PHE A 1 69  ? 5.54579   -0.12458  -5.92907  1.000 9.51336  ? 93  PHE A CG  1 
ATOM   499  C CD1 . PHE A 1 69  ? 6.47071   -0.29360  -4.90738  1.000 11.10672 ? 93  PHE A CD1 1 
ATOM   500  C CD2 . PHE A 1 69  ? 5.45071   -1.11079  -6.89671  1.000 11.91698 ? 93  PHE A CD2 1 
ATOM   501  C CE1 . PHE A 1 69  ? 7.32787   -1.39142  -4.89431  1.000 12.71812 ? 93  PHE A CE1 1 
ATOM   502  C CE2 . PHE A 1 69  ? 6.28140   -2.22496  -6.87329  1.000 13.05113 ? 93  PHE A CE2 1 
ATOM   503  C CZ  . PHE A 1 69  ? 7.19561   -2.37119  -5.86396  1.000 13.91364 ? 93  PHE A CZ  1 
ATOM   504  N N   . GLY A 1 70  ? 7.40991   2.82658   -7.51080  1.000 11.70170 ? 94  GLY A N   1 
ATOM   505  C CA  . GLY A 1 70  ? 8.09773   3.10967   -8.77826  1.000 12.29274 ? 94  GLY A CA  1 
ATOM   506  C C   . GLY A 1 70  ? 7.71417   4.46545   -9.33539  1.000 11.67530 ? 94  GLY A C   1 
ATOM   507  O O   . GLY A 1 70  ? 8.59971   5.25574   -9.68295  1.000 13.25959 ? 94  GLY A O   1 
ATOM   508  N N   . GLN A 1 71  ? 6.42550   4.77854   -9.34070  1.000 11.78387 ? 95  GLN A N   1 
ATOM   509  C CA  . GLN A 1 71  ? 5.89262   6.07681   -9.72065  1.000 11.11812 ? 95  GLN A CA  1 
ATOM   510  C C   . GLN A 1 71  ? 4.68345   6.34300   -8.82862  1.000 11.10958 ? 95  GLN A C   1 
ATOM   511  O O   . GLN A 1 71  ? 4.00526   5.40588   -8.38550  1.000 12.06427 ? 95  GLN A O   1 
ATOM   512  C CB  . GLN A 1 71  ? 5.44901   6.01483   -11.18857 1.000 14.43063 ? 95  GLN A CB  1 
ATOM   513  C CG  . GLN A 1 71  ? 4.85873   7.26865   -11.80421 1.000 16.68173 ? 95  GLN A CG  1 
ATOM   514  C CD  . GLN A 1 71  ? 4.39157   6.94575   -13.20493 1.000 19.66573 ? 95  GLN A CD  1 
ATOM   515  O OE1 . GLN A 1 71  ? 5.10350   6.28359   -13.95888 1.000 22.69605 ? 95  GLN A OE1 1 
ATOM   516  N NE2 . GLN A 1 71  ? 3.16791   7.34422   -13.53798 1.000 26.08735 ? 95  GLN A NE2 1 
ATOM   517  N N   . CYS A 1 72  ? 4.38857   7.60119   -8.56732  1.000 11.52337 ? 96  CYS A N   1 
ATOM   518  C CA  . CYS A 1 72  ? 3.14379   7.96030   -7.89367  1.000 12.06191 ? 96  CYS A CA  1 
ATOM   519  C C   . CYS A 1 72  ? 2.04301   8.03069   -8.93122  1.000 13.90271 ? 96  CYS A C   1 
ATOM   520  O O   . CYS A 1 72  ? 2.11266   8.84122   -9.86737  1.000 15.21578 ? 96  CYS A O   1 
ATOM   521  C CB  . CYS A 1 72  ? 3.30827   9.29161   -7.16749  1.000 12.34580 ? 96  CYS A CB  1 
ATOM   522  S SG  . CYS A 1 72  ? 4.33528   9.10094   -5.68325  1.000 18.20837 ? 96  CYS A SG  1 
ATOM   523  N N   . MET A 1 73  ? 1.02099   7.19951   -8.77448  1.000 11.62169 ? 97  MET A N   1 
ATOM   524  C CA  . MET A 1 73  ? -0.06891  7.10196   -9.73343  1.000 13.04361 ? 97  MET A CA  1 
ATOM   525  C C   . MET A 1 73  ? -1.17715  8.10469   -9.41534  1.000 13.52543 ? 97  MET A C   1 
ATOM   526  O O   . MET A 1 73  ? -1.26905  8.64961   -8.32096  1.000 13.81362 ? 97  MET A O   1 
ATOM   527  C CB  . MET A 1 73  ? -0.62094  5.67987   -9.72355  1.000 13.94895 ? 97  MET A CB  1 
ATOM   528  C CG  . MET A 1 73  ? 0.44629   4.58316   -9.81387  1.000 15.28616 ? 97  MET A CG  1 
ATOM   529  S SD  . MET A 1 73  ? 1.62222   4.79023   -11.13595 1.000 16.74496 ? 97  MET A SD  1 
ATOM   530  C CE  . MET A 1 73  ? 0.61985   4.35991   -12.55886 1.000 18.41795 ? 97  MET A CE  1 
ATOM   531  N N   . LEU A 1 74  ? -2.01172  8.36496   -10.42064 1.000 13.45407 ? 98  LEU A N   1 
ATOM   532  C CA  . LEU A 1 74  ? -3.11420  9.28547   -10.25202 1.000 13.67837 ? 98  LEU A CA  1 
ATOM   533  C C   . LEU A 1 74  ? -4.11820  8.73844   -9.23320  1.000 12.91519 ? 98  LEU A C   1 
ATOM   534  O O   . LEU A 1 74  ? -4.12014  7.53201   -8.92937  1.000 12.54435 ? 98  LEU A O   1 
ATOM   535  C CB  . LEU A 1 74  ? -3.80125  9.49267   -11.60517 1.000 15.45045 ? 98  LEU A CB  1 
ATOM   536  C CG  . LEU A 1 74  ? -2.96429  10.34012  -12.56607 1.000 19.37014 ? 98  LEU A CG  1 
ATOM   537  C CD1 . LEU A 1 74  ? -3.56698  10.35417  -13.95811 1.000 22.75531 ? 98  LEU A CD1 1 
ATOM   538  C CD2 . LEU A 1 74  ? -2.80707  11.74366  -12.03905 1.000 24.01140 ? 98  LEU A CD2 1 
ATOM   539  N N   . PRO A 1 75  ? -5.02707  9.58581   -8.73538  1.000 13.10885 ? 99  PRO A N   1 
ATOM   540  C CA  . PRO A 1 75  ? -5.96269  9.12366   -7.70433  1.000 13.70091 ? 99  PRO A CA  1 
ATOM   541  C C   . PRO A 1 75  ? -6.75309  7.91566   -8.17568  1.000 13.22205 ? 99  PRO A C   1 
ATOM   542  O O   . PRO A 1 75  ? -7.23922  7.85533   -9.31446  1.000 13.80316 ? 99  PRO A O   1 
ATOM   543  C CB  . PRO A 1 75  ? -6.86961  10.34021  -7.47877  1.000 16.71104 ? 99  PRO A CB  1 
ATOM   544  C CG  . PRO A 1 75  ? -6.00776  11.50457  -7.80680  1.000 19.51843 ? 99  PRO A CG  1 
ATOM   545  C CD  . PRO A 1 75  ? -5.10528  11.05285  -8.92670  1.000 18.05233 ? 99  PRO A CD  1 
ATOM   546  N N   . ASN A 1 76  ? -6.86124  6.92958   -7.30158  1.000 11.24497 ? 100 ASN A N   1 
ATOM   547  C CA  . ASN A 1 76  ? -7.64160  5.71621   -7.49880  1.000 11.72140 ? 100 ASN A CA  1 
ATOM   548  C C   . ASN A 1 76  ? -7.08680  4.78622   -8.56534  1.000 13.34372 ? 100 ASN A C   1 
ATOM   549  O O   . ASN A 1 76  ? -7.75407  3.81941   -8.93583  1.000 15.31070 ? 100 ASN A O   1 
ATOM   550  C CB  . ASN A 1 76  ? -9.14352  5.96450   -7.72482  1.000 12.87537 ? 100 ASN A CB  1 
ATOM   551  C CG  . ASN A 1 76  ? -9.79836  6.62279   -6.55174  1.000 13.15073 ? 100 ASN A CG  1 
ATOM   552  O OD1 . ASN A 1 76  ? -9.32747  6.56129   -5.41371  1.000 14.29567 ? 100 ASN A OD1 1 
ATOM   553  N ND2 . ASN A 1 76  ? -10.92280 7.29098   -6.81818  1.000 17.69404 ? 100 ASN A ND2 1 
ATOM   554  N N   . VAL A 1 77  ? -5.88359  5.03505   -9.07399  1.000 11.33821 ? 101 VAL A N   1 
ATOM   555  C CA  . VAL A 1 77  ? -5.26079  4.09849   -9.99896  1.000 12.26353 ? 101 VAL A CA  1 
ATOM   556  C C   . VAL A 1 77  ? -4.65823  2.95290   -9.18823  1.000 11.61920 ? 101 VAL A C   1 
ATOM   557  O O   . VAL A 1 77  ? -3.82292  3.17091   -8.30185  1.000 12.30207 ? 101 VAL A O   1 
ATOM   558  C CB  . VAL A 1 77  ? -4.22436  4.80413   -10.87767 1.000 12.84456 ? 101 VAL A CB  1 
ATOM   559  C CG1 . VAL A 1 77  ? -3.41941  3.81265   -11.66942 1.000 14.61372 ? 101 VAL A CG1 1 
ATOM   560  C CG2 . VAL A 1 77  ? -4.94715  5.78589   -11.81385 1.000 14.81647 ? 101 VAL A CG2 1 
ATOM   561  N N   . SER A 1 78  ? -5.02769  1.72902   -9.50662  1.000 11.44379 ? 102 SER A N   1 
ATOM   562  C CA  . SER A 1 78  ? -4.71677  0.60825   -8.63348  1.000 10.80229 ? 102 SER A CA  1 
ATOM   563  C C   . SER A 1 78  ? -3.47839  -0.17804  -9.02687  1.000 12.30034 ? 102 SER A C   1 
ATOM   564  O O   . SER A 1 78  ? -3.09739  -1.07826  -8.28230  1.000 13.86605 ? 102 SER A O   1 
ATOM   565  C CB  . SER A 1 78  ? -5.90785  -0.33209  -8.52343  1.000 14.05033 ? 102 SER A CB  1 
ATOM   566  O OG  . SER A 1 78  ? -6.19139  -0.88265  -9.77857  1.000 17.39588 ? 102 SER A OG  1 
ATOM   567  N N   . VAL A 1 79  ? -2.84882  0.09696   -10.16665 1.000 10.92221 ? 103 VAL A N   1 
ATOM   568  C CA  . VAL A 1 79  ? -1.73238  -0.70527  -10.66059 1.000 13.81070 ? 103 VAL A CA  1 
ATOM   569  C C   . VAL A 1 79  ? -0.53557  0.20555   -10.90361 1.000 12.99673 ? 103 VAL A C   1 
ATOM   570  O O   . VAL A 1 79  ? -0.66269  1.25696   -11.54903 1.000 12.46746 ? 103 VAL A O   1 
ATOM   571  C CB  . VAL A 1 79  ? -2.12009  -1.48588  -11.93282 1.000 14.72986 ? 103 VAL A CB  1 
ATOM   572  C CG1 . VAL A 1 79  ? -0.98097  -2.36136  -12.40609 1.000 18.77420 ? 103 VAL A CG1 1 
ATOM   573  C CG2 . VAL A 1 79  ? -3.35642  -2.35054  -11.65762 1.000 17.54459 ? 103 VAL A CG2 1 
ATOM   574  N N   . SER A 1 80  ? 0.61610   -0.18958  -10.37273 1.000 10.82735 ? 104 SER A N   1 
ATOM   575  C CA  . SER A 1 80  ? 1.85809   0.52343   -10.57425 1.000 11.27076 ? 104 SER A CA  1 
ATOM   576  C C   . SER A 1 80  ? 2.46983   0.16603   -11.92448 1.000 10.66635 ? 104 SER A C   1 
ATOM   577  O O   . SER A 1 80  ? 2.08567   -0.80448  -12.57329 1.000 12.52419 ? 104 SER A O   1 
ATOM   578  C CB  . SER A 1 80  ? 2.85051   0.12841   -9.46798  1.000 10.99198 ? 104 SER A CB  1 
ATOM   579  O OG  . SER A 1 80  ? 3.47711   -1.11571  -9.74172  1.000 11.60020 ? 104 SER A OG  1 
ATOM   580  N N   . PRO A 1 81  ? 3.51708   0.89115   -12.32523 1.000 12.18891 ? 105 PRO A N   1 
ATOM   581  C CA  . PRO A 1 81  ? 4.35138   0.42168   -13.44461 1.000 12.72429 ? 105 PRO A CA  1 
ATOM   582  C C   . PRO A 1 81  ? 5.14956   -0.80000  -13.02162 1.000 11.83956 ? 105 PRO A C   1 
ATOM   583  O O   . PRO A 1 81  ? 5.23405   -1.15477  -11.84634 1.000 12.84020 ? 105 PRO A O   1 
ATOM   584  C CB  . PRO A 1 81  ? 5.30747   1.58711   -13.71443 1.000 15.16777 ? 105 PRO A CB  1 
ATOM   585  C CG  . PRO A 1 81  ? 4.83224   2.73251   -12.88603 1.000 17.84869 ? 105 PRO A CG  1 
ATOM   586  C CD  . PRO A 1 81  ? 4.03105   2.12589   -11.73024 1.000 12.94980 ? 105 PRO A CD  1 
ATOM   587  N N   . VAL A 1 82  ? 5.79566   -1.42969  -14.00281 1.000 11.05742 ? 106 VAL A N   1 
ATOM   588  C CA  . VAL A 1 82  ? 6.75959   -2.47825  -13.70650 1.000 11.93424 ? 106 VAL A CA  1 
ATOM   589  C C   . VAL A 1 82  ? 7.94751   -1.84432  -13.00301 1.000 11.19711 ? 106 VAL A C   1 
ATOM   590  O O   . VAL A 1 82  ? 8.48000   -0.82017  -13.45080 1.000 11.81297 ? 106 VAL A O   1 
ATOM   591  C CB  . VAL A 1 82  ? 7.21133   -3.18492  -14.99721 1.000 11.25116 ? 106 VAL A CB  1 
ATOM   592  C CG1 . VAL A 1 82  ? 8.21931   -4.25901  -14.68634 1.000 13.42511 ? 106 VAL A CG1 1 
ATOM   593  C CG2 . VAL A 1 82  ? 5.98707   -3.79616  -15.72251 1.000 13.95535 ? 106 VAL A CG2 1 
ATOM   594  N N   . VAL A 1 83  ? 8.38574   -2.46954  -11.91285 1.000 11.15190 ? 107 VAL A N   1 
ATOM   595  C CA  . VAL A 1 83  ? 9.51122   -1.99807  -11.10963 1.000 11.03403 ? 107 VAL A CA  1 
ATOM   596  C C   . VAL A 1 83  ? 10.48475  -3.14869  -10.94758 1.000 12.04103 ? 107 VAL A C   1 
ATOM   597  O O   . VAL A 1 83  ? 10.06399  -4.28006  -10.69254 1.000 12.88480 ? 107 VAL A O   1 
ATOM   598  C CB  . VAL A 1 83  ? 9.04587   -1.51639  -9.72083  1.000 13.84498 ? 107 VAL A CB  1 
ATOM   599  C CG1 . VAL A 1 83  ? 10.25874  -1.05293  -8.87155  1.000 16.04213 ? 107 VAL A CG1 1 
ATOM   600  C CG2 . VAL A 1 83  ? 8.04502   -0.39687  -9.86118  1.000 12.81637 ? 107 VAL A CG2 1 
ATOM   601  N N   . GLU A 1 84  ? 11.78268  -2.88002  -11.10692 1.000 11.09562 ? 108 GLU A N   1 
ATOM   602  C CA  . GLU A 1 84  ? 12.82609  -3.88491  -10.89611 1.000 12.51350 ? 108 GLU A CA  1 
ATOM   603  C C   . GLU A 1 84  ? 13.34736  -3.73818  -9.47111  1.000 15.61939 ? 108 GLU A C   1 
ATOM   604  O O   . GLU A 1 84  ? 14.04674  -2.75365  -9.17187  1.000 16.61235 ? 108 GLU A O   1 
ATOM   605  C CB  . GLU A 1 84  ? 13.97701  -3.64852  -11.87319 1.000 13.09707 ? 108 GLU A CB  1 
ATOM   606  C CG  . GLU A 1 84  ? 15.01941  -4.76163  -11.85826 1.000 16.01597 ? 108 GLU A CG  1 
ATOM   607  C CD  . GLU A 1 84  ? 15.72251  -4.92054  -13.22533 1.000 21.69793 ? 108 GLU A CD  1 
ATOM   608  O OE1 . GLU A 1 84  ? 15.06632  -5.26525  -14.25457 1.000 21.62174 ? 108 GLU A OE1 1 
ATOM   609  O OE2 . GLU A 1 84  ? 16.95079  -4.69040  -13.27558 1.000 23.57334 ? 108 GLU A OE2 1 
ATOM   610  N N   . VAL A 1 85  ? 13.12402  -4.77409  -8.63660  1.000 14.04335 ? 109 VAL A N   1 
ATOM   611  C CA  A VAL A 1 85  ? 13.43016  -4.69630  -7.21333  0.514 15.38927 ? 109 VAL A CA  1 
ATOM   612  C CA  B VAL A 1 85  ? 13.39616  -4.72975  -7.20470  0.486 15.38690 ? 109 VAL A CA  1 
ATOM   613  C C   . VAL A 1 85  ? 14.61042  -5.60239  -6.87920  1.000 16.16046 ? 109 VAL A C   1 
ATOM   614  O O   . VAL A 1 85  ? 14.77262  -6.68197  -7.45025  1.000 14.53800 ? 109 VAL A O   1 
ATOM   615  C CB  A VAL A 1 85  ? 12.23208  -5.03552  -6.30334  0.514 15.05862 ? 109 VAL A CB  1 
ATOM   616  C CB  B VAL A 1 85  ? 12.15747  -5.20956  -6.42262  0.486 15.09000 ? 109 VAL A CB  1 
ATOM   617  C CG1 A VAL A 1 85  ? 11.15601  -3.96216  -6.39918  0.514 15.64250 ? 109 VAL A CG1 1 
ATOM   618  C CG1 B VAL A 1 85  ? 12.38519  -5.12841  -4.93503  0.486 15.22497 ? 109 VAL A CG1 1 
ATOM   619  C CG2 A VAL A 1 85  ? 11.66363  -6.39062  -6.65579  0.514 13.15598 ? 109 VAL A CG2 1 
ATOM   620  C CG2 B VAL A 1 85  ? 10.93148  -4.37662  -6.79746  0.486 15.17556 ? 109 VAL A CG2 1 
ATOM   621  N N   . GLY A 1 86  ? 15.41041  -5.14017  -5.91959  1.000 15.78048 ? 110 GLY A N   1 
ATOM   622  C CA  . GLY A 1 86  ? 16.53341  -5.87589  -5.37100  1.000 17.59184 ? 110 GLY A CA  1 
ATOM   623  C C   . GLY A 1 86  ? 16.60752  -5.73748  -3.85750  1.000 16.45282 ? 110 GLY A C   1 
ATOM   624  O O   . GLY A 1 86  ? 15.60203  -5.45678  -3.17244  1.000 16.79669 ? 110 GLY A O   1 
ATOM   625  N N   . GLY A 1 87  ? 17.81148  -5.94452  -3.31455  1.000 16.84596 ? 111 GLY A N   1 
ATOM   626  C CA  . GLY A 1 87  ? 17.94886  -6.07826  -1.87326  1.000 16.63037 ? 111 GLY A CA  1 
ATOM   627  C C   . GLY A 1 87  ? 17.80459  -4.78705  -1.10755  1.000 17.31104 ? 111 GLY A C   1 
ATOM   628  O O   . GLY A 1 87  ? 17.47457  -4.81745  0.08518   1.000 23.70565 ? 111 GLY A O   1 
ATOM   629  N N   . GLU A 1 88  ? 18.09153  -3.65925  -1.73867  1.000 15.89734 ? 112 GLU A N   1 
ATOM   630  C CA  . GLU A 1 88  ? 17.94549  -2.39952  -1.02587  1.000 16.88436 ? 112 GLU A CA  1 
ATOM   631  C C   . GLU A 1 88  ? 16.48618  -1.98037  -0.92072  1.000 21.58369 ? 112 GLU A C   1 
ATOM   632  O O   . GLU A 1 88  ? 16.11193  -1.29627  0.03361   1.000 25.33233 ? 112 GLU A O   1 
ATOM   633  C CB  . GLU A 1 88  ? 18.74422  -1.31895  -1.72366  1.000 21.43062 ? 112 GLU A CB  1 
ATOM   634  C CG  . GLU A 1 88  ? 20.22941  -1.55297  -1.58034  1.000 23.95821 ? 112 GLU A CG  1 
ATOM   635  C CD  . GLU A 1 88  ? 21.04710  -0.56248  -2.35943  1.000 35.54181 ? 112 GLU A CD  1 
ATOM   636  O OE1 . GLU A 1 88  ? 21.56931  0.39737   -1.75177  1.000 45.42193 ? 112 GLU A OE1 1 
ATOM   637  O OE2 . GLU A 1 88  ? 21.16601  -0.74573  -3.58712  1.000 43.91057 ? 112 GLU A OE2 1 
ATOM   638  N N   . GLY A 1 89  ? 15.66848  -2.37488  -1.87999  1.000 17.67602 ? 113 GLY A N   1 
ATOM   639  C CA  . GLY A 1 89  ? 14.23807  -2.21777  -1.75486  1.000 17.82340 ? 113 GLY A CA  1 
ATOM   640  C C   . GLY A 1 89  ? 13.70735  -1.02423  -2.53179  1.000 17.51300 ? 113 GLY A C   1 
ATOM   641  O O   . GLY A 1 89  ? 14.44168  -0.11033  -2.94128  1.000 19.19663 ? 113 GLY A O   1 
ATOM   642  N N   . GLU A 1 90  ? 12.39910  -1.02766  -2.72050  1.000 13.82156 ? 114 GLU A N   1 
ATOM   643  C CA  . GLU A 1 90  ? 11.71230  0.03250   -3.39994  1.000 12.43110 ? 114 GLU A CA  1 
ATOM   644  C C   . GLU A 1 90  ? 10.67234  0.63672   -2.45631  1.000 11.60072 ? 114 GLU A C   1 
ATOM   645  O O   . GLU A 1 90  ? 9.81290   -0.09786  -1.93538  1.000 11.77135 ? 114 GLU A O   1 
ATOM   646  C CB  . GLU A 1 90  ? 11.02788  -0.48615  -4.63474  1.000 13.65249 ? 114 GLU A CB  1 
ATOM   647  C CG  . GLU A 1 90  ? 10.31090  0.59745   -5.42571  1.000 14.44554 ? 114 GLU A CG  1 
ATOM   648  C CD  . GLU A 1 90  ? 11.26743  1.56583   -6.13679  1.000 15.03404 ? 114 GLU A CD  1 
ATOM   649  O OE1 . GLU A 1 90  ? 12.44668  1.67628   -5.73533  1.000 18.72132 ? 114 GLU A OE1 1 
ATOM   650  O OE2 . GLU A 1 90  ? 10.79956  2.22273   -7.09777  1.000 19.13352 ? 114 GLU A OE2 1 
ATOM   651  N N   . PRO A 1 91  ? 10.68533  1.93834   -2.24019  1.000 10.09678 ? 115 PRO A N   1 
ATOM   652  C CA  . PRO A 1 91  ? 9.64563   2.53797   -1.38523  1.000 10.65702 ? 115 PRO A CA  1 
ATOM   653  C C   . PRO A 1 91  ? 8.24792   2.28421   -1.92235  1.000 9.75717  ? 115 PRO A C   1 
ATOM   654  O O   . PRO A 1 91  ? 7.99936   2.26945   -3.13114  1.000 10.17139 ? 115 PRO A O   1 
ATOM   655  C CB  . PRO A 1 91  ? 9.97576   4.03877   -1.42364  1.000 11.33709 ? 115 PRO A CB  1 
ATOM   656  C CG  . PRO A 1 91  ? 11.45041  4.07444   -1.71725  1.000 12.88428 ? 115 PRO A CG  1 
ATOM   657  C CD  . PRO A 1 91  ? 11.72022  2.91821   -2.62750  1.000 12.46918 ? 115 PRO A CD  1 
ATOM   658  N N   . LEU A 1 92  ? 7.32234   2.11847   -0.99707  1.000 9.81444  ? 116 LEU A N   1 
ATOM   659  C CA  . LEU A 1 92  ? 5.92222   1.87764   -1.26033  1.000 8.93522  ? 116 LEU A CA  1 
ATOM   660  C C   . LEU A 1 92  ? 5.13012   2.79577   -0.35180  1.000 10.19695 ? 116 LEU A C   1 
ATOM   661  O O   . LEU A 1 92  ? 5.36474   2.82772   0.85999   1.000 10.67816 ? 116 LEU A O   1 
ATOM   662  C CB  . LEU A 1 92  ? 5.58612   0.42485   -0.87774  1.000 10.35742 ? 116 LEU A CB  1 
ATOM   663  C CG  . LEU A 1 92  ? 4.11495   0.05602   -0.85201  1.000 9.21524  ? 116 LEU A CG  1 
ATOM   664  C CD1 . LEU A 1 92  ? 3.45283   0.23143   -2.23524  1.000 12.09373 ? 116 LEU A CD1 1 
ATOM   665  C CD2 . LEU A 1 92  ? 3.97720   -1.37389  -0.33692  1.000 12.13288 ? 116 LEU A CD2 1 
ATOM   666  N N   . SER A 1 93  ? 4.18829   3.53908   -0.90928  1.000 8.83926  ? 117 SER A N   1 
ATOM   667  C CA  . SER A 1 93  ? 3.30354   4.31143   -0.05502  1.000 9.84671  ? 117 SER A CA  1 
ATOM   668  C C   . SER A 1 93  ? 1.88050   4.26394   -0.58257  1.000 9.65051  ? 117 SER A C   1 
ATOM   669  O O   . SER A 1 93  ? 1.63531   4.10380   -1.78508  1.000 9.54442  ? 117 SER A O   1 
ATOM   670  C CB  . SER A 1 93  ? 3.74485   5.74979   0.14105   1.000 12.49090 ? 117 SER A CB  1 
ATOM   671  O OG  . SER A 1 93  ? 3.67778   6.47257   -1.05396  1.000 14.66818 ? 117 SER A OG  1 
ATOM   672  N N   . LEU A 1 94  ? 0.93622   4.42675   0.33415   1.000 9.38105  ? 118 LEU A N   1 
ATOM   673  C CA  . LEU A 1 94  ? -0.47207  4.51756   -0.02192  1.000 9.01469  ? 118 LEU A CA  1 
ATOM   674  C C   . LEU A 1 94  ? -1.08783  5.62062   0.81272   1.000 9.63327  ? 118 LEU A C   1 
ATOM   675  O O   . LEU A 1 94  ? -1.04370  5.55313   2.04751   1.000 10.99373 ? 118 LEU A O   1 
ATOM   676  C CB  . LEU A 1 94  ? -1.17596  3.17971   0.25659   1.000 9.88028  ? 118 LEU A CB  1 
ATOM   677  C CG  . LEU A 1 94  ? -2.66026  3.11050   -0.09254  1.000 10.05512 ? 118 LEU A CG  1 
ATOM   678  C CD1 . LEU A 1 94  ? -2.86092  3.27490   -1.58014  1.000 10.92600 ? 118 LEU A CD1 1 
ATOM   679  C CD2 . LEU A 1 94  ? -3.26383  1.78789   0.39464   1.000 12.67081 ? 118 LEU A CD2 1 
ATOM   680  N N   . ARG A 1 95  ? -1.63239  6.62834   0.16098   1.000 10.68178 ? 119 ARG A N   1 
ATOM   681  C CA  . ARG A 1 95  ? -2.25715  7.73977   0.84065   1.000 10.61913 ? 119 ARG A CA  1 
ATOM   682  C C   . ARG A 1 95  ? -3.76174  7.61777   0.66236   1.000 11.75513 ? 119 ARG A C   1 
ATOM   683  O O   . ARG A 1 95  ? -4.25157  7.37474   -0.45277  1.000 13.68495 ? 119 ARG A O   1 
ATOM   684  C CB  . ARG A 1 95  ? -1.78274  9.03364   0.19683   1.000 12.98435 ? 119 ARG A CB  1 
ATOM   685  C CG  . ARG A 1 95  ? -0.38929  9.46436   0.60493   1.000 20.18514 ? 119 ARG A CG  1 
ATOM   686  C CD  . ARG A 1 95  ? -0.00404  10.68094  -0.23678  1.000 26.78221 ? 119 ARG A CD  1 
ATOM   687  N NE  . ARG A 1 95  ? 1.15767   11.43204  0.24109   1.000 39.61207 ? 119 ARG A NE  1 
ATOM   688  C CZ  . ARG A 1 95  ? 2.40396   11.21970  -0.17226  1.000 44.14633 ? 119 ARG A CZ  1 
ATOM   689  N NH1 . ARG A 1 95  ? 2.66223   10.24837  -1.04270  1.000 44.75079 ? 119 ARG A NH1 1 
ATOM   690  N NH2 . ARG A 1 95  ? 3.39937   11.96033  0.30406   1.000 50.83615 ? 119 ARG A NH2 1 
ATOM   691  N N   . TYR A 1 96  ? -4.50309  7.82272   1.73539   1.000 11.22604 ? 120 TYR A N   1 
ATOM   692  C CA  . TYR A 1 96  ? -5.95605  7.73161   1.73259   1.000 10.81134 ? 120 TYR A CA  1 
ATOM   693  C C   . TYR A 1 96  ? -6.46018  9.08009   2.20270   1.000 11.70574 ? 120 TYR A C   1 
ATOM   694  O O   . TYR A 1 96  ? -6.07638  9.54233   3.28637   1.000 12.79975 ? 120 TYR A O   1 
ATOM   695  C CB  . TYR A 1 96  ? -6.37198  6.62061   2.68873   1.000 11.26579 ? 120 TYR A CB  1 
ATOM   696  C CG  . TYR A 1 96  ? -7.86859  6.45173   2.88570   1.000 10.32474 ? 120 TYR A CG  1 
ATOM   697  C CD1 . TYR A 1 96  ? -8.77990  6.55721   1.83102   1.000 12.04441 ? 120 TYR A CD1 1 
ATOM   698  C CD2 . TYR A 1 96  ? -8.35285  6.19042   4.13717   1.000 10.76038 ? 120 TYR A CD2 1 
ATOM   699  C CE1 . TYR A 1 96  ? -10.13102 6.40606   2.05181   1.000 11.41861 ? 120 TYR A CE1 1 
ATOM   700  C CE2 . TYR A 1 96  ? -9.72044  6.03151   4.37479   1.000 11.78294 ? 120 TYR A CE2 1 
ATOM   701  C CZ  . TYR A 1 96  ? -10.60474 6.13176   3.30631   1.000 11.33732 ? 120 TYR A CZ  1 
ATOM   702  O OH  . TYR A 1 96  ? -11.98235 5.97330   3.46726   1.000 13.00483 ? 120 TYR A OH  1 
ATOM   703  N N   . THR A 1 97  ? -7.30695  9.72592   1.39801   1.000 12.17579 ? 121 THR A N   1 
ATOM   704  C CA  . THR A 1 97  ? -7.78510  11.06643  1.69826   1.000 13.75311 ? 121 THR A CA  1 
ATOM   705  C C   . THR A 1 97  ? -9.30417  11.04738  1.67608   1.000 15.95906 ? 121 THR A C   1 
ATOM   706  O O   . THR A 1 97  ? -9.91060  10.31592  0.89175   1.000 14.18046 ? 121 THR A O   1 
ATOM   707  C CB  . THR A 1 97  ? -7.27197  12.05852  0.68171   1.000 17.03767 ? 121 THR A CB  1 
ATOM   708  O OG1 . THR A 1 97  ? -7.60238  11.60662  -0.62114  1.000 22.86708 ? 121 THR A OG1 1 
ATOM   709  C CG2 . THR A 1 97  ? -5.77837  12.15878  0.76096   1.000 16.98083 ? 121 THR A CG2 1 
ATOM   710  N N   . PHE A 1 98  ? -9.92458  11.81947  2.55596   1.000 16.05120 ? 122 PHE A N   1 
ATOM   711  C CA  . PHE A 1 98  ? -11.37005 11.72145  2.73284   1.000 15.94925 ? 122 PHE A CA  1 
ATOM   712  C C   . PHE A 1 98  ? -11.82851 12.90140  3.57269   1.000 17.62083 ? 122 PHE A C   1 
ATOM   713  O O   . PHE A 1 98  ? -11.00685 13.59362  4.17167   1.000 18.48101 ? 122 PHE A O   1 
ATOM   714  C CB  . PHE A 1 98  ? -11.77212 10.39524  3.41069   1.000 14.92681 ? 122 PHE A CB  1 
ATOM   715  C CG  . PHE A 1 98  ? -11.00746 10.12813  4.68887   1.000 14.71611 ? 122 PHE A CG  1 
ATOM   716  C CD1 . PHE A 1 98  ? -11.48131 10.58384  5.91641   1.000 16.81201 ? 122 PHE A CD1 1 
ATOM   717  C CD2 . PHE A 1 98  ? -9.80943  9.44526   4.65693   1.000 15.42418 ? 122 PHE A CD2 1 
ATOM   718  C CE1 . PHE A 1 98  ? -10.75494 10.37272  7.07593   1.000 16.88233 ? 122 PHE A CE1 1 
ATOM   719  C CE2 . PHE A 1 98  ? -9.07332  9.22044   5.80743   1.000 15.40956 ? 122 PHE A CE2 1 
ATOM   720  C CZ  . PHE A 1 98  ? -9.53822  9.68475   7.01933   1.000 17.71045 ? 122 PHE A CZ  1 
ATOM   721  N N   . PRO A 1 99  ? -13.13689 13.16131  3.60830   1.000 21.28064 ? 123 PRO A N   1 
ATOM   722  C CA  . PRO A 1 99  ? -13.62873 14.34154  4.33224   1.000 22.09458 ? 123 PRO A CA  1 
ATOM   723  C C   . PRO A 1 99  ? -13.44305 14.22564  5.83888   1.000 17.75979 ? 123 PRO A C   1 
ATOM   724  O O   . PRO A 1 99  ? -13.59448 13.15478  6.42818   1.000 19.80662 ? 123 PRO A O   1 
ATOM   725  C CB  . PRO A 1 99  ? -15.11851 14.38575  3.96297   1.000 23.42101 ? 123 PRO A CB  1 
ATOM   726  C CG  . PRO A 1 99  ? -15.21559 13.64689  2.67517   1.000 22.07888 ? 123 PRO A CG  1 
ATOM   727  C CD  . PRO A 1 99  ? -14.19600 12.53496  2.80311   1.000 18.33663 ? 123 PRO A CD  1 
ATOM   728  N N   . VAL A 1 100 ? -13.13638 15.36930  6.46049   1.000 25.58564 ? 124 VAL A N   1 
ATOM   729  C CA  . VAL A 1 100 ? -13.22212 15.46770  7.90905   1.000 27.23173 ? 124 VAL A CA  1 
ATOM   730  C C   . VAL A 1 100 ? -14.62630 15.07638  8.34947   1.000 28.19715 ? 124 VAL A C   1 
ATOM   731  O O   . VAL A 1 100 ? -15.62752 15.45249  7.72131   1.000 27.28613 ? 124 VAL A O   1 
ATOM   732  C CB  . VAL A 1 100 ? -12.88862 16.90012  8.35833   1.000 27.31366 ? 124 VAL A CB  1 
ATOM   733  C CG1 . VAL A 1 100 ? -13.18255 17.08394  9.84130   1.000 28.60893 ? 124 VAL A CG1 1 
ATOM   734  C CG2 . VAL A 1 100 ? -11.45683 17.23340  8.04470   1.000 29.33211 ? 124 VAL A CG2 1 
ATOM   735  N N   . SER A 1 101 ? -14.70208 14.29266  9.42187   1.000 26.49201 ? 125 SER A N   1 
ATOM   736  C CA  . SER A 1 101 ? -15.96923 13.88397  10.01061  1.000 27.13869 ? 125 SER A CA  1 
ATOM   737  C C   . SER A 1 101 ? -15.78205 13.76300  11.51498  1.000 30.32648 ? 125 SER A C   1 
ATOM   738  O O   . SER A 1 101 ? -14.67550 13.51452  11.99357  1.000 30.28832 ? 125 SER A O   1 
ATOM   739  C CB  . SER A 1 101 ? -16.45240 12.54217  9.44061   1.000 27.54209 ? 125 SER A CB  1 
ATOM   740  O OG  . SER A 1 101 ? -17.64829 12.10110  10.06759  1.000 30.31370 ? 125 SER A OG  1 
ATOM   741  N N   . ASN A 1 102 ? -16.86756 13.96123  12.26626  1.000 29.52983 ? 126 ASN A N   1 
ATOM   742  C CA  . ASN A 1 102 ? -16.79303 13.69852  13.69821  1.000 29.01367 ? 126 ASN A CA  1 
ATOM   743  C C   . ASN A 1 102 ? -16.89526 12.22006  14.02805  1.000 32.29098 ? 126 ASN A C   1 
ATOM   744  O O   . ASN A 1 102 ? -16.58934 11.82422  15.15427  1.000 35.01684 ? 126 ASN A O   1 
ATOM   745  C CB  . ASN A 1 102 ? -17.87260 14.48509  14.44174  1.000 33.62307 ? 126 ASN A CB  1 
ATOM   746  C CG  . ASN A 1 102 ? -17.60954 15.96976  14.41782  1.000 36.52091 ? 126 ASN A CG  1 
ATOM   747  O OD1 . ASN A 1 102 ? -16.46916 16.40466  14.57954  1.000 41.69385 ? 126 ASN A OD1 1 
ATOM   748  N ND2 . ASN A 1 102 ? -18.65957 16.76130  14.21866  1.000 42.53108 ? 126 ASN A ND2 1 
ATOM   749  N N   . GLU A 1 103 ? -17.29858 11.40587  13.06821  1.000 26.09191 ? 127 GLU A N   1 
ATOM   750  C CA  . GLU A 1 103 ? -17.47966 9.97600   13.22291  1.000 26.19384 ? 127 GLU A CA  1 
ATOM   751  C C   . GLU A 1 103 ? -16.27291 9.25641   12.63025  1.000 21.27445 ? 127 GLU A C   1 
ATOM   752  O O   . GLU A 1 103 ? -15.69517 9.70799   11.63946  1.000 24.16725 ? 127 GLU A O   1 
ATOM   753  C CB  . GLU A 1 103 ? -18.72891 9.58263   12.43645  1.000 28.96448 ? 127 GLU A CB  1 
ATOM   754  C CG  . GLU A 1 103 ? -18.99026 8.10299   12.25521  1.000 41.81324 ? 127 GLU A CG  1 
ATOM   755  C CD  . GLU A 1 103 ? -20.21465 7.85622   11.37720  1.000 52.63091 ? 127 GLU A CD  1 
ATOM   756  O OE1 . GLU A 1 103 ? -20.37131 6.73390   10.84563  1.000 56.65256 ? 127 GLU A OE1 1 
ATOM   757  O OE2 . GLU A 1 103 ? -21.01619 8.80277   11.21236  1.000 53.61645 ? 127 GLU A OE2 1 
ATOM   758  N N   . GLY A 1 104 ? -15.91612 8.12464   13.23082  1.000 24.14295 ? 128 GLY A N   1 
ATOM   759  C CA  . GLY A 1 104 ? -14.81543 7.32573   12.73074  1.000 19.72720 ? 128 GLY A CA  1 
ATOM   760  C C   . GLY A 1 104 ? -15.24385 6.33483   11.66840  1.000 22.27163 ? 128 GLY A C   1 
ATOM   761  O O   . GLY A 1 104 ? -16.41787 6.04091   11.47234  1.000 20.71684 ? 128 GLY A O   1 
ATOM   762  N N   . HIS A 1 105 ? -14.25634 5.80842   10.95326  1.000 20.24301 ? 129 HIS A N   1 
ATOM   763  C CA  . HIS A 1 105 ? -14.49389 4.75107   9.98271   1.000 18.75488 ? 129 HIS A CA  1 
ATOM   764  C C   . HIS A 1 105 ? -13.15756 4.10521   9.68231   1.000 16.94630 ? 129 HIS A C   1 
ATOM   765  O O   . HIS A 1 105 ? -12.09712 4.62716   10.04307  1.000 16.52599 ? 129 HIS A O   1 
ATOM   766  C CB  . HIS A 1 105 ? -15.15588 5.27153   8.69824   1.000 19.59323 ? 129 HIS A CB  1 
ATOM   767  C CG  . HIS A 1 105 ? -14.20354 5.83434   7.68733   1.000 18.33183 ? 129 HIS A CG  1 
ATOM   768  N ND1 . HIS A 1 105 ? -13.83619 7.16149   7.66348   1.000 19.43392 ? 129 HIS A ND1 1 
ATOM   769  C CD2 . HIS A 1 105 ? -13.56779 5.25114   6.63905   1.000 17.43276 ? 129 HIS A CD2 1 
ATOM   770  C CE1 . HIS A 1 105 ? -12.99180 7.36792   6.66491   1.000 18.22546 ? 129 HIS A CE1 1 
ATOM   771  N NE2 . HIS A 1 105 ? -12.82821 6.22688   6.01666   1.000 15.62610 ? 129 HIS A NE2 1 
ATOM   772  N N   . THR A 1 106 ? -13.21631 2.95099   9.03767   1.000 15.87172 ? 130 THR A N   1 
ATOM   773  C CA  . THR A 1 106 ? -12.00680 2.26052   8.60401   1.000 16.67587 ? 130 THR A CA  1 
ATOM   774  C C   . THR A 1 106 ? -11.99269 2.18491   7.08296   1.000 17.01902 ? 130 THR A C   1 
ATOM   775  O O   . THR A 1 106 ? -12.93205 1.65792   6.47252   1.000 20.17006 ? 130 THR A O   1 
ATOM   776  C CB  . THR A 1 106 ? -11.95212 0.85426   9.20048   1.000 19.73688 ? 130 THR A CB  1 
ATOM   777  O OG1 . THR A 1 106 ? -12.00288 0.93427   10.63820  1.000 22.89573 ? 130 THR A OG1 1 
ATOM   778  C CG2 . THR A 1 106 ? -10.66619 0.16629   8.78787   1.000 19.15233 ? 130 THR A CG2 1 
ATOM   779  N N   . GLY A 1 107 ? -10.95783 2.74923   6.46419   1.000 13.55796 ? 131 GLY A N   1 
ATOM   780  C CA  . GLY A 1 107 ? -10.63561 2.43887   5.06348   1.000 14.48473 ? 131 GLY A CA  1 
ATOM   781  C C   . GLY A 1 107 ? -9.74812  1.20487   5.06674   1.000 12.31860 ? 131 GLY A C   1 
ATOM   782  O O   . GLY A 1 107 ? -8.91185  1.04409   5.94891   1.000 17.37770 ? 131 GLY A O   1 
ATOM   783  N N   . ALA A 1 108 ? -9.96026  0.29837   4.14398   1.000 11.65708 ? 132 ALA A N   1 
ATOM   784  C CA  . ALA A 1 108 ? -9.21111  -0.95262  4.13334   1.000 12.46109 ? 132 ALA A CA  1 
ATOM   785  C C   . ALA A 1 108 ? -8.75967  -1.25908  2.71372   1.000 12.15451 ? 132 ALA A C   1 
ATOM   786  O O   . ALA A 1 108 ? -9.55326  -1.15253  1.76119   1.000 12.35173 ? 132 ALA A O   1 
ATOM   787  C CB  . ALA A 1 108 ? -10.06220 -2.10823  4.67579   1.000 15.30268 ? 132 ALA A CB  1 
ATOM   788  N N   . PHE A 1 109 ? -7.48696  -1.63160  2.57115   1.000 10.09302 ? 133 PHE A N   1 
ATOM   789  C CA  . PHE A 1 109 ? -6.90154  -1.90815  1.27793   1.000 10.27601 ? 133 PHE A CA  1 
ATOM   790  C C   . PHE A 1 109 ? -6.04799  -3.15068  1.38511   1.000 11.19003 ? 133 PHE A C   1 
ATOM   791  O O   . PHE A 1 109 ? -5.52463  -3.47196  2.46233   1.000 12.59683 ? 133 PHE A O   1 
ATOM   792  C CB  . PHE A 1 109 ? -6.00936  -0.74116  0.83340   1.000 10.63407 ? 133 PHE A CB  1 
ATOM   793  C CG  . PHE A 1 109 ? -6.77040  0.55862   0.67343   1.000 9.62040  ? 133 PHE A CG  1 
ATOM   794  C CD1 . PHE A 1 109 ? -6.96279  1.41373   1.74476   1.000 10.81912 ? 133 PHE A CD1 1 
ATOM   795  C CD2 . PHE A 1 109 ? -7.31981  0.90513   -0.56256  1.000 10.82574 ? 133 PHE A CD2 1 
ATOM   796  C CE1 . PHE A 1 109 ? -7.65159  2.60803   1.56716   1.000 11.86359 ? 133 PHE A CE1 1 
ATOM   797  C CE2 . PHE A 1 109 ? -7.98040  2.08355   -0.72194  1.000 12.23750 ? 133 PHE A CE2 1 
ATOM   798  C CZ  . PHE A 1 109 ? -8.14749  2.94103   0.32413   1.000 10.33564 ? 133 PHE A CZ  1 
ATOM   799  N N   . THR A 1 110 ? -5.86927  -3.82633  0.26667   1.000 10.04896 ? 134 THR A N   1 
ATOM   800  C CA  . THR A 1 110 ? -4.86309  -4.87820  0.16896   1.000 10.39003 ? 134 THR A CA  1 
ATOM   801  C C   . THR A 1 110 ? -3.93296  -4.50120  -0.96122  1.000 10.11988 ? 134 THR A C   1 
ATOM   802  O O   . THR A 1 110 ? -4.39351  -4.09079  -2.02815  1.000 10.90756 ? 134 THR A O   1 
ATOM   803  C CB  . THR A 1 110 ? -5.50401  -6.24870  -0.06928  1.000 11.39786 ? 134 THR A CB  1 
ATOM   804  O OG1 . THR A 1 110 ? -6.37123  -6.55026  1.03666   1.000 13.33543 ? 134 THR A OG1 1 
ATOM   805  C CG2 . THR A 1 110 ? -4.45134  -7.34729  -0.20260  1.000 12.14323 ? 134 THR A CG2 1 
ATOM   806  N N   . PHE A 1 111 ? -2.63493  -4.61706  -0.72333  1.000 9.63165  ? 135 PHE A N   1 
ATOM   807  C CA  . PHE A 1 111 ? -1.61373  -4.40174  -1.73739  1.000 9.92797  ? 135 PHE A CA  1 
ATOM   808  C C   . PHE A 1 111 ? -0.89657  -5.72403  -1.93526  1.000 8.72178  ? 135 PHE A C   1 
ATOM   809  O O   . PHE A 1 111 ? -0.44641  -6.34670  -0.94809  1.000 10.48908 ? 135 PHE A O   1 
ATOM   810  C CB  . PHE A 1 111 ? -0.62287  -3.33527  -1.28001  1.000 10.77220 ? 135 PHE A CB  1 
ATOM   811  C CG  . PHE A 1 111 ? 0.56617   -3.21152  -2.19133  1.000 10.61363 ? 135 PHE A CG  1 
ATOM   812  C CD1 . PHE A 1 111 ? 0.52370   -2.40665  -3.32912  1.000 10.68401 ? 135 PHE A CD1 1 
ATOM   813  C CD2 . PHE A 1 111 ? 1.71910   -3.93598  -1.93249  1.000 10.84608 ? 135 PHE A CD2 1 
ATOM   814  C CE1 . PHE A 1 111 ? 1.64506   -2.29954  -4.16625  1.000 11.84723 ? 135 PHE A CE1 1 
ATOM   815  C CE2 . PHE A 1 111 ? 2.83474   -3.85168  -2.76715  1.000 12.65586 ? 135 PHE A CE2 1 
ATOM   816  C CZ  . PHE A 1 111 ? 2.78923   -3.02587  -3.86442  1.000 12.93453 ? 135 PHE A CZ  1 
ATOM   817  N N   . SER A 1 112 ? -0.70500  -6.12071  -3.18652  1.000 9.21414  ? 136 SER A N   1 
ATOM   818  C CA  . SER A 1 112 ? 0.15965   -7.25644  -3.47973  1.000 10.57944 ? 136 SER A CA  1 
ATOM   819  C C   . SER A 1 112 ? 1.14447   -6.92025  -4.57513  1.000 11.03900 ? 136 SER A C   1 
ATOM   820  O O   . SER A 1 112 ? 0.85316   -6.17561  -5.51008  1.000 11.26633 ? 136 SER A O   1 
ATOM   821  C CB  . SER A 1 112 ? -0.63312  -8.49240  -3.93868  1.000 12.51406 ? 136 SER A CB  1 
ATOM   822  O OG  . SER A 1 112 ? -1.48942  -8.94822  -2.90504  1.000 13.82223 ? 136 SER A OG  1 
ATOM   823  N N   . CYS A 1 113 ? 2.28840   -7.56011  -4.47015  1.000 12.55968 ? 137 CYS A N   1 
ATOM   824  C CA  A CYS A 1 113 ? 3.30037   -7.53727  -5.51290  0.457 14.55392 ? 137 CYS A CA  1 
ATOM   825  C CA  B CYS A 1 113 ? 3.32778   -7.54338  -5.48621  0.543 14.57343 ? 137 CYS A CA  1 
ATOM   826  C C   . CYS A 1 113 ? 3.15227   -8.78808  -6.35614  1.000 15.64462 ? 137 CYS A C   1 
ATOM   827  O O   . CYS A 1 113 ? 3.03971   -9.89395  -5.82157  1.000 18.71702 ? 137 CYS A O   1 
ATOM   828  C CB  A CYS A 1 113 ? 4.70719   -7.53461  -4.91631  0.457 17.02044 ? 137 CYS A CB  1 
ATOM   829  C CB  B CYS A 1 113 ? 4.67911   -7.61290  -4.75444  0.543 17.32345 ? 137 CYS A CB  1 
ATOM   830  S SG  A CYS A 1 113 ? 5.26374   -5.92317  -4.49857  0.457 20.99666 ? 137 CYS A SG  1 
ATOM   831  S SG  B CYS A 1 113 ? 6.14864   -7.19541  -5.64911  0.543 14.81860 ? 137 CYS A SG  1 
ATOM   832  N N   . PHE A 1 114 ? 3.13200   -8.61109  -7.66612  1.000 14.18621 ? 138 PHE A N   1 
ATOM   833  C CA  . PHE A 1 114 ? 3.02437   -9.73889  -8.57041  1.000 15.76999 ? 138 PHE A CA  1 
ATOM   834  C C   . PHE A 1 114 ? 4.24488   -9.76560  -9.47678  1.000 19.50984 ? 138 PHE A C   1 
ATOM   835  O O   . PHE A 1 114 ? 4.81129   -8.70716  -9.79670  1.000 17.07392 ? 138 PHE A O   1 
ATOM   836  C CB  . PHE A 1 114 ? 1.82373   -9.55355  -9.49013  1.000 18.12912 ? 138 PHE A CB  1 
ATOM   837  C CG  . PHE A 1 114 ? 0.50571   -9.67406  -8.79941  1.000 16.04646 ? 138 PHE A CG  1 
ATOM   838  C CD1 . PHE A 1 114 ? -0.07602  -8.57786  -8.14866  1.000 15.96553 ? 138 PHE A CD1 1 
ATOM   839  C CD2 . PHE A 1 114 ? -0.18567  -10.87597 -8.82931  1.000 22.13453 ? 138 PHE A CD2 1 
ATOM   840  C CE1 . PHE A 1 114 ? -1.31219  -8.70525  -7.53174  1.000 16.54509 ? 138 PHE A CE1 1 
ATOM   841  C CE2 . PHE A 1 114 ? -1.42333  -10.99140 -8.21155  1.000 24.96145 ? 138 PHE A CE2 1 
ATOM   842  C CZ  . PHE A 1 114 ? -1.97441  -9.89517  -7.56517  1.000 19.23495 ? 138 PHE A CZ  1 
ATOM   843  N N   . PRO A 1 115 ? 4.65576   -10.94532 -9.93832  1.000 21.15383 ? 139 PRO A N   1 
ATOM   844  C CA  . PRO A 1 115 ? 5.61166   -10.99004 -11.04133 1.000 21.79520 ? 139 PRO A CA  1 
ATOM   845  C C   . PRO A 1 115 ? 5.03529   -10.22149 -12.20922 1.000 23.65612 ? 139 PRO A C   1 
ATOM   846  O O   . PRO A 1 115 ? 3.81562   -10.10597 -12.37271 1.000 25.84196 ? 139 PRO A O   1 
ATOM   847  C CB  . PRO A 1 115 ? 5.70902   -12.48375 -11.37223 1.000 25.66805 ? 139 PRO A CB  1 
ATOM   848  C CG  . PRO A 1 115 ? 5.13679   -13.19542 -10.19146 1.000 28.70965 ? 139 PRO A CG  1 
ATOM   849  C CD  . PRO A 1 115 ? 4.09141   -12.27678 -9.65255  1.000 22.21271 ? 139 PRO A CD  1 
ATOM   850  N N   . GLU A 1 116 ? 5.93748   -9.67312  -13.01278 1.000 25.54097 ? 140 GLU A N   1 
ATOM   851  C CA  . GLU A 1 116 ? 5.59140   -8.86932  -14.17043 1.000 29.49621 ? 140 GLU A CA  1 
ATOM   852  C C   . GLU A 1 116 ? 4.35484   -9.36269  -14.91965 1.000 37.00400 ? 140 GLU A C   1 
ATOM   853  O O   . GLU A 1 116 ? 3.54838   -8.55585  -15.40103 1.000 36.99658 ? 140 GLU A O   1 
ATOM   854  C CB  . GLU A 1 116 ? 6.78507   -8.84754  -15.11464 1.000 29.61491 ? 140 GLU A CB  1 
ATOM   855  C CG  . GLU A 1 116 ? 7.00543   -7.51528  -15.64682 1.000 32.21202 ? 140 GLU A CG  1 
ATOM   856  C CD  . GLU A 1 116 ? 7.93833   -7.53834  -16.78668 1.000 18.39647 ? 140 GLU A CD  1 
ATOM   857  O OE1 . GLU A 1 116 ? 9.07314   -8.06404  -16.67818 1.000 22.25076 ? 140 GLU A OE1 1 
ATOM   858  O OE2 . GLU A 1 116 ? 7.49007   -7.04095  -17.81305 1.000 27.92479 ? 140 GLU A OE2 1 
ATOM   859  N N   . SER A 1 117 ? 4.20945   -10.68886 -15.01713 1.000 37.84994 ? 141 SER A N   1 
ATOM   860  C CA  . SER A 1 117 ? 3.00492   -11.29143 -15.58275 1.000 41.84803 ? 141 SER A CA  1 
ATOM   861  C C   . SER A 1 117 ? 1.71986   -10.66399 -15.03583 1.000 49.33804 ? 141 SER A C   1 
ATOM   862  O O   . SER A 1 117 ? 0.83730   -10.26722 -15.80548 1.000 48.66528 ? 141 SER A O   1 
ATOM   863  C CB  . SER A 1 117 ? 3.03180   -12.79857 -15.31536 1.000 45.08418 ? 141 SER A CB  1 
ATOM   864  O OG  . SER A 1 117 ? 1.73658   -13.35509 -15.34657 1.000 49.41190 ? 141 SER A OG  1 
ATOM   865  N N   . GLY A 1 118 ? 1.59137   -10.56650 -13.71375 1.000 44.11060 ? 142 GLY A N   1 
ATOM   866  C CA  . GLY A 1 118 ? 0.31663   -10.18092 -13.13607 1.000 44.31669 ? 142 GLY A CA  1 
ATOM   867  C C   . GLY A 1 118 ? -0.69770  -11.30105 -13.09731 1.000 45.47597 ? 142 GLY A C   1 
ATOM   868  O O   . GLY A 1 118 ? -1.89156  -11.04571 -12.90110 1.000 46.98887 ? 142 GLY A O   1 
ATOM   869  N N   . ALA A 1 119 ? -0.24697  -12.54298 -13.26389 1.000 46.99245 ? 143 ALA A N   1 
ATOM   870  C CA  . ALA A 1 119 ? -1.16195  -13.67029 -13.38555 1.000 49.22794 ? 143 ALA A CA  1 
ATOM   871  C C   . ALA A 1 119 ? -1.89822  -13.91585 -12.06941 1.000 45.77525 ? 143 ALA A C   1 
ATOM   872  O O   . ALA A 1 119 ? -1.31283  -13.77659 -10.98870 1.000 42.77683 ? 143 ALA A O   1 
ATOM   873  C CB  . ALA A 1 119 ? -0.39777  -14.93276 -13.78652 1.000 46.33293 ? 143 ALA A CB  1 
ATOM   874  N N   . PRO A 1 120 ? -3.17609  -14.28868 -12.12708 1.000 46.00821 ? 144 PRO A N   1 
ATOM   875  C CA  . PRO A 1 120 ? -3.93187  -14.55088 -10.89357 1.000 46.36857 ? 144 PRO A CA  1 
ATOM   876  C C   . PRO A 1 120 ? -3.29433  -15.66441 -10.07236 1.000 41.31581 ? 144 PRO A C   1 
ATOM   877  O O   . PRO A 1 120 ? -2.91751  -16.71324 -10.59955 1.000 40.75786 ? 144 PRO A O   1 
ATOM   878  C CB  . PRO A 1 120 ? -5.31952  -14.95408 -11.40885 1.000 43.29268 ? 144 PRO A CB  1 
ATOM   879  C CG  . PRO A 1 120 ? -5.40318  -14.36469 -12.78421 1.000 43.39494 ? 144 PRO A CG  1 
ATOM   880  C CD  . PRO A 1 120 ? -4.00905  -14.42745 -13.33311 1.000 45.70363 ? 144 PRO A CD  1 
ATOM   881  N N   . GLY A 1 121 ? -3.15733  -15.41682 -8.77018  1.000 36.18965 ? 145 GLY A N   1 
ATOM   882  C CA  . GLY A 1 121 ? -2.60032  -16.39363 -7.86345  1.000 34.43205 ? 145 GLY A CA  1 
ATOM   883  C C   . GLY A 1 121 ? -1.09125  -16.40156 -7.75459  1.000 33.57556 ? 145 GLY A C   1 
ATOM   884  O O   . GLY A 1 121 ? -0.54615  -17.23068 -7.01628  1.000 38.21277 ? 145 GLY A O   1 
ATOM   885  N N   . THR A 1 122 ? -0.39169  -15.50661 -8.45130  1.000 32.67764 ? 146 THR A N   1 
ATOM   886  C CA  . THR A 1 122 ? 1.06207   -15.48293 -8.42472  1.000 30.69041 ? 146 THR A CA  1 
ATOM   887  C C   . THR A 1 122 ? 1.64213   -14.46913 -7.43023  1.000 24.27158 ? 146 THR A C   1 
ATOM   888  O O   . THR A 1 122 ? 2.85077   -14.23869 -7.45556  1.000 23.56102 ? 146 THR A O   1 
ATOM   889  C CB  . THR A 1 122 ? 1.61992   -15.25387 -9.83478  1.000 32.29113 ? 146 THR A CB  1 
ATOM   890  O OG1 . THR A 1 122 ? 1.10452   -14.02919 -10.37079 1.000 30.51940 ? 146 THR A OG1 1 
ATOM   891  C CG2 . THR A 1 122 ? 1.21586   -16.39217 -10.75338 1.000 36.55393 ? 146 THR A CG2 1 
ATOM   892  N N   . GLU A 1 123 ? 0.81880   -13.88279 -6.55404  1.000 21.04286 ? 147 GLU A N   1 
ATOM   893  C CA  . GLU A 1 123 ? 1.29385   -12.89145 -5.58554  1.000 19.32207 ? 147 GLU A CA  1 
ATOM   894  C C   . GLU A 1 123 ? 2.60102   -13.30787 -4.91649  1.000 18.62228 ? 147 GLU A C   1 
ATOM   895  O O   . GLU A 1 123 ? 2.71414   -14.40671 -4.37001  1.000 20.30522 ? 147 GLU A O   1 
ATOM   896  C CB  . GLU A 1 123 ? 0.23194   -12.69479 -4.49918  1.000 23.39468 ? 147 GLU A CB  1 
ATOM   897  C CG  . GLU A 1 123 ? -1.07526  -12.07023 -4.97599  1.000 25.85340 ? 147 GLU A CG  1 
ATOM   898  C CD  . GLU A 1 123 ? -2.08675  -13.07993 -5.53434  1.000 26.80678 ? 147 GLU A CD  1 
ATOM   899  O OE1 . GLU A 1 123 ? -1.72878  -14.26097 -5.73926  1.000 30.47018 ? 147 GLU A OE1 1 
ATOM   900  O OE2 . GLU A 1 123 ? -3.24114  -12.66823 -5.78733  1.000 35.34672 ? 147 GLU A OE2 1 
ATOM   901  N N   . LEU A 1 124 ? 3.58554   -12.40336 -4.92699  1.000 16.31567 ? 148 LEU A N   1 
ATOM   902  C CA  . LEU A 1 124 ? 4.85009   -12.64429 -4.24916  1.000 14.94587 ? 148 LEU A CA  1 
ATOM   903  C C   . LEU A 1 124 ? 4.85177   -12.16616 -2.80806  1.000 15.71505 ? 148 LEU A C   1 
ATOM   904  O O   . LEU A 1 124 ? 5.61002   -12.69097 -1.98265  1.000 19.25995 ? 148 LEU A O   1 
ATOM   905  C CB  . LEU A 1 124 ? 5.98796   -11.91338 -4.97758  1.000 16.74893 ? 148 LEU A CB  1 
ATOM   906  C CG  . LEU A 1 124 ? 6.07710   -12.25470 -6.46380  1.000 21.09583 ? 148 LEU A CG  1 
ATOM   907  C CD1 . LEU A 1 124 ? 6.96266   -11.26542 -7.19407  1.000 24.22783 ? 148 LEU A CD1 1 
ATOM   908  C CD2 . LEU A 1 124 ? 6.60027   -13.67301 -6.64975  1.000 24.00880 ? 148 LEU A CD2 1 
ATOM   909  N N   . ALA A 1 125 ? 4.04168   -11.15359 -2.49188  1.000 15.10647 ? 149 ALA A N   1 
ATOM   910  C CA  . ALA A 1 125 ? 3.95048   -10.58947 -1.16051  1.000 13.13428 ? 149 ALA A CA  1 
ATOM   911  C C   . ALA A 1 125 ? 2.68301   -9.76261  -1.09372  1.000 12.75918 ? 149 ALA A C   1 
ATOM   912  O O   . ALA A 1 125 ? 2.30569   -9.13900  -2.08010  1.000 13.43385 ? 149 ALA A O   1 
ATOM   913  C CB  . ALA A 1 125 ? 5.14291   -9.68207  -0.83568  1.000 14.76758 ? 149 ALA A CB  1 
ATOM   914  N N   . THR A 1 126 ? 2.04112   -9.77372  0.06312   1.000 11.26455 ? 150 THR A N   1 
ATOM   915  C CA  . THR A 1 126 ? 0.77495   -9.08598  0.25260   1.000 10.51967 ? 150 THR A CA  1 
ATOM   916  C C   . THR A 1 126 ? 0.76290   -8.45268  1.62579   1.000 10.86046 ? 150 THR A C   1 
ATOM   917  O O   . THR A 1 126 ? 1.22610   -9.05715  2.60751   1.000 11.40526 ? 150 THR A O   1 
ATOM   918  C CB  . THR A 1 126 ? -0.36328  -10.11555 0.17331   1.000 11.41051 ? 150 THR A CB  1 
ATOM   919  O OG1 . THR A 1 126 ? -0.38655  -10.65100 -1.14805  1.000 14.30111 ? 150 THR A OG1 1 
ATOM   920  C CG2 . THR A 1 126 ? -1.72641  -9.49126  0.49343   1.000 14.16432 ? 150 THR A CG2 1 
ATOM   921  N N   . VAL A 1 127 ? 0.20354   -7.24775  1.69764   1.000 10.26410 ? 151 VAL A N   1 
ATOM   922  C CA  . VAL A 1 127 ? -0.05277  -6.58845  2.96440   1.000 10.29925 ? 151 VAL A CA  1 
ATOM   923  C C   . VAL A 1 127 ? -1.46541  -6.03264  2.92316   1.000 10.24247 ? 151 VAL A C   1 
ATOM   924  O O   . VAL A 1 127 ? -1.92937  -5.53408  1.88403   1.000 10.74936 ? 151 VAL A O   1 
ATOM   925  C CB  . VAL A 1 127 ? 0.99056   -5.49058  3.27926   1.000 9.74146  ? 151 VAL A CB  1 
ATOM   926  C CG1 . VAL A 1 127 ? 1.03902   -4.40595  2.19935   1.000 12.10533 ? 151 VAL A CG1 1 
ATOM   927  C CG2 . VAL A 1 127 ? 0.79274   -4.90860  4.65698   1.000 10.94859 ? 151 VAL A CG2 1 
ATOM   928  N N   . ASN A 1 128 ? -2.14846  -6.16053  4.04442   1.000 10.81567 ? 152 ASN A N   1 
ATOM   929  C CA  . ASN A 1 128 ? -3.46841  -5.57702  4.24226   1.000 11.91897 ? 152 ASN A CA  1 
ATOM   930  C C   . ASN A 1 128 ? -3.30809  -4.34175  5.11053   1.000 11.38898 ? 152 ASN A C   1 
ATOM   931  O O   . ASN A 1 128 ? -2.64112  -4.39464  6.14942   1.000 14.19418 ? 152 ASN A O   1 
ATOM   932  C CB  . ASN A 1 128 ? -4.41475  -6.57805  4.91777   1.000 12.46277 ? 152 ASN A CB  1 
ATOM   933  C CG  . ASN A 1 128 ? -4.50612  -7.83488  4.16172   1.000 14.84453 ? 152 ASN A CG  1 
ATOM   934  O OD1 . ASN A 1 128 ? -5.10019  -7.87522  3.07100   1.000 15.36775 ? 152 ASN A OD1 1 
ATOM   935  N ND2 . ASN A 1 128 ? -3.86067  -8.87742  4.66748   1.000 15.90750 ? 152 ASN A ND2 1 
ATOM   936  N N   . ILE A 1 129 ? -3.88116  -3.22683  4.68300   1.000 11.21414 ? 153 ILE A N   1 
ATOM   937  C CA  . ILE A 1 129 ? -3.68613  -1.93733  5.31712   1.000 10.94324 ? 153 ILE A CA  1 
ATOM   938  C C   . ILE A 1 129 ? -5.05332  -1.44896  5.77384   1.000 11.57048 ? 153 ILE A C   1 
ATOM   939  O O   . ILE A 1 129 ? -5.97704  -1.31345  4.95036   1.000 13.03182 ? 153 ILE A O   1 
ATOM   940  C CB  . ILE A 1 129 ? -3.07512  -0.94349  4.32459   1.000 11.85130 ? 153 ILE A CB  1 
ATOM   941  C CG1 . ILE A 1 129 ? -1.74274  -1.47395  3.83926   1.000 11.73034 ? 153 ILE A CG1 1 
ATOM   942  C CG2 . ILE A 1 129 ? -2.91992  0.44767   4.95358   1.000 15.64655 ? 153 ILE A CG2 1 
ATOM   943  C CD1 . ILE A 1 129 ? -1.27020  -0.80456  2.61546   1.000 14.77623 ? 153 ILE A CD1 1 
ATOM   944  N N   . ASN A 1 130 ? -5.19396  -1.16169  7.06323   1.000 12.81233 ? 154 ASN A N   1 
ATOM   945  C CA  . ASN A 1 130 ? -6.42501  -0.58962  7.60565   1.000 13.00530 ? 154 ASN A CA  1 
ATOM   946  C C   . ASN A 1 130 ? -6.13926  0.81549   8.09347   1.000 13.02834 ? 154 ASN A C   1 
ATOM   947  O O   . ASN A 1 130 ? -5.26237  1.01271   8.94906   1.000 15.26898 ? 154 ASN A O   1 
ATOM   948  C CB  . ASN A 1 130 ? -6.95301  -1.41176  8.78168   1.000 15.87613 ? 154 ASN A CB  1 
ATOM   949  C CG  . ASN A 1 130 ? -7.43918  -2.77311  8.37504   1.000 20.26529 ? 154 ASN A CG  1 
ATOM   950  O OD1 . ASN A 1 130 ? -7.99822  -2.95395  7.28769   1.000 20.70379 ? 154 ASN A OD1 1 
ATOM   951  N ND2 . ASN A 1 130 ? -7.22750  -3.75371  9.24627   1.000 24.40866 ? 154 ASN A ND2 1 
ATOM   952  N N   . PHE A 1 131 ? -6.81511  1.78858   7.53063   1.000 12.76699 ? 155 PHE A N   1 
ATOM   953  C CA  . PHE A 1 131 ? -6.74884  3.16241   7.99135   1.000 12.07245 ? 155 PHE A CA  1 
ATOM   954  C C   . PHE A 1 131 ? -7.89524  3.34845   8.96750   1.000 12.71736 ? 155 PHE A C   1 
ATOM   955  O O   . PHE A 1 131 ? -9.04708  3.49756   8.55944   1.000 13.22609 ? 155 PHE A O   1 
ATOM   956  C CB  . PHE A 1 131 ? -6.90738  4.10440   6.80579   1.000 11.75295 ? 155 PHE A CB  1 
ATOM   957  C CG  . PHE A 1 131 ? -5.74932  4.04521   5.81576   1.000 11.21774 ? 155 PHE A CG  1 
ATOM   958  C CD1 . PHE A 1 131 ? -4.54487  4.68278   6.11177   1.000 13.21092 ? 155 PHE A CD1 1 
ATOM   959  C CD2 . PHE A 1 131 ? -5.83517  3.36068   4.61775   1.000 12.53119 ? 155 PHE A CD2 1 
ATOM   960  C CE1 . PHE A 1 131 ? -3.47024  4.66116   5.22489   1.000 14.22859 ? 155 PHE A CE1 1 
ATOM   961  C CE2 . PHE A 1 131 ? -4.76804  3.35306   3.72831   1.000 12.06586 ? 155 PHE A CE2 1 
ATOM   962  C CZ  . PHE A 1 131 ? -3.58418  4.00542   4.02931   1.000 11.28368 ? 155 PHE A CZ  1 
ATOM   963  N N   . LYS A 1 132 ? -7.58957  3.31993   10.25500  1.000 12.48425 ? 156 LYS A N   1 
ATOM   964  C CA  . LYS A 1 132 ? -8.59901  3.44141   11.30983  1.000 14.42532 ? 156 LYS A CA  1 
ATOM   965  C C   . LYS A 1 132 ? -8.65222  4.90334   11.73791  1.000 16.64859 ? 156 LYS A C   1 
ATOM   966  O O   . LYS A 1 132 ? -7.84672  5.36067   12.56190  1.000 18.06565 ? 156 LYS A O   1 
ATOM   967  C CB  . LYS A 1 132 ? -8.28760  2.50427   12.46735  1.000 16.27006 ? 156 LYS A CB  1 
ATOM   968  C CG  . LYS A 1 132 ? -8.37599  1.05523   12.08128  1.000 18.97159 ? 156 LYS A CG  1 
ATOM   969  C CD  . LYS A 1 132 ? -8.18855  0.14862   13.27552  1.000 28.06977 ? 156 LYS A CD  1 
ATOM   970  C CE  . LYS A 1 132 ? -8.30041  -1.30103  12.86644  1.000 26.52354 ? 156 LYS A CE  1 
ATOM   971  N NZ  . LYS A 1 132 ? -7.97811  -2.21299  13.99953  1.000 36.08507 ? 156 LYS A NZ  1 
ATOM   972  N N   . TYR A 1 133 ? -9.59290  5.63755   11.16013  1.000 15.75519 ? 157 TYR A N   1 
ATOM   973  C CA  . TYR A 1 133 ? -9.77301  7.05803   11.41952  1.000 16.06973 ? 157 TYR A CA  1 
ATOM   974  C C   . TYR A 1 133 ? -10.66044 7.24968   12.64864  1.000 18.73972 ? 157 TYR A C   1 
ATOM   975  O O   . TYR A 1 133 ? -11.78489 6.73498   12.69514  1.000 19.08326 ? 157 TYR A O   1 
ATOM   976  C CB  . TYR A 1 133 ? -10.45688 7.69143   10.21836  1.000 17.79066 ? 157 TYR A CB  1 
ATOM   977  C CG  . TYR A 1 133 ? -10.82640 9.14236   10.34265  1.000 17.17247 ? 157 TYR A CG  1 
ATOM   978  C CD1 . TYR A 1 133 ? -9.85235  10.12697  10.41055  1.000 19.02733 ? 157 TYR A CD1 1 
ATOM   979  C CD2 . TYR A 1 133 ? -12.17643 9.53479   10.36077  1.000 19.15873 ? 157 TYR A CD2 1 
ATOM   980  C CE1 . TYR A 1 133 ? -10.19330 11.47025  10.48131  1.000 20.73338 ? 157 TYR A CE1 1 
ATOM   981  C CE2 . TYR A 1 133 ? -12.52868 10.86580  10.43448  1.000 19.73752 ? 157 TYR A CE2 1 
ATOM   982  C CZ  . TYR A 1 133 ? -11.54761 11.82947  10.49874  1.000 22.08251 ? 157 TYR A CZ  1 
ATOM   983  O OH  . TYR A 1 133 ? -11.92983 13.14829  10.56042  1.000 23.11949 ? 157 TYR A OH  1 
ATOM   984  N N   . LYS A 1 134 ? -10.15565 7.99401   13.63328  1.000 19.32350 ? 158 LYS A N   1 
ATOM   985  C CA  . LYS A 1 134 ? -10.91803 8.35211   14.84179  1.000 19.37785 ? 158 LYS A CA  1 
ATOM   986  C C   . LYS A 1 134 ? -11.58958 7.13335   15.46664  1.000 21.63893 ? 158 LYS A C   1 
ATOM   987  O O   . LYS A 1 134 ? -12.79218 7.12740   15.75748  1.000 23.82078 ? 158 LYS A O   1 
ATOM   988  C CB  . LYS A 1 134 ? -11.91552 9.48058   14.56881  1.000 20.93777 ? 158 LYS A CB  1 
ATOM   989  C CG  . LYS A 1 134 ? -11.26723 10.78201  14.17600  1.000 20.32308 ? 158 LYS A CG  1 
ATOM   990  C CD  . LYS A 1 134 ? -12.26381 11.92678  14.02422  1.000 21.94471 ? 158 LYS A CD  1 
ATOM   991  C CE  . LYS A 1 134 ? -11.54920 13.23220  13.70191  1.000 23.69952 ? 158 LYS A CE  1 
ATOM   992  N NZ  . LYS A 1 134 ? -12.43798 14.37631  13.38757  1.000 28.19079 ? 158 LYS A NZ  1 
ATOM   993  N N   . GLY A 1 135 ? -10.80428 6.08480   15.66210  1.000 22.48274 ? 159 GLY A N   1 
ATOM   994  C CA  . GLY A 1 135 ? -11.25380 4.87247   16.29628  1.000 25.89233 ? 159 GLY A CA  1 
ATOM   995  C C   . GLY A 1 135 ? -11.66169 3.77807   15.33799  1.000 24.51602 ? 159 GLY A C   1 
ATOM   996  O O   . GLY A 1 135 ? -11.75432 2.62000   15.74987  1.000 29.04454 ? 159 GLY A O   1 
ATOM   997  N N   . GLY A 1 136 ? -11.90188 4.11174   14.07057  1.000 23.31712 ? 160 GLY A N   1 
ATOM   998  C CA  . GLY A 1 136 ? -12.25300 3.11717   13.08577  1.000 21.42422 ? 160 GLY A CA  1 
ATOM   999  C C   . GLY A 1 136 ? -13.73014 2.85690   12.95991  1.000 23.42768 ? 160 GLY A C   1 
ATOM   1000 O O   . GLY A 1 136 ? -14.12356 2.03969   12.11876  1.000 25.17312 ? 160 GLY A O   1 
ATOM   1001 N N   . GLY A 1 137 ? -14.55564 3.53552   13.75313  1.000 25.59965 ? 161 GLY A N   1 
ATOM   1002 C CA  . GLY A 1 137 ? -15.99999 3.42013   13.64368  1.000 30.41331 ? 161 GLY A CA  1 
ATOM   1003 C C   . GLY A 1 137 ? -16.58717 2.43084   14.62866  1.000 40.10923 ? 161 GLY A C   1 
ATOM   1004 O O   . GLY A 1 137 ? -16.03097 1.35364   14.83886  1.000 41.47901 ? 161 GLY A O   1 
HETATM 1005 O O   . HOH B 2 .   ? 16.05967  -2.40324  -9.54247  1.000 25.52756 ? 201 HOH A O   1 
HETATM 1006 O O   . HOH B 2 .   ? -16.57545 10.00999  1.54588   1.000 27.25428 ? 202 HOH A O   1 
HETATM 1007 O O   . HOH B 2 .   ? -5.92579  -1.64631  15.67925  1.000 37.84289 ? 203 HOH A O   1 
HETATM 1008 O O   . HOH B 2 .   ? -7.64710  -5.47516  2.64558   1.000 43.60398 ? 204 HOH A O   1 
HETATM 1009 O O   . HOH B 2 .   ? 6.34806   8.48577   1.29478   1.000 45.26467 ? 205 HOH A O   1 
HETATM 1010 O O   . HOH B 2 .   ? -4.55008  -13.54643 -7.95302  1.000 41.49080 ? 206 HOH A O   1 
HETATM 1011 O O   . HOH B 2 .   ? -2.58919  16.57709  5.15735   1.000 37.45128 ? 207 HOH A O   1 
HETATM 1012 O O   . HOH B 2 .   ? -10.06325 -3.49824  0.99909   1.000 35.98021 ? 208 HOH A O   1 
HETATM 1013 O O   . HOH B 2 .   ? 16.96083  -3.44841  8.46819   1.000 32.01484 ? 209 HOH A O   1 
HETATM 1014 O O   . HOH B 2 .   ? 12.50765  3.62080   -8.33335  1.000 18.10073 ? 210 HOH A O   1 
HETATM 1015 O O   . HOH B 2 .   ? -5.02480  -10.87832 -5.36389  1.000 28.71029 ? 211 HOH A O   1 
HETATM 1016 O O   . HOH B 2 .   ? -3.78755  -11.32036 3.02468   1.000 30.48572 ? 212 HOH A O   1 
HETATM 1017 O O   . HOH B 2 .   ? -2.01276  4.33966   17.00214  1.000 23.15343 ? 213 HOH A O   1 
HETATM 1018 O O   . HOH B 2 .   ? -13.15380 7.72974   -4.98985  1.000 25.74854 ? 214 HOH A O   1 
HETATM 1019 O O   . HOH B 2 .   ? 5.28985   8.53025   -0.96702  1.000 33.98073 ? 215 HOH A O   1 
HETATM 1020 O O   . HOH B 2 .   ? 14.36674  3.35247   -5.11359  1.000 22.97586 ? 216 HOH A O   1 
HETATM 1021 O O   . HOH B 2 .   ? 10.40126  0.90567   12.90814  1.000 27.58914 ? 217 HOH A O   1 
HETATM 1022 O O   . HOH B 2 .   ? -10.57212 12.38336  -1.20339  1.000 28.98516 ? 218 HOH A O   1 
HETATM 1023 O O   . HOH B 2 .   ? 18.84522  -9.15299  -2.58016  1.000 27.78712 ? 219 HOH A O   1 
HETATM 1024 O O   . HOH B 2 .   ? -15.55061 8.87742   9.12626   1.000 23.80574 ? 220 HOH A O   1 
HETATM 1025 O O   . HOH B 2 .   ? -14.81025 5.39827   15.86651  1.000 30.41421 ? 221 HOH A O   1 
HETATM 1026 O O   . HOH B 2 .   ? 0.01339   -12.50805 8.38544   1.000 23.75844 ? 222 HOH A O   1 
HETATM 1027 O O   . HOH B 2 .   ? 8.57434   3.95238   -5.11274  1.000 16.64253 ? 223 HOH A O   1 
HETATM 1028 O O   . HOH B 2 .   ? 9.55942   3.33632   3.02394   1.000 36.46600 ? 224 HOH A O   1 
HETATM 1029 O O   . HOH B 2 .   ? -7.35026  8.10532   13.95443  1.000 24.01171 ? 225 HOH A O   1 
HETATM 1030 O O   . HOH B 2 .   ? 1.54065   -1.44982  -15.12774 1.000 34.73773 ? 226 HOH A O   1 
HETATM 1031 O O   . HOH B 2 .   ? 2.84756   5.78885   7.99256   1.000 25.03174 ? 227 HOH A O   1 
HETATM 1032 O O   . HOH B 2 .   ? -11.56466 3.75022   -6.61073  1.000 20.54377 ? 228 HOH A O   1 
HETATM 1033 O O   . HOH B 2 .   ? 16.68887  1.34215   -3.30647  1.000 29.58552 ? 229 HOH A O   1 
HETATM 1034 O O   . HOH B 2 .   ? -0.94725  8.63010   8.45027   1.000 16.73885 ? 230 HOH A O   1 
HETATM 1035 O O   . HOH B 2 .   ? 4.71945   -16.05238 -8.23444  1.000 31.99762 ? 231 HOH A O   1 
HETATM 1036 O O   . HOH B 2 .   ? 8.61208   -11.19069 -12.92754 1.000 28.89652 ? 232 HOH A O   1 
HETATM 1037 O O   . HOH B 2 .   ? 1.17347   -12.87446 -1.27760  1.000 24.42613 ? 233 HOH A O   1 
HETATM 1038 O O   . HOH B 2 .   ? -4.12357  -9.60102  -3.10376  1.000 17.24469 ? 234 HOH A O   1 
HETATM 1039 O O   . HOH B 2 .   ? -3.08047  5.54641   -7.18148  1.000 11.55569 ? 235 HOH A O   1 
HETATM 1040 O O   . HOH B 2 .   ? -3.27866  -10.48176 8.66190   1.000 31.65466 ? 236 HOH A O   1 
HETATM 1041 O O   . HOH B 2 .   ? -1.64685  1.74030   -14.06040 1.000 25.15189 ? 237 HOH A O   1 
HETATM 1042 O O   . HOH B 2 .   ? -13.81408 15.29243  15.57441  1.000 36.43418 ? 238 HOH A O   1 
HETATM 1043 O O   . HOH B 2 .   ? 11.98222  -14.36864 3.31681   1.000 26.20856 ? 239 HOH A O   1 
HETATM 1044 O O   . HOH B 2 .   ? -8.19069  5.24186   15.28892  1.000 25.23451 ? 240 HOH A O   1 
HETATM 1045 O O   . HOH B 2 .   ? 7.67543   6.96406   -14.68150 1.000 22.94978 ? 241 HOH A O   1 
HETATM 1046 O O   . HOH B 2 .   ? -7.48156  9.68111   -11.37189 1.000 25.18181 ? 242 HOH A O   1 
HETATM 1047 O O   . HOH B 2 .   ? 7.85530   2.23538   6.89440   1.000 15.89475 ? 243 HOH A O   1 
HETATM 1048 O O   . HOH B 2 .   ? -14.76673 -5.20748  -0.46377  1.000 47.87140 ? 244 HOH A O   1 
HETATM 1049 O O   . HOH B 2 .   ? -10.67947 16.26287  12.36565  1.000 33.22409 ? 245 HOH A O   1 
HETATM 1050 O O   . HOH B 2 .   ? 17.66689  -4.63293  -15.96045 1.000 31.97267 ? 246 HOH A O   1 
HETATM 1051 O O   . HOH B 2 .   ? -14.98556 10.76577  6.74840   1.000 22.40545 ? 247 HOH A O   1 
HETATM 1052 O O   . HOH B 2 .   ? 13.96913  -6.05163  9.56003   1.000 15.32595 ? 248 HOH A O   1 
HETATM 1053 O O   . HOH B 2 .   ? 13.00785  -12.90074 -5.97224  1.000 30.29450 ? 249 HOH A O   1 
HETATM 1054 O O   . HOH B 2 .   ? 11.83463  -10.57909 -13.33079 1.000 24.21887 ? 250 HOH A O   1 
HETATM 1055 O O   . HOH B 2 .   ? 0.21224   8.69874   -5.96072  1.000 18.01883 ? 251 HOH A O   1 
HETATM 1056 O O   . HOH B 2 .   ? 11.19034  0.40508   6.07772   1.000 33.32458 ? 252 HOH A O   1 
HETATM 1057 O O   . HOH B 2 .   ? -13.58347 1.64519   -3.10927  0.50  19.85286 ? 253 HOH A O   1 
HETATM 1058 O O   . HOH B 2 .   ? 3.55698   -8.68182  4.09898   1.000 14.38307 ? 254 HOH A O   1 
HETATM 1059 O O   . HOH B 2 .   ? -8.64054  6.35576   -11.20862 1.000 22.92533 ? 255 HOH A O   1 
HETATM 1060 O O   . HOH B 2 .   ? 1.17543   9.05743   -12.58172 1.000 28.46959 ? 256 HOH A O   1 
HETATM 1061 O O   . HOH B 2 .   ? 8.14356   -13.82143 -2.38361  1.000 22.89372 ? 257 HOH A O   1 
HETATM 1062 O O   . HOH B 2 .   ? 15.77862  -14.63806 2.13687   1.000 23.61301 ? 258 HOH A O   1 
HETATM 1063 O O   . HOH B 2 .   ? -1.55231  23.10579  6.93210   1.000 41.41536 ? 259 HOH A O   1 
HETATM 1064 O O   . HOH B 2 .   ? -6.81484  -8.23126  7.22973   1.000 35.85035 ? 260 HOH A O   1 
HETATM 1065 O O   . HOH B 2 .   ? -9.03248  1.32252   -9.23516  1.000 29.68302 ? 261 HOH A O   1 
HETATM 1066 O O   . HOH B 2 .   ? -5.76581  -3.65667  -9.22407  1.000 23.05483 ? 262 HOH A O   1 
HETATM 1067 O O   . HOH B 2 .   ? -11.78705 -1.41572  12.19234  1.000 33.73244 ? 263 HOH A O   1 
HETATM 1068 O O   . HOH B 2 .   ? 15.73978  -3.53633  11.51788  1.000 24.63596 ? 264 HOH A O   1 
HETATM 1069 O O   . HOH B 2 .   ? -14.30636 10.74638  -7.37270  1.000 29.72298 ? 265 HOH A O   1 
HETATM 1070 O O   . HOH B 2 .   ? 18.50863  -4.00143  -11.01387 1.000 26.55059 ? 266 HOH A O   1 
HETATM 1071 O O   . HOH B 2 .   ? 1.58105   6.92829   -15.84718 1.000 35.72552 ? 267 HOH A O   1 
HETATM 1072 O O   . HOH B 2 .   ? -2.58925  -5.41333  12.87222  1.000 33.72137 ? 268 HOH A O   1 
HETATM 1073 O O   . HOH B 2 .   ? 5.01409   4.43701   -16.12008 1.000 29.65499 ? 269 HOH A O   1 
HETATM 1074 O O   . HOH B 2 .   ? 6.15202   -9.51094  3.56596   1.000 12.98777 ? 270 HOH A O   1 
HETATM 1075 O O   . HOH B 2 .   ? 1.09031   7.53020   -1.65008  1.000 15.80738 ? 271 HOH A O   1 
HETATM 1076 O O   . HOH B 2 .   ? -10.54853 -4.20665  7.71431   1.000 35.07130 ? 272 HOH A O   1 
HETATM 1077 O O   . HOH B 2 .   ? -2.05061  11.23101  -7.31454  1.000 27.94910 ? 273 HOH A O   1 
HETATM 1078 O O   . HOH B 2 .   ? 10.24878  -10.50877 -15.69548 1.000 34.70025 ? 274 HOH A O   1 
HETATM 1079 O O   . HOH B 2 .   ? -6.97243  1.27332   -11.60064 1.000 28.56167 ? 275 HOH A O   1 
HETATM 1080 O O   . HOH B 2 .   ? 7.32768   -1.98634  12.32752  1.000 26.27684 ? 276 HOH A O   1 
HETATM 1081 O O   . HOH B 2 .   ? 9.23964   -0.42774  13.49781  1.000 22.41558 ? 277 HOH A O   1 
HETATM 1082 O O   . HOH B 2 .   ? -1.48013  7.16259   -13.00594 1.000 19.41153 ? 278 HOH A O   1 
HETATM 1083 O O   . HOH B 2 .   ? -2.90368  17.97190  10.76777  1.000 30.92479 ? 279 HOH A O   1 
HETATM 1084 O O   . HOH B 2 .   ? -0.66095  -2.70415  12.93788  1.000 29.26388 ? 280 HOH A O   1 
HETATM 1085 O O   . HOH B 2 .   ? -0.48214  5.72428   12.08837  1.000 20.84932 ? 281 HOH A O   1 
HETATM 1086 O O   . HOH B 2 .   ? 4.78533   -0.38762  -16.55653 1.000 20.15444 ? 282 HOH A O   1 
HETATM 1087 O O   . HOH B 2 .   ? 6.42372   -11.91385 1.88215   1.000 22.98868 ? 283 HOH A O   1 
HETATM 1088 O O   . HOH B 2 .   ? 19.03244  -11.28984 1.32423   1.000 36.44854 ? 284 HOH A O   1 
HETATM 1089 O O   . HOH B 2 .   ? 3.45268   2.79368   7.56517   1.000 19.95483 ? 285 HOH A O   1 
HETATM 1090 O O   . HOH B 2 .   ? -7.17757  -4.42280  4.85672   1.000 18.99133 ? 286 HOH A O   1 
HETATM 1091 O O   . HOH B 2 .   ? -18.07771 14.09976  6.74486   1.000 35.99033 ? 287 HOH A O   1 
HETATM 1092 O O   . HOH B 2 .   ? -17.07362 6.72730   15.58030  1.000 34.69941 ? 288 HOH A O   1 
HETATM 1093 O O   . HOH B 2 .   ? -5.20382  10.13584  -1.57325  1.000 19.85791 ? 289 HOH A O   1 
HETATM 1094 O O   . HOH B 2 .   ? -15.94288 1.94007   8.36411   1.000 27.82926 ? 290 HOH A O   1 
HETATM 1095 O O   . HOH B 2 .   ? 15.57928  -5.84809  7.56850   1.000 21.77969 ? 291 HOH A O   1 
HETATM 1096 O O   . HOH B 2 .   ? 14.73164  -13.21674 -8.35794  1.000 30.02280 ? 292 HOH A O   1 
HETATM 1097 O O   . HOH B 2 .   ? -5.47122  -10.46336 1.57524   1.000 34.39122 ? 293 HOH A O   1 
HETATM 1098 O O   . HOH B 2 .   ? 4.20104   10.76439  -10.88586 1.000 31.82969 ? 294 HOH A O   1 
HETATM 1099 O O   . HOH B 2 .   ? -18.57404 -0.32044  14.99861  1.000 44.86761 ? 295 HOH A O   1 
HETATM 1100 O O   . HOH B 2 .   ? -19.52920 14.63204  10.92846  1.000 35.80017 ? 296 HOH A O   1 
HETATM 1101 O O   . HOH B 2 .   ? -12.28591 13.71762  0.21336   1.000 29.69200 ? 297 HOH A O   1 
HETATM 1102 O O   . HOH B 2 .   ? -0.82255  12.25275  6.56156   1.000 33.71071 ? 298 HOH A O   1 
HETATM 1103 O O   . HOH B 2 .   ? 18.64462  -8.34693  -6.53989  1.000 30.34896 ? 299 HOH A O   1 
HETATM 1104 O O   . HOH B 2 .   ? -8.61836  -6.49956  8.95569   1.000 38.56475 ? 300 HOH A O   1 
HETATM 1105 O O   . HOH B 2 .   ? -11.54767 7.48131   -9.85902  0.50  21.19023 ? 301 HOH A O   1 
HETATM 1106 O O   . HOH B 2 .   ? -0.49086  -9.55590  10.81850  1.000 32.49122 ? 302 HOH A O   1 
HETATM 1107 O O   . HOH B 2 .   ? 16.87280  -4.11209  -8.78202  1.000 27.00905 ? 303 HOH A O   1 
HETATM 1108 O O   . HOH B 2 .   ? 0.43709   -16.06307 5.52353   1.000 32.27918 ? 304 HOH A O   1 
HETATM 1109 O O   . HOH B 2 .   ? -3.90872  12.11463  14.14481  1.000 27.19132 ? 305 HOH A O   1 
HETATM 1110 O O   . HOH B 2 .   ? -18.09158 7.97292   8.90461   1.000 30.58755 ? 306 HOH A O   1 
HETATM 1111 O O   . HOH B 2 .   ? -18.48076 13.50031  -5.84379  1.000 30.60889 ? 307 HOH A O   1 
HETATM 1112 O O   . HOH B 2 .   ? 1.05917   7.09666   9.73954   1.000 23.01355 ? 308 HOH A O   1 
HETATM 1113 O O   . HOH B 2 .   ? 17.44698  -7.81386  1.60066   1.000 28.44860 ? 309 HOH A O   1 
HETATM 1114 O O   . HOH B 2 .   ? 6.75151   5.57700   -2.23211  1.000 27.08079 ? 310 HOH A O   1 
HETATM 1115 O O   . HOH B 2 .   ? 16.59889  -2.72286  13.97461  1.000 29.86799 ? 311 HOH A O   1 
HETATM 1116 O O   . HOH B 2 .   ? 7.01597   6.25262   -6.29682  1.000 25.57378 ? 312 HOH A O   1 
HETATM 1117 O O   . HOH B 2 .   ? -5.16222  -11.11783 -1.06458  1.000 27.16552 ? 313 HOH A O   1 
HETATM 1118 O O   . HOH B 2 .   ? -9.65174  12.81932  -6.82235  1.000 37.34724 ? 314 HOH A O   1 
HETATM 1119 O O   . HOH B 2 .   ? 0.63592   10.41143  -3.98209  1.000 29.07934 ? 315 HOH A O   1 
HETATM 1120 O O   . HOH B 2 .   ? -5.47738  10.90918  -4.40234  1.000 34.33660 ? 316 HOH A O   1 
HETATM 1121 O O   . HOH B 2 .   ? -3.22712  11.99684  -1.50368  1.000 33.61007 ? 317 HOH A O   1 
HETATM 1122 O O   . HOH B 2 .   ? 14.98916  -6.04895  4.82308   1.000 29.11647 ? 318 HOH A O   1 
HETATM 1123 O O   . HOH B 2 .   ? 20.69381  -6.84782  -7.53339  1.000 37.05782 ? 319 HOH A O   1 
HETATM 1124 O O   . HOH B 2 .   ? 9.79851   2.09958   5.08149   1.000 24.55136 ? 320 HOH A O   1 
HETATM 1125 O O   . HOH B 2 .   ? -7.96816  2.47609   16.39758  1.000 34.43190 ? 321 HOH A O   1 
HETATM 1126 O O   . HOH B 2 .   ? 10.88280  5.58753   -4.95593  1.000 20.57099 ? 322 HOH A O   1 
HETATM 1127 O O   . HOH B 2 .   ? 7.37405   -13.67075 3.66663   1.000 31.02625 ? 323 HOH A O   1 
HETATM 1128 O O   . HOH B 2 .   ? 1.02281   5.87950   14.17064  1.000 28.15341 ? 324 HOH A O   1 
HETATM 1129 O O   . HOH B 2 .   ? 20.86870  -13.92905 -13.27179 1.000 41.36635 ? 325 HOH A O   1 
HETATM 1130 O O   . HOH B 2 .   ? -18.00089 11.07142  2.99410   1.000 29.77401 ? 326 HOH A O   1 
HETATM 1131 O O   . HOH B 2 .   ? 13.50317  5.33696   -4.37548  1.000 30.03965 ? 327 HOH A O   1 
HETATM 1132 O O   . HOH B 2 .   ? 0.08478   10.97353  8.39806   1.000 36.74256 ? 328 HOH A O   1 
HETATM 1133 O O   . HOH B 2 .   ? -1.39704  12.06010  -3.00611  1.000 32.13944 ? 329 HOH A O   1 
HETATM 1134 O O   . HOH B 2 .   ? -5.56669  -9.82621  -7.88592  1.000 38.18640 ? 330 HOH A O   1 
HETATM 1135 O O   . HOH B 2 .   ? 15.09514  4.04562   -2.50203  1.000 32.23244 ? 331 HOH A O   1 
HETATM 1136 O O   . HOH B 2 .   ? 7.73051   7.02206   0.18308   1.000 42.56868 ? 332 HOH A O   1 
HETATM 1137 O O   . HOH B 2 .   ? -17.49132 11.44865  5.83602   1.000 31.09011 ? 333 HOH A O   1 
HETATM 1138 O O   . HOH B 2 .   ? -19.60112 9.50553   7.00475   1.000 35.24785 ? 334 HOH A O   1 
HETATM 1139 O O   . HOH B 2 .   ? -7.79580  13.12812  -5.42207  1.000 62.09050 ? 335 HOH A O   1 
HETATM 1140 O O   . HOH B 2 .   ? 0.98051   11.87174  10.96319  1.000 34.33277 ? 336 HOH A O   1 
HETATM 1141 O O   . HOH B 2 .   ? -3.40047  12.10982  -5.11172  1.000 29.96944 ? 337 HOH A O   1 
HETATM 1142 O O   . HOH B 2 .   ? 0.57001   4.66440   -16.41803 1.000 38.66869 ? 338 HOH A O   1 
HETATM 1143 O O   . HOH B 2 .   ? 11.90356  -12.98890 -12.50678 1.000 33.12040 ? 339 HOH A O   1 
HETATM 1144 O O   . HOH B 2 .   ? -1.71486  3.98901   -15.39535 1.000 31.63981 ? 340 HOH A O   1 
HETATM 1145 O O   . HOH B 2 .   ? 7.55328   7.52066   -3.82020  1.000 36.05125 ? 341 HOH A O   1 
HETATM 1146 O O   . HOH B 2 .   ? 3.15181   2.14295   10.26181  1.000 27.21615 ? 342 HOH A O   1 
HETATM 1147 O O   . HOH B 2 .   ? -3.34830  6.60077   -15.01140 1.000 35.89394 ? 343 HOH A O   1 
HETATM 1148 O O   . HOH B 2 .   ? 10.17353  7.43840   -0.34613  1.000 31.92593 ? 344 HOH A O   1 
HETATM 1149 O O   . HOH B 2 .   ? 10.08041  7.23906   -3.41571  1.000 32.68906 ? 345 HOH A O   1 
# 
